data_8RO4
#
_entry.id   8RO4
#
_cell.length_a   82.320
_cell.length_b   165.550
_cell.length_c   93.380
_cell.angle_alpha   90.000
_cell.angle_beta   113.340
_cell.angle_gamma   90.000
#
_symmetry.space_group_name_H-M   'P 1 21 1'
#
loop_
_entity.id
_entity.type
_entity.pdbx_description
1 polymer '2-hydroxy-3-keto-glucal hydratase'
2 non-polymer 'MANGANESE (II) ION'
3 water water
#
_entity_poly.entity_id   1
_entity_poly.type   'polypeptide(L)'
_entity_poly.pdbx_seq_one_letter_code
;MKTIKGPAIFLAQFVGDKAPFDTLDNLGQWAASLGYKGIQVPTDPKLFDLEKAAASKAYCDDIKGRLAETGIEITELSTH
IQGQLVSVHPAYDEMFDGFAPAELRGRPQARQEWAVNQLKCAAKASQHLGLKSHASFSGALAWPFIYPWPQRPAGLVEMA
FAELGKRWTPILDTFEENGVDLCYELHPGEDLHDGITFERFLEATGNHSRANILYDPSHFVLQAMDYLDFIDIYHERIRA
FHVKDAEFNPTGRSGVYGGYQGWVDRPGRFRSLGDGHVDFGAVFSKLTQYDFEGWAVLEWECALKHPEDGAREGAGFIEN
HIIRVTERAFDDFAKSGTDDAANRRLLGL
;
_entity_poly.pdbx_strand_id   A,C,D,B,E,F
#
# COMPACT_ATOMS: atom_id res chain seq x y z
N MET A 1 6.25 -24.76 -23.31
CA MET A 1 7.03 -23.58 -22.96
C MET A 1 8.52 -23.85 -23.13
N LYS A 2 9.36 -22.90 -22.69
CA LYS A 2 10.80 -22.99 -22.93
C LYS A 2 11.58 -22.52 -21.71
N THR A 3 12.68 -23.22 -21.43
CA THR A 3 13.60 -22.83 -20.38
C THR A 3 14.53 -21.75 -20.89
N ILE A 4 14.61 -20.63 -20.16
CA ILE A 4 15.46 -19.52 -20.58
C ILE A 4 16.92 -19.93 -20.50
N LYS A 5 17.66 -19.63 -21.57
CA LYS A 5 19.09 -19.95 -21.63
C LYS A 5 19.89 -18.92 -20.84
N GLY A 6 20.98 -19.40 -20.23
CA GLY A 6 21.84 -18.55 -19.43
C GLY A 6 22.63 -19.35 -18.41
N PRO A 7 23.44 -18.66 -17.60
CA PRO A 7 23.63 -17.20 -17.53
C PRO A 7 24.64 -16.68 -18.55
N ALA A 8 24.44 -15.44 -19.03
CA ALA A 8 25.35 -14.77 -19.94
C ALA A 8 25.69 -13.39 -19.37
N ILE A 9 26.68 -12.73 -19.97
CA ILE A 9 27.16 -11.45 -19.45
C ILE A 9 27.50 -10.52 -20.61
N PHE A 10 27.15 -9.25 -20.45
CA PHE A 10 27.45 -8.20 -21.42
C PHE A 10 28.80 -7.58 -21.07
N LEU A 11 29.74 -7.63 -22.02
CA LEU A 11 31.13 -7.26 -21.75
C LEU A 11 31.40 -5.76 -21.83
N ALA A 12 30.44 -4.95 -22.24
CA ALA A 12 30.71 -3.53 -22.50
C ALA A 12 31.20 -2.83 -21.24
N GLN A 13 30.65 -3.17 -20.08
CA GLN A 13 31.01 -2.51 -18.83
C GLN A 13 32.32 -3.01 -18.24
N PHE A 14 32.96 -4.01 -18.85
CA PHE A 14 34.13 -4.63 -18.27
C PHE A 14 35.38 -4.53 -19.15
N VAL A 15 35.27 -3.94 -20.35
CA VAL A 15 36.44 -3.81 -21.21
C VAL A 15 37.39 -2.78 -20.63
N GLY A 16 38.68 -3.06 -20.75
CA GLY A 16 39.71 -2.15 -20.29
C GLY A 16 40.94 -2.24 -21.17
N ASP A 17 42.11 -1.88 -20.65
CA ASP A 17 43.33 -1.91 -21.44
C ASP A 17 44.33 -2.94 -20.94
N LYS A 18 44.11 -3.53 -19.78
CA LYS A 18 44.99 -4.51 -19.18
C LYS A 18 44.30 -5.87 -19.17
N ALA A 19 45.05 -6.89 -18.79
CA ALA A 19 44.50 -8.24 -18.75
C ALA A 19 43.65 -8.42 -17.49
N PRO A 20 42.60 -9.26 -17.56
CA PRO A 20 42.12 -10.00 -18.73
C PRO A 20 40.98 -9.27 -19.45
N PHE A 21 40.97 -7.93 -19.44
CA PHE A 21 39.86 -7.16 -19.98
C PHE A 21 40.24 -6.44 -21.27
N ASP A 22 41.23 -6.94 -21.99
CA ASP A 22 41.77 -6.29 -23.18
C ASP A 22 41.42 -6.99 -24.48
N THR A 23 41.45 -8.32 -24.53
CA THR A 23 41.14 -9.07 -25.73
C THR A 23 39.87 -9.89 -25.51
N LEU A 24 39.22 -10.25 -26.62
CA LEU A 24 38.02 -11.07 -26.56
C LEU A 24 38.32 -12.46 -26.00
N ASP A 25 39.49 -13.01 -26.32
CA ASP A 25 39.87 -14.32 -25.80
C ASP A 25 39.98 -14.28 -24.28
N ASN A 26 40.64 -13.24 -23.74
CA ASN A 26 40.82 -13.13 -22.31
C ASN A 26 39.50 -12.88 -21.60
N LEU A 27 38.65 -12.03 -22.17
CA LEU A 27 37.34 -11.78 -21.58
C LEU A 27 36.51 -13.05 -21.58
N GLY A 28 36.65 -13.87 -22.62
CA GLY A 28 35.92 -15.13 -22.66
C GLY A 28 36.36 -16.10 -21.58
N GLN A 29 37.67 -16.17 -21.32
CA GLN A 29 38.15 -17.03 -20.24
C GLN A 29 37.73 -16.49 -18.89
N TRP A 30 37.76 -15.16 -18.72
CA TRP A 30 37.34 -14.56 -17.46
C TRP A 30 35.86 -14.83 -17.19
N ALA A 31 35.01 -14.67 -18.21
CA ALA A 31 33.59 -14.93 -18.06
C ALA A 31 33.32 -16.40 -17.77
N ALA A 32 34.01 -17.30 -18.48
CA ALA A 32 33.79 -18.72 -18.27
C ALA A 32 34.25 -19.16 -16.89
N SER A 33 35.32 -18.54 -16.36
CA SER A 33 35.80 -18.89 -15.03
C SER A 33 34.81 -18.50 -13.95
N LEU A 34 33.94 -17.53 -14.21
CA LEU A 34 32.95 -17.09 -13.23
C LEU A 34 31.65 -17.88 -13.29
N GLY A 35 31.46 -18.71 -14.31
CA GLY A 35 30.27 -19.53 -14.43
C GLY A 35 29.34 -19.15 -15.55
N TYR A 36 29.70 -18.17 -16.38
CA TYR A 36 28.83 -17.76 -17.48
C TYR A 36 29.03 -18.67 -18.68
N LYS A 37 27.96 -18.80 -19.48
CA LYS A 37 27.98 -19.66 -20.65
C LYS A 37 27.81 -18.89 -21.96
N GLY A 38 27.54 -17.59 -21.89
CA GLY A 38 27.38 -16.78 -23.08
C GLY A 38 27.88 -15.38 -22.85
N ILE A 39 28.10 -14.66 -23.95
CA ILE A 39 28.56 -13.28 -23.89
C ILE A 39 27.83 -12.46 -24.95
N GLN A 40 27.51 -11.22 -24.61
CA GLN A 40 27.04 -10.24 -25.56
C GLN A 40 28.22 -9.35 -25.90
N VAL A 41 28.54 -9.24 -27.18
CA VAL A 41 29.81 -8.66 -27.60
C VAL A 41 29.54 -7.28 -28.16
N PRO A 42 30.15 -6.22 -27.61
CA PRO A 42 30.10 -4.91 -28.27
C PRO A 42 31.03 -4.87 -29.47
N THR A 43 30.59 -4.17 -30.52
CA THR A 43 31.30 -4.18 -31.79
C THR A 43 32.28 -3.00 -31.86
N ASP A 44 33.29 -3.08 -31.00
CA ASP A 44 34.40 -2.13 -31.03
C ASP A 44 35.49 -2.69 -31.93
N PRO A 45 35.97 -1.91 -32.91
CA PRO A 45 36.99 -2.42 -33.83
C PRO A 45 38.15 -3.13 -33.15
N LYS A 46 38.46 -2.79 -31.91
CA LYS A 46 39.49 -3.52 -31.16
C LYS A 46 39.05 -4.94 -30.89
N LEU A 47 37.84 -5.12 -30.34
CA LEU A 47 37.40 -6.45 -29.93
C LEU A 47 36.79 -7.24 -31.09
N PHE A 48 36.00 -6.58 -31.94
CA PHE A 48 35.31 -7.29 -33.01
C PHE A 48 35.11 -6.31 -34.17
N ASP A 49 35.79 -6.56 -35.29
CA ASP A 49 35.70 -5.69 -36.45
C ASP A 49 34.56 -6.18 -37.33
N LEU A 50 33.51 -5.35 -37.45
CA LEU A 50 32.34 -5.75 -38.22
C LEU A 50 32.62 -5.87 -39.70
N GLU A 51 33.56 -5.08 -40.24
CA GLU A 51 33.79 -5.07 -41.67
C GLU A 51 34.53 -6.30 -42.15
N LYS A 52 35.51 -6.79 -41.38
CA LYS A 52 36.14 -8.06 -41.74
C LYS A 52 35.19 -9.22 -41.51
N ALA A 53 34.36 -9.14 -40.47
CA ALA A 53 33.45 -10.23 -40.15
C ALA A 53 32.31 -10.32 -41.17
N ALA A 54 31.86 -9.18 -41.69
CA ALA A 54 30.84 -9.19 -42.72
C ALA A 54 31.37 -9.59 -44.08
N ALA A 55 32.69 -9.59 -44.28
CA ALA A 55 33.25 -9.89 -45.59
C ALA A 55 33.66 -11.34 -45.76
N SER A 56 34.18 -11.96 -44.71
CA SER A 56 34.63 -13.35 -44.76
C SER A 56 33.95 -14.12 -43.65
N LYS A 57 33.17 -15.15 -44.01
CA LYS A 57 32.64 -16.05 -42.99
C LYS A 57 33.77 -16.74 -42.24
N ALA A 58 34.92 -16.91 -42.88
CA ALA A 58 36.05 -17.56 -42.22
C ALA A 58 36.47 -16.79 -40.97
N TYR A 59 36.51 -15.46 -41.05
CA TYR A 59 36.83 -14.66 -39.87
C TYR A 59 35.90 -14.98 -38.70
N CYS A 60 34.60 -15.09 -38.98
CA CYS A 60 33.63 -15.43 -37.94
C CYS A 60 33.86 -16.85 -37.42
N ASP A 61 34.13 -17.80 -38.32
CA ASP A 61 34.35 -19.18 -37.89
C ASP A 61 35.53 -19.31 -36.93
N ASP A 62 36.56 -18.47 -37.09
CA ASP A 62 37.68 -18.50 -36.16
C ASP A 62 37.25 -18.06 -34.77
N ILE A 63 36.52 -16.93 -34.69
CA ILE A 63 36.10 -16.40 -33.39
C ILE A 63 35.19 -17.39 -32.67
N LYS A 64 34.22 -17.94 -33.40
CA LYS A 64 33.29 -18.91 -32.84
C LYS A 64 34.02 -20.13 -32.29
N GLY A 65 34.93 -20.70 -33.09
CA GLY A 65 35.65 -21.88 -32.65
C GLY A 65 36.56 -21.64 -31.48
N ARG A 66 37.28 -20.51 -31.49
CA ARG A 66 38.23 -20.22 -30.42
C ARG A 66 37.53 -19.95 -29.10
N LEU A 67 36.34 -19.36 -29.13
CA LEU A 67 35.58 -19.16 -27.90
C LEU A 67 35.01 -20.46 -27.38
N ALA A 68 34.61 -21.35 -28.29
CA ALA A 68 34.05 -22.64 -27.88
C ALA A 68 35.07 -23.52 -27.18
N GLU A 69 36.37 -23.31 -27.42
CA GLU A 69 37.38 -24.06 -26.69
C GLU A 69 37.36 -23.75 -25.21
N THR A 70 37.04 -22.51 -24.83
CA THR A 70 36.93 -22.15 -23.42
C THR A 70 35.58 -22.51 -22.83
N GLY A 71 34.58 -22.78 -23.65
CA GLY A 71 33.25 -23.07 -23.17
C GLY A 71 32.27 -21.92 -23.23
N ILE A 72 32.43 -21.00 -24.18
CA ILE A 72 31.64 -19.79 -24.25
C ILE A 72 31.03 -19.66 -25.64
N GLU A 73 29.84 -19.09 -25.70
CA GLU A 73 29.14 -18.85 -26.96
C GLU A 73 28.73 -17.39 -27.04
N ILE A 74 28.74 -16.84 -28.25
CA ILE A 74 28.27 -15.47 -28.46
C ILE A 74 26.74 -15.52 -28.49
N THR A 75 26.10 -14.82 -27.56
CA THR A 75 24.65 -14.77 -27.56
C THR A 75 24.13 -13.81 -28.63
N GLU A 76 24.56 -12.55 -28.56
CA GLU A 76 24.20 -11.55 -29.57
C GLU A 76 25.36 -10.58 -29.73
N LEU A 77 25.33 -9.83 -30.82
CA LEU A 77 26.21 -8.69 -31.00
C LEU A 77 25.47 -7.42 -30.59
N SER A 78 26.25 -6.41 -30.23
CA SER A 78 25.70 -5.15 -29.73
C SER A 78 26.18 -3.98 -30.58
N THR A 79 25.25 -3.14 -31.03
CA THR A 79 25.56 -1.89 -31.72
C THR A 79 24.80 -0.74 -31.06
N HIS A 80 24.84 -0.68 -29.74
CA HIS A 80 24.23 0.43 -29.02
C HIS A 80 24.84 1.77 -29.43
N ILE A 81 26.17 1.82 -29.51
CA ILE A 81 26.86 3.06 -29.89
C ILE A 81 26.49 3.47 -31.32
N GLN A 82 26.63 2.54 -32.27
CA GLN A 82 26.37 2.88 -33.67
C GLN A 82 24.91 3.22 -33.91
N GLY A 83 23.99 2.49 -33.26
CA GLY A 83 22.58 2.81 -33.41
C GLY A 83 22.24 4.20 -32.92
N GLN A 84 22.93 4.66 -31.87
CA GLN A 84 22.70 6.01 -31.36
C GLN A 84 23.05 7.06 -32.41
N LEU A 85 24.11 6.83 -33.17
CA LEU A 85 24.60 7.79 -34.16
C LEU A 85 23.75 7.81 -35.43
N VAL A 86 22.81 6.87 -35.57
CA VAL A 86 21.93 6.88 -36.73
C VAL A 86 20.99 8.08 -36.69
N SER A 87 20.69 8.57 -35.49
CA SER A 87 19.81 9.73 -35.35
C SER A 87 20.27 10.54 -34.15
N VAL A 88 20.82 11.72 -34.39
CA VAL A 88 21.39 12.56 -33.34
C VAL A 88 20.87 13.97 -33.49
N HIS A 89 20.40 14.56 -32.39
CA HIS A 89 20.00 15.96 -32.37
C HIS A 89 21.25 16.84 -32.25
N PRO A 90 21.27 17.99 -32.95
CA PRO A 90 22.49 18.83 -32.96
C PRO A 90 22.99 19.25 -31.59
N ALA A 91 22.11 19.41 -30.61
CA ALA A 91 22.54 19.82 -29.28
C ALA A 91 23.49 18.81 -28.65
N TYR A 92 23.46 17.56 -29.08
CA TYR A 92 24.31 16.51 -28.53
C TYR A 92 25.40 16.05 -29.51
N ASP A 93 25.59 16.76 -30.63
CA ASP A 93 26.51 16.29 -31.66
C ASP A 93 27.92 16.11 -31.11
N GLU A 94 28.40 17.08 -30.31
CA GLU A 94 29.75 17.00 -29.79
C GLU A 94 29.89 16.01 -28.64
N MET A 95 28.85 15.85 -27.81
CA MET A 95 28.94 14.89 -26.71
C MET A 95 29.06 13.46 -27.21
N PHE A 96 28.52 13.16 -28.38
CA PHE A 96 28.56 11.82 -28.94
C PHE A 96 29.75 11.59 -29.86
N ASP A 97 30.53 12.63 -30.16
CA ASP A 97 31.65 12.45 -31.09
C ASP A 97 32.70 11.52 -30.50
N GLY A 98 32.80 11.45 -29.17
CA GLY A 98 33.74 10.52 -28.57
C GLY A 98 33.42 9.07 -28.80
N PHE A 99 32.23 8.78 -29.32
CA PHE A 99 31.79 7.43 -29.62
C PHE A 99 31.97 7.07 -31.09
N ALA A 100 32.32 8.03 -31.93
CA ALA A 100 32.59 7.86 -33.34
C ALA A 100 34.08 7.79 -33.58
N PRO A 101 34.52 7.22 -34.71
CA PRO A 101 35.95 7.25 -35.04
C PRO A 101 36.48 8.68 -35.09
N ALA A 102 37.75 8.82 -34.73
CA ALA A 102 38.35 10.15 -34.59
C ALA A 102 38.29 10.93 -35.90
N GLU A 103 38.44 10.24 -37.03
CA GLU A 103 38.44 10.92 -38.32
C GLU A 103 37.07 11.48 -38.68
N LEU A 104 36.01 10.98 -38.05
CA LEU A 104 34.65 11.41 -38.33
C LEU A 104 34.18 12.51 -37.37
N ARG A 105 34.94 12.82 -36.32
CA ARG A 105 34.54 13.86 -35.39
C ARG A 105 34.49 15.21 -36.09
N GLY A 106 33.42 15.98 -35.81
CA GLY A 106 33.20 17.26 -36.45
C GLY A 106 32.49 17.18 -37.78
N ARG A 107 32.15 15.99 -38.26
CA ARG A 107 31.48 15.80 -39.56
C ARG A 107 30.22 14.98 -39.35
N PRO A 108 29.10 15.64 -39.02
CA PRO A 108 27.90 14.87 -38.63
C PRO A 108 27.31 14.00 -39.72
N GLN A 109 27.28 14.46 -40.98
CA GLN A 109 26.68 13.63 -42.02
C GLN A 109 27.54 12.40 -42.31
N ALA A 110 28.86 12.55 -42.28
CA ALA A 110 29.75 11.41 -42.48
C ALA A 110 29.63 10.42 -41.32
N ARG A 111 29.46 10.92 -40.10
CA ARG A 111 29.30 10.04 -38.94
C ARG A 111 28.01 9.24 -39.04
N GLN A 112 26.92 9.87 -39.49
CA GLN A 112 25.65 9.16 -39.62
C GLN A 112 25.71 8.07 -40.67
N GLU A 113 26.33 8.35 -41.83
CA GLU A 113 26.43 7.35 -42.89
C GLU A 113 27.34 6.20 -42.50
N TRP A 114 28.39 6.48 -41.72
CA TRP A 114 29.24 5.40 -41.22
C TRP A 114 28.47 4.49 -40.27
N ALA A 115 27.57 5.06 -39.46
CA ALA A 115 26.82 4.27 -38.51
C ALA A 115 25.79 3.37 -39.20
N VAL A 116 25.15 3.89 -40.26
CA VAL A 116 24.21 3.07 -41.02
C VAL A 116 24.94 1.88 -41.65
N ASN A 117 26.14 2.11 -42.17
CA ASN A 117 26.91 1.01 -42.76
C ASN A 117 27.31 -0.01 -41.69
N GLN A 118 27.66 0.46 -40.49
CA GLN A 118 27.98 -0.46 -39.41
C GLN A 118 26.80 -1.36 -39.08
N LEU A 119 25.59 -0.80 -39.03
CA LEU A 119 24.41 -1.60 -38.74
C LEU A 119 24.18 -2.66 -39.81
N LYS A 120 24.37 -2.31 -41.08
CA LYS A 120 24.13 -3.27 -42.15
C LYS A 120 25.17 -4.39 -42.14
N CYS A 121 26.42 -4.06 -41.81
CA CYS A 121 27.43 -5.10 -41.66
C CYS A 121 27.14 -6.01 -40.48
N ALA A 122 26.47 -5.47 -39.45
CA ALA A 122 26.13 -6.27 -38.28
C ALA A 122 25.10 -7.33 -38.59
N ALA A 123 24.20 -7.06 -39.55
CA ALA A 123 23.24 -8.08 -39.95
C ALA A 123 23.94 -9.27 -40.61
N LYS A 124 24.88 -8.98 -41.52
CA LYS A 124 25.53 -10.05 -42.26
C LYS A 124 26.47 -10.87 -41.37
N ALA A 125 27.20 -10.21 -40.47
CA ALA A 125 28.07 -10.93 -39.54
C ALA A 125 27.27 -11.78 -38.57
N SER A 126 26.05 -11.37 -38.23
CA SER A 126 25.21 -12.17 -37.35
C SER A 126 24.76 -13.46 -38.02
N GLN A 127 24.43 -13.40 -39.31
CA GLN A 127 24.11 -14.62 -40.05
C GLN A 127 25.29 -15.58 -40.07
N HIS A 128 26.51 -15.04 -40.28
CA HIS A 128 27.70 -15.89 -40.31
C HIS A 128 27.88 -16.64 -39.00
N LEU A 129 27.65 -15.97 -37.88
CA LEU A 129 27.78 -16.57 -36.57
C LEU A 129 26.55 -17.39 -36.16
N GLY A 130 25.49 -17.38 -36.96
CA GLY A 130 24.30 -18.13 -36.59
C GLY A 130 23.48 -17.50 -35.48
N LEU A 131 23.51 -16.17 -35.35
CA LEU A 131 22.77 -15.48 -34.32
C LEU A 131 21.39 -15.08 -34.83
N LYS A 132 20.41 -15.10 -33.92
CA LYS A 132 19.02 -14.81 -34.27
C LYS A 132 18.57 -13.42 -33.87
N SER A 133 19.35 -12.71 -33.04
CA SER A 133 18.96 -11.40 -32.56
C SER A 133 20.16 -10.47 -32.55
N HIS A 134 19.86 -9.17 -32.51
CA HIS A 134 20.90 -8.14 -32.46
C HIS A 134 20.38 -6.96 -31.65
N ALA A 135 21.22 -6.46 -30.75
CA ALA A 135 20.85 -5.42 -29.80
C ALA A 135 21.36 -4.07 -30.27
N SER A 136 20.53 -3.03 -30.10
CA SER A 136 20.92 -1.70 -30.55
C SER A 136 20.06 -0.64 -29.89
N PHE A 137 20.46 0.61 -30.10
CA PHE A 137 19.69 1.80 -29.75
C PHE A 137 19.09 2.39 -31.02
N SER A 138 18.13 3.30 -30.85
CA SER A 138 17.43 3.90 -31.97
C SER A 138 17.90 5.31 -32.30
N GLY A 139 18.56 5.99 -31.37
CA GLY A 139 18.85 7.40 -31.53
C GLY A 139 17.68 8.27 -31.11
N ALA A 140 17.93 9.58 -31.11
CA ALA A 140 16.92 10.53 -30.65
C ALA A 140 17.00 11.81 -31.45
N LEU A 141 15.87 12.23 -32.00
CA LEU A 141 15.74 13.55 -32.62
C LEU A 141 14.95 14.54 -31.79
N ALA A 142 14.03 14.06 -30.96
CA ALA A 142 13.10 14.94 -30.25
C ALA A 142 13.26 14.89 -28.74
N TRP A 143 14.28 14.19 -28.22
CA TRP A 143 14.44 14.10 -26.77
C TRP A 143 14.55 15.45 -26.07
N PRO A 144 15.21 16.49 -26.62
CA PRO A 144 15.20 17.79 -25.94
C PRO A 144 13.80 18.35 -25.69
N PHE A 145 12.78 17.86 -26.40
CA PHE A 145 11.41 18.34 -26.26
C PHE A 145 10.52 17.34 -25.56
N ILE A 146 11.10 16.54 -24.65
CA ILE A 146 10.34 15.48 -23.99
C ILE A 146 9.24 16.07 -23.10
N TYR A 147 9.51 17.22 -22.47
CA TYR A 147 8.45 17.86 -21.70
C TYR A 147 7.83 18.99 -22.51
N PRO A 148 6.50 19.11 -22.56
CA PRO A 148 5.87 20.13 -23.40
C PRO A 148 6.03 21.55 -22.87
N TRP A 149 7.24 21.92 -22.48
CA TRP A 149 7.52 23.31 -22.11
C TRP A 149 8.93 23.68 -22.54
N PRO A 150 9.09 24.57 -23.53
CA PRO A 150 8.06 25.33 -24.25
C PRO A 150 7.13 24.45 -25.08
N GLN A 151 5.96 24.97 -25.45
CA GLN A 151 4.95 24.17 -26.13
C GLN A 151 5.46 23.70 -27.48
N ARG A 152 5.32 22.41 -27.76
CA ARG A 152 5.82 21.85 -29.00
C ARG A 152 4.95 22.30 -30.16
N PRO A 153 5.54 22.85 -31.24
CA PRO A 153 4.73 23.23 -32.40
C PRO A 153 4.12 22.01 -33.07
N ALA A 154 3.02 22.26 -33.79
CA ALA A 154 2.29 21.19 -34.45
C ALA A 154 3.16 20.52 -35.52
N GLY A 155 3.16 19.19 -35.54
CA GLY A 155 3.89 18.43 -36.52
C GLY A 155 5.32 18.11 -36.15
N LEU A 156 5.84 18.65 -35.05
CA LEU A 156 7.23 18.43 -34.67
C LEU A 156 7.48 16.96 -34.36
N VAL A 157 6.66 16.38 -33.48
CA VAL A 157 6.84 14.98 -33.09
C VAL A 157 6.57 14.05 -34.26
N GLU A 158 5.58 14.39 -35.10
CA GLU A 158 5.28 13.53 -36.24
C GLU A 158 6.41 13.54 -37.27
N MET A 159 7.11 14.67 -37.42
CA MET A 159 8.24 14.71 -38.34
C MET A 159 9.41 13.89 -37.81
N ALA A 160 9.63 13.91 -36.50
CA ALA A 160 10.72 13.15 -35.91
C ALA A 160 10.54 11.65 -36.13
N PHE A 161 9.31 11.15 -35.96
CA PHE A 161 9.09 9.72 -36.14
C PHE A 161 9.02 9.32 -37.61
N ALA A 162 8.57 10.22 -38.49
CA ALA A 162 8.65 9.95 -39.92
C ALA A 162 10.09 9.84 -40.38
N GLU A 163 10.96 10.74 -39.90
CA GLU A 163 12.37 10.69 -40.26
C GLU A 163 13.04 9.44 -39.68
N LEU A 164 12.69 9.10 -38.43
CA LEU A 164 13.26 7.92 -37.80
C LEU A 164 12.90 6.65 -38.56
N GLY A 165 11.63 6.51 -38.96
CA GLY A 165 11.23 5.37 -39.75
C GLY A 165 11.91 5.34 -41.11
N LYS A 166 12.08 6.50 -41.73
CA LYS A 166 12.73 6.56 -43.04
C LYS A 166 14.18 6.11 -42.97
N ARG A 167 14.86 6.35 -41.84
CA ARG A 167 16.27 5.96 -41.73
C ARG A 167 16.47 4.51 -41.34
N TRP A 168 15.55 3.94 -40.55
CA TRP A 168 15.72 2.58 -40.05
C TRP A 168 15.08 1.53 -40.95
N THR A 169 14.11 1.91 -41.78
CA THR A 169 13.47 0.94 -42.66
C THR A 169 14.45 0.26 -43.63
N PRO A 170 15.35 0.98 -44.31
CA PRO A 170 16.37 0.27 -45.11
C PRO A 170 17.21 -0.70 -44.29
N ILE A 171 17.64 -0.29 -43.08
CA ILE A 171 18.41 -1.19 -42.22
C ILE A 171 17.58 -2.40 -41.83
N LEU A 172 16.30 -2.19 -41.51
CA LEU A 172 15.45 -3.31 -41.13
C LEU A 172 15.29 -4.30 -42.28
N ASP A 173 15.27 -3.81 -43.52
CA ASP A 173 15.20 -4.70 -44.67
C ASP A 173 16.45 -5.56 -44.80
N THR A 174 17.61 -5.02 -44.45
CA THR A 174 18.84 -5.82 -44.48
C THR A 174 18.77 -6.94 -43.46
N PHE A 175 18.20 -6.67 -42.28
CA PHE A 175 18.08 -7.72 -41.27
C PHE A 175 17.09 -8.79 -41.71
N GLU A 176 16.12 -8.43 -42.56
CA GLU A 176 15.18 -9.42 -43.06
C GLU A 176 15.87 -10.43 -43.97
N GLU A 177 16.67 -9.96 -44.93
CA GLU A 177 17.31 -10.87 -45.87
C GLU A 177 18.34 -11.78 -45.19
N ASN A 178 18.84 -11.39 -44.02
CA ASN A 178 19.72 -12.27 -43.24
C ASN A 178 18.98 -13.07 -42.19
N GLY A 179 17.69 -12.83 -41.98
CA GLY A 179 16.92 -13.57 -41.01
C GLY A 179 17.29 -13.28 -39.57
N VAL A 180 17.53 -12.01 -39.24
CA VAL A 180 17.97 -11.61 -37.90
C VAL A 180 16.98 -10.59 -37.34
N ASP A 181 16.63 -10.76 -36.06
CA ASP A 181 15.75 -9.83 -35.37
C ASP A 181 16.55 -8.66 -34.83
N LEU A 182 15.99 -7.46 -34.97
CA LEU A 182 16.60 -6.24 -34.45
C LEU A 182 15.86 -5.82 -33.19
N CYS A 183 16.57 -5.82 -32.06
CA CYS A 183 15.96 -5.58 -30.75
C CYS A 183 16.42 -4.23 -30.21
N TYR A 184 15.50 -3.27 -30.16
CA TYR A 184 15.79 -1.96 -29.60
C TYR A 184 15.62 -1.99 -28.08
N GLU A 185 16.55 -1.34 -27.38
CA GLU A 185 16.43 -1.19 -25.93
C GLU A 185 15.77 0.15 -25.62
N LEU A 186 14.59 0.09 -25.03
CA LEU A 186 13.87 1.31 -24.66
C LEU A 186 14.59 1.99 -23.49
N HIS A 187 15.07 3.20 -23.73
CA HIS A 187 16.08 3.82 -22.88
C HIS A 187 15.89 5.33 -22.93
N PRO A 188 16.01 6.03 -21.81
CA PRO A 188 15.95 7.50 -21.84
C PRO A 188 17.07 8.07 -22.71
N GLY A 189 16.79 9.23 -23.30
CA GLY A 189 17.69 9.78 -24.29
C GLY A 189 17.53 9.17 -25.67
N GLU A 190 16.53 8.33 -25.86
CA GLU A 190 16.16 7.80 -27.17
C GLU A 190 14.72 8.21 -27.47
N ASP A 191 14.38 8.30 -28.75
CA ASP A 191 12.98 8.50 -29.10
C ASP A 191 12.14 7.28 -28.72
N LEU A 192 12.74 6.09 -28.73
CA LEU A 192 12.10 4.86 -28.25
C LEU A 192 12.49 4.68 -26.80
N HIS A 193 11.68 5.21 -25.89
CA HIS A 193 11.97 5.13 -24.46
C HIS A 193 10.85 4.51 -23.65
N ASP A 194 9.74 4.12 -24.27
CA ASP A 194 8.68 3.38 -23.59
C ASP A 194 7.85 2.66 -24.64
N GLY A 195 6.72 2.08 -24.20
CA GLY A 195 5.92 1.28 -25.10
C GLY A 195 5.14 2.09 -26.11
N ILE A 196 4.66 3.27 -25.70
CA ILE A 196 3.89 4.12 -26.61
C ILE A 196 4.73 4.53 -27.81
N THR A 197 5.98 4.93 -27.57
CA THR A 197 6.84 5.36 -28.67
C THR A 197 7.22 4.20 -29.57
N PHE A 198 7.37 2.99 -29.00
CA PHE A 198 7.67 1.84 -29.85
C PHE A 198 6.51 1.52 -30.78
N GLU A 199 5.27 1.63 -30.29
CA GLU A 199 4.11 1.41 -31.15
C GLU A 199 4.07 2.46 -32.26
N ARG A 200 4.45 3.69 -31.91
CA ARG A 200 4.47 4.78 -32.90
C ARG A 200 5.56 4.54 -33.93
N PHE A 201 6.72 4.04 -33.50
CA PHE A 201 7.80 3.72 -34.43
C PHE A 201 7.41 2.58 -35.38
N LEU A 202 6.67 1.60 -34.87
CA LEU A 202 6.22 0.49 -35.70
C LEU A 202 5.38 0.97 -36.87
N GLU A 203 4.37 1.80 -36.58
CA GLU A 203 3.51 2.33 -37.63
C GLU A 203 4.30 3.12 -38.67
N ALA A 204 5.34 3.83 -38.23
CA ALA A 204 6.16 4.60 -39.16
C ALA A 204 7.07 3.73 -40.02
N THR A 205 7.24 2.45 -39.67
CA THR A 205 8.04 1.52 -40.46
C THR A 205 7.20 0.48 -41.18
N GLY A 206 5.89 0.66 -41.24
CA GLY A 206 5.02 -0.31 -41.86
C GLY A 206 4.90 -1.62 -41.11
N ASN A 207 4.95 -1.57 -39.77
CA ASN A 207 4.81 -2.75 -38.92
C ASN A 207 5.83 -3.83 -39.28
N HIS A 208 7.07 -3.42 -39.52
CA HIS A 208 8.12 -4.33 -39.96
C HIS A 208 8.33 -5.46 -38.95
N SER A 209 8.39 -6.70 -39.45
CA SER A 209 8.44 -7.87 -38.59
C SER A 209 9.78 -8.04 -37.88
N ARG A 210 10.82 -7.31 -38.27
CA ARG A 210 12.13 -7.44 -37.63
C ARG A 210 12.38 -6.38 -36.57
N ALA A 211 11.44 -5.46 -36.36
CA ALA A 211 11.56 -4.45 -35.32
C ALA A 211 11.00 -5.04 -34.02
N ASN A 212 11.88 -5.27 -33.05
CA ASN A 212 11.50 -5.94 -31.81
C ASN A 212 12.12 -5.19 -30.63
N ILE A 213 12.01 -5.76 -29.45
CA ILE A 213 12.34 -5.10 -28.19
C ILE A 213 13.38 -5.91 -27.44
N LEU A 214 14.37 -5.22 -26.87
CA LEU A 214 15.23 -5.76 -25.83
C LEU A 214 14.67 -5.29 -24.49
N TYR A 215 14.22 -6.24 -23.66
CA TYR A 215 13.56 -5.92 -22.40
C TYR A 215 14.60 -5.73 -21.30
N ASP A 216 14.59 -4.55 -20.69
CA ASP A 216 15.45 -4.22 -19.56
C ASP A 216 14.59 -3.52 -18.52
N PRO A 217 14.23 -4.21 -17.42
CA PRO A 217 13.27 -3.62 -16.47
C PRO A 217 13.82 -2.44 -15.68
N SER A 218 15.14 -2.26 -15.61
CA SER A 218 15.70 -1.21 -14.78
C SER A 218 15.29 0.18 -15.26
N HIS A 219 15.24 0.39 -16.58
CA HIS A 219 14.89 1.70 -17.10
C HIS A 219 13.43 2.04 -16.85
N PHE A 220 12.57 1.03 -16.76
CA PHE A 220 11.17 1.29 -16.44
C PHE A 220 11.01 1.65 -14.98
N VAL A 221 11.81 1.04 -14.11
CA VAL A 221 11.79 1.38 -12.69
C VAL A 221 12.25 2.81 -12.48
N LEU A 222 13.23 3.27 -13.28
CA LEU A 222 13.78 4.61 -13.08
C LEU A 222 12.82 5.71 -13.46
N GLN A 223 11.75 5.41 -14.21
CA GLN A 223 10.75 6.40 -14.56
C GLN A 223 9.38 6.05 -13.98
N ALA A 224 9.32 5.18 -12.97
CA ALA A 224 8.09 4.82 -12.26
C ALA A 224 7.03 4.28 -13.23
N MET A 225 7.43 3.24 -13.98
CA MET A 225 6.58 2.60 -14.97
C MET A 225 6.47 1.12 -14.66
N ASP A 226 5.30 0.54 -14.92
CA ASP A 226 5.02 -0.85 -14.55
C ASP A 226 5.70 -1.79 -15.53
N TYR A 227 6.86 -2.34 -15.12
CA TYR A 227 7.65 -3.20 -15.99
C TYR A 227 7.04 -4.59 -16.14
N LEU A 228 6.14 -5.00 -15.24
CA LEU A 228 5.51 -6.31 -15.36
C LEU A 228 4.34 -6.29 -16.33
N ASP A 229 3.52 -5.23 -16.31
CA ASP A 229 2.45 -5.11 -17.29
C ASP A 229 3.00 -4.95 -18.70
N PHE A 230 4.20 -4.39 -18.83
CA PHE A 230 4.85 -4.27 -20.14
C PHE A 230 5.01 -5.64 -20.80
N ILE A 231 5.41 -6.65 -20.03
CA ILE A 231 5.58 -7.99 -20.59
C ILE A 231 4.25 -8.55 -21.05
N ASP A 232 3.17 -8.27 -20.31
CA ASP A 232 1.85 -8.78 -20.68
C ASP A 232 1.38 -8.22 -22.01
N ILE A 233 1.80 -7.00 -22.36
CA ILE A 233 1.31 -6.33 -23.55
C ILE A 233 2.18 -6.63 -24.77
N TYR A 234 3.50 -6.70 -24.61
CA TYR A 234 4.42 -6.72 -25.74
C TYR A 234 5.19 -8.02 -25.89
N HIS A 235 4.73 -9.11 -25.25
CA HIS A 235 5.52 -10.35 -25.25
C HIS A 235 5.77 -10.88 -26.65
N GLU A 236 4.86 -10.63 -27.59
CA GLU A 236 5.05 -11.12 -28.95
C GLU A 236 6.25 -10.46 -29.65
N ARG A 237 6.75 -9.35 -29.11
CA ARG A 237 7.84 -8.60 -29.72
C ARG A 237 9.12 -8.59 -28.87
N ILE A 238 9.16 -9.34 -27.78
CA ILE A 238 10.32 -9.37 -26.90
C ILE A 238 11.22 -10.52 -27.34
N ARG A 239 12.44 -10.19 -27.77
CA ARG A 239 13.37 -11.20 -28.29
C ARG A 239 14.71 -11.21 -27.55
N ALA A 240 14.95 -10.30 -26.62
CA ALA A 240 16.19 -10.28 -25.86
C ALA A 240 15.89 -9.75 -24.46
N PHE A 241 16.81 -10.04 -23.53
CA PHE A 241 16.54 -9.82 -22.11
C PHE A 241 17.82 -9.38 -21.40
N HIS A 242 17.79 -8.19 -20.80
CA HIS A 242 18.87 -7.70 -19.96
C HIS A 242 18.46 -7.84 -18.49
N VAL A 243 19.28 -8.52 -17.70
CA VAL A 243 19.05 -8.65 -16.26
C VAL A 243 19.81 -7.54 -15.56
N LYS A 244 19.08 -6.53 -15.08
CA LYS A 244 19.69 -5.35 -14.48
C LYS A 244 18.75 -4.80 -13.42
N ASP A 245 19.30 -4.48 -12.26
CA ASP A 245 18.50 -4.04 -11.11
C ASP A 245 18.54 -2.53 -10.95
N ALA A 246 17.53 -2.00 -10.27
CA ALA A 246 17.42 -0.57 -10.04
C ALA A 246 16.45 -0.31 -8.91
N GLU A 247 16.53 0.88 -8.34
CA GLU A 247 15.64 1.30 -7.27
C GLU A 247 15.24 2.75 -7.50
N PHE A 248 14.06 3.10 -6.99
CA PHE A 248 13.54 4.47 -7.06
C PHE A 248 12.98 4.82 -5.69
N ASN A 249 13.66 5.71 -4.98
CA ASN A 249 13.27 6.12 -3.63
C ASN A 249 13.07 7.63 -3.62
N PRO A 250 11.87 8.10 -3.92
CA PRO A 250 11.64 9.55 -3.97
C PRO A 250 11.66 10.17 -2.58
N THR A 251 12.15 11.40 -2.53
CA THR A 251 12.25 12.18 -1.30
C THR A 251 11.47 13.47 -1.49
N GLY A 252 11.56 14.36 -0.50
CA GLY A 252 11.01 15.69 -0.61
C GLY A 252 11.87 16.67 -1.36
N ARG A 253 13.04 16.24 -1.86
CA ARG A 253 13.97 17.12 -2.54
C ARG A 253 14.13 16.81 -4.02
N SER A 254 13.81 15.60 -4.46
CA SER A 254 14.08 15.21 -5.83
C SER A 254 13.15 14.07 -6.22
N GLY A 255 12.93 13.93 -7.52
CA GLY A 255 12.09 12.89 -8.09
C GLY A 255 12.78 12.23 -9.27
N VAL A 256 11.98 11.93 -10.30
CA VAL A 256 12.48 11.16 -11.44
C VAL A 256 13.53 11.94 -12.22
N TYR A 257 13.35 13.26 -12.35
CA TYR A 257 14.29 14.05 -13.15
C TYR A 257 15.68 14.03 -12.54
N GLY A 258 15.79 14.09 -11.22
CA GLY A 258 17.04 13.81 -10.52
C GLY A 258 17.84 15.01 -10.10
N GLY A 259 17.54 16.20 -10.62
CA GLY A 259 18.22 17.40 -10.18
C GLY A 259 19.69 17.47 -10.51
N TYR A 260 20.10 16.90 -11.65
CA TYR A 260 21.49 16.89 -12.11
C TYR A 260 22.43 16.19 -11.12
N GLN A 261 21.91 15.38 -10.22
CA GLN A 261 22.76 14.71 -9.25
C GLN A 261 23.47 13.52 -9.87
N GLY A 262 24.55 13.09 -9.21
CA GLY A 262 25.25 11.90 -9.61
C GLY A 262 24.49 10.64 -9.24
N TRP A 263 25.03 9.50 -9.70
CA TRP A 263 24.33 8.23 -9.54
C TRP A 263 24.15 7.83 -8.08
N VAL A 264 25.07 8.24 -7.22
CA VAL A 264 24.95 7.85 -5.82
C VAL A 264 23.80 8.60 -5.14
N ASP A 265 23.53 9.83 -5.55
CA ASP A 265 22.57 10.69 -4.87
C ASP A 265 21.20 10.76 -5.55
N ARG A 266 21.06 10.20 -6.75
CA ARG A 266 19.78 10.27 -7.45
C ARG A 266 18.74 9.43 -6.72
N PRO A 267 17.47 9.87 -6.69
CA PRO A 267 16.42 9.00 -6.16
C PRO A 267 16.31 7.69 -6.91
N GLY A 268 16.43 7.73 -8.23
CA GLY A 268 16.43 6.53 -9.04
C GLY A 268 17.80 6.18 -9.55
N ARG A 269 18.33 5.02 -9.16
CA ARG A 269 19.69 4.63 -9.49
C ARG A 269 19.77 3.13 -9.70
N PHE A 270 20.82 2.71 -10.41
CA PHE A 270 21.07 1.30 -10.66
C PHE A 270 21.74 0.64 -9.46
N ARG A 271 21.43 -0.64 -9.26
CA ARG A 271 22.00 -1.40 -8.15
C ARG A 271 22.39 -2.78 -8.64
N SER A 272 23.33 -3.41 -7.92
CA SER A 272 23.69 -4.79 -8.20
C SER A 272 22.49 -5.71 -7.99
N LEU A 273 22.52 -6.85 -8.68
CA LEU A 273 21.40 -7.79 -8.65
C LEU A 273 21.05 -8.20 -7.23
N GLY A 274 19.77 -8.07 -6.88
CA GLY A 274 19.29 -8.39 -5.55
C GLY A 274 19.24 -7.22 -4.60
N ASP A 275 19.86 -6.09 -4.93
CA ASP A 275 19.89 -4.93 -4.06
C ASP A 275 18.94 -3.83 -4.51
N GLY A 276 18.06 -4.11 -5.46
CA GLY A 276 17.11 -3.13 -5.95
C GLY A 276 15.66 -3.49 -5.68
N HIS A 277 14.75 -2.98 -6.51
CA HIS A 277 13.31 -3.17 -6.34
C HIS A 277 12.69 -4.11 -7.36
N VAL A 278 13.46 -4.60 -8.34
CA VAL A 278 12.89 -5.40 -9.41
C VAL A 278 12.52 -6.77 -8.88
N ASP A 279 11.28 -7.21 -9.16
CA ASP A 279 10.80 -8.54 -8.82
C ASP A 279 11.23 -9.49 -9.94
N PHE A 280 12.43 -10.05 -9.79
CA PHE A 280 12.97 -10.91 -10.84
C PHE A 280 12.28 -12.27 -10.87
N GLY A 281 11.75 -12.73 -9.74
CA GLY A 281 10.92 -13.92 -9.78
C GLY A 281 9.73 -13.78 -10.69
N ALA A 282 9.04 -12.64 -10.62
CA ALA A 282 7.89 -12.41 -11.48
C ALA A 282 8.32 -12.21 -12.93
N VAL A 283 9.47 -11.59 -13.15
CA VAL A 283 9.94 -11.35 -14.52
C VAL A 283 10.28 -12.68 -15.20
N PHE A 284 11.03 -13.54 -14.52
CA PHE A 284 11.38 -14.83 -15.10
C PHE A 284 10.16 -15.73 -15.28
N SER A 285 9.17 -15.60 -14.39
CA SER A 285 7.95 -16.37 -14.52
C SER A 285 7.19 -15.98 -15.79
N LYS A 286 7.03 -14.68 -16.03
CA LYS A 286 6.27 -14.22 -17.19
C LYS A 286 6.99 -14.57 -18.49
N LEU A 287 8.31 -14.38 -18.55
CA LEU A 287 9.05 -14.71 -19.76
C LEU A 287 8.98 -16.22 -20.04
N THR A 288 9.01 -17.03 -18.98
CA THR A 288 8.90 -18.47 -19.16
C THR A 288 7.50 -18.86 -19.64
N GLN A 289 6.48 -18.15 -19.18
CA GLN A 289 5.10 -18.48 -19.51
C GLN A 289 4.72 -18.06 -20.93
N TYR A 290 5.39 -17.04 -21.47
CA TYR A 290 5.10 -16.53 -22.80
C TYR A 290 6.04 -17.08 -23.88
N ASP A 291 6.77 -18.16 -23.58
CA ASP A 291 7.65 -18.85 -24.54
C ASP A 291 8.69 -17.89 -25.13
N PHE A 292 9.56 -17.44 -24.25
CA PHE A 292 10.70 -16.61 -24.61
C PHE A 292 11.88 -17.54 -24.93
N GLU A 293 12.36 -17.47 -26.17
CA GLU A 293 13.46 -18.33 -26.62
C GLU A 293 14.76 -17.53 -26.72
N GLY A 294 15.25 -17.10 -25.56
CA GLY A 294 16.44 -16.27 -25.57
C GLY A 294 17.40 -16.48 -24.42
N TRP A 295 18.27 -15.51 -24.22
CA TRP A 295 19.31 -15.56 -23.21
C TRP A 295 19.03 -14.54 -22.11
N ALA A 296 19.34 -14.91 -20.87
CA ALA A 296 19.31 -13.98 -19.75
C ALA A 296 20.69 -13.36 -19.64
N VAL A 297 20.84 -12.13 -20.13
CA VAL A 297 22.13 -11.47 -20.23
C VAL A 297 22.25 -10.47 -19.09
N LEU A 298 23.28 -10.65 -18.26
CA LEU A 298 23.55 -9.71 -17.17
C LEU A 298 24.20 -8.45 -17.73
N GLU A 299 23.60 -7.30 -17.45
CA GLU A 299 24.21 -6.00 -17.69
C GLU A 299 24.44 -5.35 -16.33
N TRP A 300 25.68 -5.29 -15.89
CA TRP A 300 25.99 -4.90 -14.52
C TRP A 300 26.27 -3.41 -14.41
N GLU A 301 25.71 -2.79 -13.37
CA GLU A 301 25.97 -1.39 -13.03
C GLU A 301 25.46 -1.13 -11.62
N CYS A 302 26.29 -0.55 -10.76
CA CYS A 302 25.89 -0.28 -9.39
C CYS A 302 26.55 1.00 -8.90
N ALA A 303 25.85 1.70 -8.00
CA ALA A 303 26.38 2.93 -7.44
C ALA A 303 27.35 2.70 -6.29
N LEU A 304 27.36 1.51 -5.70
CA LEU A 304 28.15 1.28 -4.50
C LEU A 304 29.10 0.08 -4.60
N LYS A 305 28.65 -1.03 -5.18
CA LYS A 305 29.38 -2.28 -5.08
C LYS A 305 30.59 -2.29 -6.02
N HIS A 306 31.62 -3.01 -5.59
CA HIS A 306 32.82 -3.17 -6.41
C HIS A 306 32.51 -4.04 -7.62
N PRO A 307 33.04 -3.70 -8.80
CA PRO A 307 32.63 -4.41 -10.03
C PRO A 307 32.97 -5.90 -10.02
N GLU A 308 34.08 -6.31 -9.41
CA GLU A 308 34.45 -7.72 -9.47
C GLU A 308 33.59 -8.59 -8.56
N ASP A 309 32.94 -8.01 -7.55
CA ASP A 309 31.97 -8.76 -6.76
C ASP A 309 30.65 -8.91 -7.50
N GLY A 310 30.23 -7.88 -8.23
CA GLY A 310 28.99 -7.96 -8.97
C GLY A 310 29.03 -9.02 -10.07
N ALA A 311 30.14 -9.10 -10.80
CA ALA A 311 30.27 -10.09 -11.85
C ALA A 311 30.25 -11.51 -11.30
N ARG A 312 30.74 -11.70 -10.07
CA ARG A 312 30.79 -13.03 -9.49
C ARG A 312 29.43 -13.48 -8.99
N GLU A 313 28.68 -12.58 -8.35
CA GLU A 313 27.37 -12.94 -7.82
C GLU A 313 26.31 -13.10 -8.92
N GLY A 314 26.52 -12.48 -10.07
CA GLY A 314 25.50 -12.49 -11.11
C GLY A 314 25.19 -13.90 -11.62
N ALA A 315 26.23 -14.73 -11.77
CA ALA A 315 26.03 -16.06 -12.35
C ALA A 315 25.13 -16.91 -11.46
N GLY A 316 25.35 -16.90 -10.15
CA GLY A 316 24.49 -17.64 -9.26
C GLY A 316 23.09 -17.07 -9.19
N PHE A 317 22.98 -15.74 -9.22
CA PHE A 317 21.66 -15.11 -9.17
C PHE A 317 20.81 -15.53 -10.36
N ILE A 318 21.37 -15.52 -11.56
CA ILE A 318 20.60 -15.86 -12.75
C ILE A 318 20.20 -17.33 -12.72
N GLU A 319 21.11 -18.21 -12.33
CA GLU A 319 20.83 -19.65 -12.35
C GLU A 319 19.77 -20.04 -11.32
N ASN A 320 19.58 -19.23 -10.27
CA ASN A 320 18.54 -19.51 -9.29
C ASN A 320 17.17 -19.06 -9.75
N HIS A 321 17.08 -18.12 -10.69
CA HIS A 321 15.80 -17.61 -11.15
C HIS A 321 15.34 -18.27 -12.44
N ILE A 322 16.21 -18.99 -13.14
CA ILE A 322 15.79 -19.73 -14.33
C ILE A 322 14.91 -20.88 -13.91
N ILE A 323 13.81 -21.08 -14.63
CA ILE A 323 12.82 -22.10 -14.32
C ILE A 323 12.91 -23.21 -15.37
N ARG A 324 13.16 -24.43 -14.90
CA ARG A 324 13.11 -25.62 -15.74
C ARG A 324 11.66 -26.05 -15.91
N VAL A 325 11.21 -26.10 -17.16
CA VAL A 325 9.80 -26.41 -17.47
C VAL A 325 9.58 -27.91 -17.51
N THR A 326 8.31 -28.32 -17.53
CA THR A 326 7.95 -29.74 -17.50
C THR A 326 8.30 -30.42 -18.81
N GLY A 337 -8.30 -36.46 -24.90
CA GLY A 337 -9.16 -36.35 -26.06
C GLY A 337 -10.51 -35.74 -25.72
N THR A 338 -11.25 -35.31 -26.73
CA THR A 338 -12.54 -34.65 -26.52
C THR A 338 -13.67 -35.64 -26.81
N ASP A 339 -14.47 -35.93 -25.78
CA ASP A 339 -15.62 -36.81 -25.87
C ASP A 339 -16.92 -36.02 -25.94
N ASP A 340 -17.10 -35.27 -27.04
CA ASP A 340 -18.31 -34.49 -27.29
C ASP A 340 -19.57 -35.02 -26.59
N ALA A 341 -19.83 -36.33 -26.69
CA ALA A 341 -21.04 -36.89 -26.10
C ALA A 341 -21.03 -36.75 -24.57
N ALA A 342 -19.90 -37.06 -23.93
CA ALA A 342 -19.80 -36.88 -22.49
C ALA A 342 -19.87 -35.41 -22.11
N ASN A 343 -19.16 -34.56 -22.86
CA ASN A 343 -19.23 -33.13 -22.61
C ASN A 343 -20.65 -32.60 -22.79
N ARG A 344 -21.36 -33.11 -23.80
CA ARG A 344 -22.76 -32.72 -23.98
C ARG A 344 -23.61 -33.15 -22.79
N ARG A 345 -23.35 -34.34 -22.24
CA ARG A 345 -24.11 -34.80 -21.09
C ARG A 345 -23.84 -33.93 -19.87
N LEU A 346 -22.57 -33.54 -19.67
CA LEU A 346 -22.21 -32.75 -18.50
C LEU A 346 -22.90 -31.39 -18.51
N LEU A 347 -23.07 -30.80 -19.69
CA LEU A 347 -23.79 -29.54 -19.81
C LEU A 347 -25.27 -29.84 -19.98
N GLY A 348 -26.05 -28.86 -20.47
CA GLY A 348 -27.47 -29.11 -20.64
C GLY A 348 -27.75 -29.86 -21.92
N LEU A 349 -26.84 -29.76 -22.88
CA LEU A 349 -27.01 -30.33 -24.20
C LEU A 349 -27.18 -31.85 -24.16
N MET B 1 5.99 -24.14 24.15
CA MET B 1 6.05 -24.11 22.70
C MET B 1 6.67 -25.39 22.16
N LYS B 2 6.49 -25.62 20.86
CA LYS B 2 6.89 -26.87 20.23
C LYS B 2 7.59 -26.61 18.91
N THR B 3 8.64 -27.40 18.65
CA THR B 3 9.31 -27.34 17.37
C THR B 3 8.51 -28.16 16.37
N ILE B 4 8.14 -27.53 15.26
CA ILE B 4 7.35 -28.22 14.25
C ILE B 4 8.20 -29.33 13.63
N LYS B 5 7.63 -30.52 13.52
CA LYS B 5 8.33 -31.65 12.94
C LYS B 5 8.33 -31.55 11.42
N GLY B 6 9.40 -32.02 10.81
CA GLY B 6 9.54 -31.99 9.37
C GLY B 6 10.97 -32.03 8.91
N PRO B 7 11.19 -31.96 7.59
CA PRO B 7 10.19 -31.79 6.53
C PRO B 7 9.52 -33.09 6.10
N ALA B 8 8.26 -33.01 5.68
CA ALA B 8 7.49 -34.14 5.18
C ALA B 8 6.91 -33.78 3.82
N ILE B 9 6.38 -34.78 3.13
CA ILE B 9 5.88 -34.60 1.77
C ILE B 9 4.61 -35.43 1.57
N PHE B 10 3.64 -34.85 0.86
CA PHE B 10 2.41 -35.54 0.48
C PHE B 10 2.63 -36.22 -0.86
N LEU B 11 2.43 -37.53 -0.90
CA LEU B 11 2.78 -38.35 -2.06
C LEU B 11 1.74 -38.33 -3.17
N ALA B 12 0.58 -37.71 -2.96
CA ALA B 12 -0.51 -37.82 -3.92
C ALA B 12 -0.12 -37.25 -5.28
N GLN B 13 0.64 -36.15 -5.30
CA GLN B 13 0.97 -35.48 -6.55
C GLN B 13 2.09 -36.17 -7.32
N PHE B 14 2.69 -37.23 -6.78
CA PHE B 14 3.87 -37.84 -7.40
C PHE B 14 3.68 -39.30 -7.81
N VAL B 15 2.53 -39.91 -7.53
CA VAL B 15 2.33 -41.31 -7.90
C VAL B 15 2.18 -41.42 -9.41
N GLY B 16 2.79 -42.45 -9.97
CA GLY B 16 2.74 -42.70 -11.40
C GLY B 16 2.85 -44.20 -11.68
N ASP B 17 3.40 -44.53 -12.85
CA ASP B 17 3.58 -45.93 -13.27
C ASP B 17 5.04 -46.36 -13.32
N LYS B 18 5.97 -45.44 -13.61
CA LYS B 18 7.37 -45.79 -13.63
C LYS B 18 7.96 -45.66 -12.23
N ALA B 19 8.92 -46.54 -11.93
CA ALA B 19 9.67 -46.42 -10.69
C ALA B 19 10.41 -45.09 -10.68
N PRO B 20 10.64 -44.51 -9.50
CA PRO B 20 10.22 -44.96 -8.16
C PRO B 20 8.89 -44.37 -7.73
N PHE B 21 7.96 -44.13 -8.65
CA PHE B 21 6.70 -43.46 -8.34
C PHE B 21 5.51 -44.40 -8.42
N ASP B 22 5.72 -45.70 -8.28
CA ASP B 22 4.67 -46.69 -8.48
C ASP B 22 4.18 -47.35 -7.20
N THR B 23 5.09 -47.72 -6.30
CA THR B 23 4.73 -48.40 -5.07
C THR B 23 5.06 -47.51 -3.87
N LEU B 24 4.41 -47.79 -2.74
CA LEU B 24 4.69 -47.05 -1.52
C LEU B 24 6.13 -47.24 -1.06
N ASP B 25 6.68 -48.44 -1.26
CA ASP B 25 8.07 -48.68 -0.86
C ASP B 25 9.04 -47.82 -1.67
N ASN B 26 8.84 -47.74 -2.98
CA ASN B 26 9.74 -46.95 -3.81
C ASN B 26 9.60 -45.46 -3.52
N LEU B 27 8.35 -44.99 -3.31
CA LEU B 27 8.13 -43.59 -2.99
C LEU B 27 8.78 -43.22 -1.66
N GLY B 28 8.79 -44.14 -0.70
CA GLY B 28 9.43 -43.87 0.58
C GLY B 28 10.94 -43.70 0.46
N GLN B 29 11.59 -44.53 -0.36
CA GLN B 29 13.02 -44.36 -0.57
C GLN B 29 13.32 -43.09 -1.35
N TRP B 30 12.48 -42.77 -2.34
CA TRP B 30 12.67 -41.55 -3.11
C TRP B 30 12.57 -40.31 -2.22
N ALA B 31 11.58 -40.28 -1.33
CA ALA B 31 11.43 -39.15 -0.42
C ALA B 31 12.61 -39.04 0.53
N ALA B 32 13.10 -40.18 1.04
CA ALA B 32 14.22 -40.15 1.97
C ALA B 32 15.51 -39.70 1.30
N SER B 33 15.69 -40.04 0.01
CA SER B 33 16.88 -39.60 -0.71
C SER B 33 16.89 -38.08 -0.92
N LEU B 34 15.72 -37.45 -0.91
CA LEU B 34 15.63 -36.01 -1.08
C LEU B 34 15.73 -35.24 0.24
N GLY B 35 15.68 -35.93 1.38
CA GLY B 35 15.84 -35.29 2.68
C GLY B 35 14.62 -35.24 3.55
N TYR B 36 13.50 -35.83 3.15
CA TYR B 36 12.29 -35.79 3.96
C TYR B 36 12.30 -36.86 5.04
N LYS B 37 11.59 -36.59 6.13
CA LYS B 37 11.50 -37.52 7.25
C LYS B 37 10.11 -38.09 7.44
N GLY B 38 9.11 -37.63 6.70
CA GLY B 38 7.76 -38.14 6.82
C GLY B 38 7.05 -38.11 5.48
N ILE B 39 5.95 -38.86 5.41
CA ILE B 39 5.14 -38.91 4.20
C ILE B 39 3.67 -38.92 4.60
N GLN B 40 2.85 -38.23 3.82
CA GLN B 40 1.40 -38.31 3.92
C GLN B 40 0.93 -39.22 2.79
N VAL B 41 0.19 -40.26 3.13
CA VAL B 41 -0.08 -41.35 2.20
C VAL B 41 -1.53 -41.24 1.74
N PRO B 42 -1.79 -41.14 0.44
CA PRO B 42 -3.17 -41.27 -0.05
C PRO B 42 -3.59 -42.72 0.00
N THR B 43 -4.85 -42.95 0.37
CA THR B 43 -5.34 -44.31 0.61
C THR B 43 -6.02 -44.85 -0.66
N ASP B 44 -5.21 -45.03 -1.67
CA ASP B 44 -5.73 -45.67 -2.87
C ASP B 44 -5.52 -47.17 -2.76
N PRO B 45 -6.56 -47.98 -2.99
CA PRO B 45 -6.43 -49.45 -2.83
C PRO B 45 -5.19 -50.06 -3.48
N LYS B 46 -4.63 -49.43 -4.52
CA LYS B 46 -3.42 -49.94 -5.14
C LYS B 46 -2.15 -49.47 -4.43
N LEU B 47 -2.23 -48.43 -3.61
CA LEU B 47 -1.09 -47.92 -2.85
C LEU B 47 -1.12 -48.34 -1.38
N PHE B 48 -2.30 -48.29 -0.76
CA PHE B 48 -2.49 -48.62 0.65
C PHE B 48 -3.92 -49.11 0.80
N ASP B 49 -4.11 -50.39 1.14
CA ASP B 49 -5.44 -50.97 1.23
C ASP B 49 -5.99 -50.73 2.64
N LEU B 50 -7.02 -49.89 2.73
CA LEU B 50 -7.60 -49.55 4.02
C LEU B 50 -8.33 -50.74 4.64
N GLU B 51 -9.05 -51.52 3.83
CA GLU B 51 -9.80 -52.66 4.36
C GLU B 51 -8.88 -53.73 4.91
N LYS B 52 -7.74 -53.98 4.24
CA LYS B 52 -6.76 -54.91 4.79
C LYS B 52 -6.10 -54.34 6.03
N ALA B 53 -5.84 -53.03 6.05
CA ALA B 53 -5.14 -52.42 7.17
C ALA B 53 -6.02 -52.32 8.41
N ALA B 54 -7.33 -52.14 8.23
CA ALA B 54 -8.22 -52.08 9.38
C ALA B 54 -8.46 -53.44 9.99
N ALA B 55 -8.13 -54.52 9.27
CA ALA B 55 -8.37 -55.88 9.73
C ALA B 55 -7.14 -56.55 10.33
N SER B 56 -5.94 -56.22 9.85
CA SER B 56 -4.72 -56.88 10.30
C SER B 56 -3.74 -55.86 10.86
N LYS B 57 -3.42 -56.00 12.14
CA LYS B 57 -2.35 -55.22 12.76
C LYS B 57 -1.00 -55.56 12.14
N ALA B 58 -0.82 -56.81 11.71
CA ALA B 58 0.45 -57.22 11.11
C ALA B 58 0.74 -56.44 9.83
N TYR B 59 -0.28 -56.25 8.99
CA TYR B 59 -0.11 -55.46 7.77
C TYR B 59 0.42 -54.06 8.07
N CYS B 60 -0.12 -53.40 9.09
CA CYS B 60 0.35 -52.06 9.45
C CYS B 60 1.78 -52.11 9.97
N ASP B 61 2.09 -53.05 10.85
CA ASP B 61 3.45 -53.15 11.38
C ASP B 61 4.47 -53.45 10.27
N ASP B 62 4.06 -54.20 9.24
CA ASP B 62 4.96 -54.43 8.12
C ASP B 62 5.27 -53.13 7.39
N ILE B 63 4.24 -52.36 7.07
CA ILE B 63 4.44 -51.09 6.37
C ILE B 63 5.25 -50.14 7.23
N LYS B 64 4.86 -49.99 8.49
CA LYS B 64 5.57 -49.09 9.40
C LYS B 64 7.02 -49.50 9.57
N GLY B 65 7.28 -50.79 9.82
CA GLY B 65 8.64 -51.24 10.04
C GLY B 65 9.52 -51.08 8.80
N ARG B 66 8.97 -51.40 7.62
CA ARG B 66 9.74 -51.24 6.39
C ARG B 66 10.11 -49.79 6.16
N LEU B 67 9.17 -48.87 6.39
CA LEU B 67 9.44 -47.45 6.16
C LEU B 67 10.47 -46.91 7.15
N ALA B 68 10.42 -47.40 8.40
CA ALA B 68 11.40 -46.94 9.39
C ALA B 68 12.81 -47.38 9.05
N GLU B 69 12.96 -48.52 8.35
CA GLU B 69 14.29 -48.92 7.89
C GLU B 69 14.84 -47.95 6.87
N THR B 70 13.96 -47.39 6.02
CA THR B 70 14.39 -46.39 5.05
C THR B 70 14.67 -45.04 5.71
N GLY B 71 14.15 -44.81 6.90
CA GLY B 71 14.30 -43.55 7.59
C GLY B 71 13.10 -42.64 7.46
N ILE B 72 11.90 -43.19 7.26
CA ILE B 72 10.69 -42.43 6.97
C ILE B 72 9.60 -42.86 7.93
N GLU B 73 8.73 -41.91 8.29
CA GLU B 73 7.60 -42.18 9.16
C GLU B 73 6.33 -41.67 8.50
N ILE B 74 5.22 -42.36 8.74
CA ILE B 74 3.93 -41.92 8.22
C ILE B 74 3.39 -40.82 9.11
N THR B 75 3.16 -39.64 8.53
CA THR B 75 2.60 -38.53 9.30
C THR B 75 1.10 -38.73 9.52
N GLU B 76 0.33 -38.84 8.44
CA GLU B 76 -1.10 -39.10 8.50
C GLU B 76 -1.50 -39.89 7.26
N LEU B 77 -2.69 -40.45 7.32
CA LEU B 77 -3.33 -41.02 6.14
C LEU B 77 -4.24 -39.96 5.51
N SER B 78 -4.50 -40.13 4.22
CA SER B 78 -5.31 -39.18 3.47
C SER B 78 -6.48 -39.91 2.82
N THR B 79 -7.68 -39.38 3.01
CA THR B 79 -8.88 -39.83 2.31
C THR B 79 -9.58 -38.65 1.65
N HIS B 80 -8.80 -37.81 0.95
CA HIS B 80 -9.40 -36.70 0.22
C HIS B 80 -10.40 -37.20 -0.82
N ILE B 81 -10.01 -38.23 -1.58
CA ILE B 81 -10.89 -38.77 -2.61
C ILE B 81 -12.17 -39.32 -1.99
N GLN B 82 -12.02 -40.19 -0.99
CA GLN B 82 -13.18 -40.85 -0.40
C GLN B 82 -14.07 -39.86 0.34
N GLY B 83 -13.45 -38.90 1.05
CA GLY B 83 -14.24 -37.90 1.76
C GLY B 83 -15.11 -37.07 0.84
N GLN B 84 -14.62 -36.78 -0.37
CA GLN B 84 -15.42 -36.04 -1.34
C GLN B 84 -16.66 -36.83 -1.74
N LEU B 85 -16.52 -38.16 -1.88
CA LEU B 85 -17.61 -39.02 -2.33
C LEU B 85 -18.66 -39.28 -1.26
N VAL B 86 -18.43 -38.84 -0.01
CA VAL B 86 -19.46 -38.99 1.01
C VAL B 86 -20.66 -38.09 0.70
N SER B 87 -20.44 -36.98 -0.01
CA SER B 87 -21.52 -36.07 -0.38
C SER B 87 -21.20 -35.48 -1.73
N VAL B 88 -21.97 -35.85 -2.75
CA VAL B 88 -21.74 -35.40 -4.12
C VAL B 88 -23.07 -34.89 -4.69
N HIS B 89 -23.04 -33.70 -5.28
CA HIS B 89 -24.22 -33.20 -5.96
C HIS B 89 -24.34 -33.85 -7.34
N PRO B 90 -25.57 -34.14 -7.79
CA PRO B 90 -25.74 -34.88 -9.06
C PRO B 90 -25.05 -34.25 -10.27
N ALA B 91 -24.90 -32.93 -10.30
CA ALA B 91 -24.24 -32.28 -11.44
C ALA B 91 -22.80 -32.75 -11.62
N TYR B 92 -22.16 -33.27 -10.57
CA TYR B 92 -20.78 -33.72 -10.64
C TYR B 92 -20.65 -35.23 -10.55
N ASP B 93 -21.76 -35.97 -10.63
CA ASP B 93 -21.72 -37.42 -10.40
C ASP B 93 -20.77 -38.12 -11.35
N GLU B 94 -20.86 -37.81 -12.64
CA GLU B 94 -20.03 -38.51 -13.62
C GLU B 94 -18.59 -38.01 -13.62
N MET B 95 -18.37 -36.73 -13.31
CA MET B 95 -17.01 -36.20 -13.28
C MET B 95 -16.16 -36.82 -12.19
N PHE B 96 -16.79 -37.28 -11.10
CA PHE B 96 -16.06 -37.87 -9.98
C PHE B 96 -15.91 -39.38 -10.10
N ASP B 97 -16.57 -40.00 -11.09
CA ASP B 97 -16.53 -41.46 -11.20
C ASP B 97 -15.14 -41.98 -11.51
N GLY B 98 -14.29 -41.17 -12.14
CA GLY B 98 -12.93 -41.61 -12.41
C GLY B 98 -12.07 -41.81 -11.18
N PHE B 99 -12.53 -41.35 -10.02
CA PHE B 99 -11.82 -41.50 -8.77
C PHE B 99 -12.31 -42.67 -7.92
N ALA B 100 -13.39 -43.32 -8.33
CA ALA B 100 -13.90 -44.49 -7.63
C ALA B 100 -13.46 -45.75 -8.34
N PRO B 101 -13.45 -46.89 -7.66
CA PRO B 101 -13.16 -48.16 -8.33
C PRO B 101 -14.13 -48.41 -9.48
N ALA B 102 -13.63 -49.14 -10.50
CA ALA B 102 -14.38 -49.31 -11.75
C ALA B 102 -15.75 -49.92 -11.51
N GLU B 103 -15.88 -50.80 -10.51
CA GLU B 103 -17.15 -51.46 -10.26
C GLU B 103 -18.22 -50.51 -9.74
N LEU B 104 -17.83 -49.35 -9.21
CA LEU B 104 -18.78 -48.41 -8.63
C LEU B 104 -19.22 -47.30 -9.59
N ARG B 105 -18.64 -47.23 -10.79
CA ARG B 105 -18.95 -46.12 -11.69
C ARG B 105 -20.35 -46.29 -12.28
N GLY B 106 -21.15 -45.23 -12.19
CA GLY B 106 -22.53 -45.26 -12.63
C GLY B 106 -23.52 -45.70 -11.57
N ARG B 107 -23.04 -46.05 -10.38
CA ARG B 107 -23.89 -46.51 -9.27
C ARG B 107 -23.71 -45.55 -8.10
N PRO B 108 -24.44 -44.42 -8.10
CA PRO B 108 -24.15 -43.37 -7.11
C PRO B 108 -24.38 -43.77 -5.67
N GLN B 109 -25.37 -44.62 -5.39
CA GLN B 109 -25.63 -45.00 -4.00
C GLN B 109 -24.58 -45.97 -3.49
N ALA B 110 -24.18 -46.94 -4.31
CA ALA B 110 -23.15 -47.88 -3.90
C ALA B 110 -21.81 -47.18 -3.70
N ARG B 111 -21.52 -46.18 -4.55
CA ARG B 111 -20.27 -45.43 -4.42
C ARG B 111 -20.23 -44.65 -3.11
N GLN B 112 -21.36 -44.04 -2.72
CA GLN B 112 -21.38 -43.29 -1.47
C GLN B 112 -21.23 -44.20 -0.26
N GLU B 113 -21.80 -45.40 -0.32
CA GLU B 113 -21.71 -46.32 0.82
C GLU B 113 -20.29 -46.88 0.94
N TRP B 114 -19.66 -47.20 -0.18
CA TRP B 114 -18.26 -47.62 -0.16
C TRP B 114 -17.38 -46.54 0.45
N ALA B 115 -17.68 -45.26 0.18
CA ALA B 115 -16.86 -44.18 0.70
C ALA B 115 -17.02 -44.03 2.21
N VAL B 116 -18.24 -44.20 2.72
CA VAL B 116 -18.45 -44.14 4.17
C VAL B 116 -17.67 -45.23 4.87
N ASN B 117 -17.65 -46.43 4.29
CA ASN B 117 -16.91 -47.53 4.90
C ASN B 117 -15.39 -47.28 4.85
N GLN B 118 -14.91 -46.67 3.77
CA GLN B 118 -13.49 -46.33 3.67
C GLN B 118 -13.06 -45.39 4.79
N LEU B 119 -13.88 -44.39 5.10
CA LEU B 119 -13.55 -43.46 6.18
C LEU B 119 -13.48 -44.16 7.52
N LYS B 120 -14.41 -45.08 7.79
CA LYS B 120 -14.42 -45.78 9.07
C LYS B 120 -13.23 -46.73 9.20
N CYS B 121 -12.84 -47.38 8.10
CA CYS B 121 -11.65 -48.23 8.13
C CYS B 121 -10.39 -47.39 8.35
N ALA B 122 -10.39 -46.13 7.91
CA ALA B 122 -9.23 -45.27 8.11
C ALA B 122 -9.02 -44.93 9.58
N ALA B 123 -10.10 -44.87 10.36
CA ALA B 123 -9.97 -44.62 11.79
C ALA B 123 -9.25 -45.77 12.49
N LYS B 124 -9.65 -47.01 12.18
CA LYS B 124 -9.00 -48.16 12.80
C LYS B 124 -7.55 -48.29 12.34
N ALA B 125 -7.31 -48.11 11.04
CA ALA B 125 -5.94 -48.24 10.53
C ALA B 125 -5.03 -47.15 11.11
N SER B 126 -5.58 -45.98 11.39
CA SER B 126 -4.78 -44.93 12.02
C SER B 126 -4.45 -45.28 13.46
N GLN B 127 -5.41 -45.85 14.19
CA GLN B 127 -5.14 -46.31 15.55
C GLN B 127 -4.06 -47.39 15.58
N HIS B 128 -4.11 -48.34 14.64
CA HIS B 128 -3.08 -49.38 14.61
C HIS B 128 -1.69 -48.80 14.35
N LEU B 129 -1.61 -47.82 13.44
CA LEU B 129 -0.34 -47.19 13.11
C LEU B 129 0.13 -46.16 14.13
N GLY B 130 -0.68 -45.86 15.15
CA GLY B 130 -0.29 -44.87 16.13
C GLY B 130 -0.35 -43.44 15.67
N LEU B 131 -1.24 -43.13 14.72
CA LEU B 131 -1.37 -41.78 14.19
C LEU B 131 -2.44 -41.02 14.96
N LYS B 132 -2.26 -39.70 15.06
CA LYS B 132 -3.18 -38.84 15.78
C LYS B 132 -4.17 -38.13 14.88
N SER B 133 -3.78 -37.79 13.65
CA SER B 133 -4.62 -36.99 12.77
C SER B 133 -4.92 -37.76 11.49
N HIS B 134 -5.95 -37.30 10.78
CA HIS B 134 -6.35 -37.88 9.50
C HIS B 134 -6.88 -36.76 8.61
N ALA B 135 -6.44 -36.74 7.36
CA ALA B 135 -6.78 -35.68 6.42
C ALA B 135 -7.86 -36.15 5.46
N SER B 136 -8.81 -35.26 5.18
CA SER B 136 -9.94 -35.63 4.32
C SER B 136 -10.62 -34.37 3.79
N PHE B 137 -11.54 -34.59 2.85
CA PHE B 137 -12.46 -33.58 2.36
C PHE B 137 -13.84 -33.85 2.93
N SER B 138 -14.72 -32.86 2.82
CA SER B 138 -16.06 -32.95 3.37
C SER B 138 -17.14 -33.26 2.35
N GLY B 139 -16.88 -33.05 1.06
CA GLY B 139 -17.90 -33.15 0.04
C GLY B 139 -18.71 -31.87 -0.06
N ALA B 140 -19.59 -31.83 -1.05
CA ALA B 140 -20.38 -30.63 -1.29
C ALA B 140 -21.76 -31.01 -1.82
N LEU B 141 -22.80 -30.49 -1.17
CA LEU B 141 -24.16 -30.59 -1.66
C LEU B 141 -24.70 -29.29 -2.25
N ALA B 142 -24.19 -28.15 -1.80
CA ALA B 142 -24.73 -26.84 -2.17
C ALA B 142 -23.75 -25.98 -2.96
N TRP B 143 -22.60 -26.52 -3.35
CA TRP B 143 -21.62 -25.73 -4.08
C TRP B 143 -22.13 -25.09 -5.37
N PRO B 144 -22.98 -25.72 -6.18
CA PRO B 144 -23.50 -25.02 -7.37
C PRO B 144 -24.25 -23.72 -7.06
N PHE B 145 -24.66 -23.51 -5.81
CA PHE B 145 -25.42 -22.32 -5.43
C PHE B 145 -24.58 -21.37 -4.57
N ILE B 146 -23.27 -21.36 -4.80
CA ILE B 146 -22.38 -20.56 -3.98
C ILE B 146 -22.67 -19.08 -4.16
N TYR B 147 -23.02 -18.66 -5.38
CA TYR B 147 -23.39 -17.26 -5.55
C TYR B 147 -24.91 -17.13 -5.55
N PRO B 148 -25.47 -16.16 -4.82
CA PRO B 148 -26.94 -16.06 -4.71
C PRO B 148 -27.63 -15.54 -5.97
N TRP B 149 -27.32 -16.11 -7.12
CA TRP B 149 -28.06 -15.81 -8.35
C TRP B 149 -28.18 -17.05 -9.22
N PRO B 150 -29.38 -17.61 -9.38
CA PRO B 150 -30.68 -17.16 -8.87
C PRO B 150 -30.78 -17.22 -7.34
N GLN B 151 -31.75 -16.52 -6.78
CA GLN B 151 -31.83 -16.39 -5.32
C GLN B 151 -32.14 -17.74 -4.67
N ARG B 152 -31.41 -18.04 -3.61
CA ARG B 152 -31.57 -19.33 -2.94
C ARG B 152 -32.89 -19.38 -2.18
N PRO B 153 -33.70 -20.42 -2.37
CA PRO B 153 -34.95 -20.54 -1.60
C PRO B 153 -34.66 -20.72 -0.13
N ALA B 154 -35.64 -20.34 0.69
CA ALA B 154 -35.47 -20.42 2.14
C ALA B 154 -35.28 -21.87 2.59
N GLY B 155 -34.29 -22.08 3.46
CA GLY B 155 -34.02 -23.37 4.02
C GLY B 155 -33.08 -24.25 3.21
N LEU B 156 -32.68 -23.82 2.00
CA LEU B 156 -31.83 -24.65 1.16
C LEU B 156 -30.47 -24.88 1.80
N VAL B 157 -29.80 -23.81 2.21
CA VAL B 157 -28.47 -23.95 2.80
C VAL B 157 -28.54 -24.69 4.12
N GLU B 158 -29.59 -24.43 4.92
CA GLU B 158 -29.72 -25.12 6.20
C GLU B 158 -29.95 -26.62 6.00
N MET B 159 -30.72 -26.99 4.98
CA MET B 159 -30.93 -28.41 4.71
C MET B 159 -29.64 -29.09 4.29
N ALA B 160 -28.82 -28.41 3.49
CA ALA B 160 -27.57 -28.99 3.03
C ALA B 160 -26.65 -29.30 4.20
N PHE B 161 -26.54 -28.39 5.16
CA PHE B 161 -25.67 -28.62 6.31
C PHE B 161 -26.26 -29.61 7.30
N ALA B 162 -27.59 -29.69 7.38
CA ALA B 162 -28.22 -30.71 8.21
C ALA B 162 -27.91 -32.11 7.70
N GLU B 163 -27.98 -32.32 6.38
CA GLU B 163 -27.65 -33.62 5.81
C GLU B 163 -26.15 -33.92 5.94
N LEU B 164 -25.32 -32.89 5.76
CA LEU B 164 -23.88 -33.08 5.85
C LEU B 164 -23.46 -33.53 7.25
N GLY B 165 -24.00 -32.87 8.29
CA GLY B 165 -23.71 -33.31 9.65
C GLY B 165 -24.28 -34.69 9.94
N LYS B 166 -25.47 -34.98 9.41
CA LYS B 166 -26.10 -36.28 9.64
C LYS B 166 -25.30 -37.41 9.02
N ARG B 167 -24.56 -37.14 7.93
CA ARG B 167 -23.76 -38.19 7.31
C ARG B 167 -22.40 -38.33 7.97
N TRP B 168 -21.85 -37.25 8.53
CA TRP B 168 -20.52 -37.29 9.10
C TRP B 168 -20.50 -37.63 10.59
N THR B 169 -21.62 -37.43 11.29
CA THR B 169 -21.65 -37.76 12.72
C THR B 169 -21.37 -39.22 13.01
N PRO B 170 -21.97 -40.20 12.30
CA PRO B 170 -21.55 -41.60 12.52
C PRO B 170 -20.06 -41.81 12.29
N ILE B 171 -19.50 -41.23 11.23
CA ILE B 171 -18.08 -41.37 10.94
C ILE B 171 -17.24 -40.73 12.06
N LEU B 172 -17.65 -39.54 12.52
CA LEU B 172 -16.91 -38.87 13.58
C LEU B 172 -16.95 -39.66 14.88
N ASP B 173 -18.06 -40.36 15.17
CA ASP B 173 -18.12 -41.18 16.37
C ASP B 173 -17.14 -42.35 16.30
N THR B 174 -16.95 -42.91 15.11
CA THR B 174 -15.94 -43.95 14.95
C THR B 174 -14.53 -43.41 15.19
N PHE B 175 -14.27 -42.16 14.77
CA PHE B 175 -12.96 -41.58 15.04
C PHE B 175 -12.75 -41.31 16.52
N GLU B 176 -13.84 -41.09 17.27
CA GLU B 176 -13.70 -40.93 18.72
C GLU B 176 -13.28 -42.24 19.38
N GLU B 177 -13.85 -43.38 18.92
CA GLU B 177 -13.53 -44.67 19.51
C GLU B 177 -12.05 -45.02 19.36
N ASN B 178 -11.44 -44.63 18.25
CA ASN B 178 -10.03 -44.91 17.99
C ASN B 178 -9.10 -43.80 18.45
N GLY B 179 -9.64 -42.67 18.92
CA GLY B 179 -8.82 -41.58 19.40
C GLY B 179 -8.06 -40.85 18.31
N VAL B 180 -8.70 -40.59 17.18
CA VAL B 180 -8.05 -39.97 16.03
C VAL B 180 -8.83 -38.70 15.67
N ASP B 181 -8.11 -37.62 15.42
CA ASP B 181 -8.72 -36.37 15.01
C ASP B 181 -8.94 -36.36 13.50
N LEU B 182 -10.11 -35.88 13.08
CA LEU B 182 -10.45 -35.79 11.67
C LEU B 182 -10.29 -34.35 11.21
N CYS B 183 -9.36 -34.11 10.29
CA CYS B 183 -8.97 -32.77 9.87
C CYS B 183 -9.48 -32.52 8.45
N TYR B 184 -10.46 -31.62 8.32
CA TYR B 184 -10.96 -31.23 7.01
C TYR B 184 -10.09 -30.13 6.42
N GLU B 185 -9.80 -30.24 5.12
CA GLU B 185 -9.08 -29.21 4.40
C GLU B 185 -10.09 -28.29 3.72
N LEU B 186 -10.12 -27.03 4.15
CA LEU B 186 -11.04 -26.04 3.60
C LEU B 186 -10.64 -25.70 2.17
N HIS B 187 -11.52 -25.98 1.21
CA HIS B 187 -11.16 -26.08 -0.19
C HIS B 187 -12.35 -25.70 -1.05
N PRO B 188 -12.15 -24.99 -2.17
CA PRO B 188 -13.27 -24.72 -3.07
C PRO B 188 -13.86 -26.03 -3.61
N GLY B 189 -15.14 -25.99 -3.93
CA GLY B 189 -15.83 -27.21 -4.31
C GLY B 189 -16.25 -28.09 -3.15
N GLU B 190 -16.10 -27.62 -1.93
CA GLU B 190 -16.61 -28.29 -0.75
C GLU B 190 -17.57 -27.34 -0.05
N ASP B 191 -18.52 -27.90 0.71
CA ASP B 191 -19.35 -27.04 1.54
C ASP B 191 -18.52 -26.38 2.63
N LEU B 192 -17.46 -27.05 3.08
CA LEU B 192 -16.51 -26.48 4.03
C LEU B 192 -15.38 -25.86 3.24
N HIS B 193 -15.50 -24.56 2.95
CA HIS B 193 -14.49 -23.87 2.16
C HIS B 193 -13.91 -22.63 2.82
N ASP B 194 -14.35 -22.27 4.03
CA ASP B 194 -13.76 -21.17 4.76
C ASP B 194 -14.10 -21.34 6.24
N GLY B 195 -13.77 -20.32 7.04
CA GLY B 195 -13.97 -20.44 8.47
C GLY B 195 -15.43 -20.36 8.88
N ILE B 196 -16.21 -19.52 8.19
CA ILE B 196 -17.64 -19.38 8.51
C ILE B 196 -18.37 -20.70 8.30
N THR B 197 -18.10 -21.39 7.19
CA THR B 197 -18.78 -22.65 6.93
C THR B 197 -18.34 -23.76 7.88
N PHE B 198 -17.07 -23.74 8.31
CA PHE B 198 -16.64 -24.74 9.29
C PHE B 198 -17.35 -24.54 10.62
N GLU B 199 -17.52 -23.29 11.06
CA GLU B 199 -18.26 -23.05 12.29
C GLU B 199 -19.69 -23.52 12.16
N ARG B 200 -20.28 -23.35 10.97
CA ARG B 200 -21.64 -23.82 10.73
C ARG B 200 -21.70 -25.34 10.76
N PHE B 201 -20.70 -26.01 10.17
CA PHE B 201 -20.66 -27.47 10.21
C PHE B 201 -20.43 -27.98 11.62
N LEU B 202 -19.58 -27.28 12.39
CA LEU B 202 -19.31 -27.69 13.77
C LEU B 202 -20.59 -27.71 14.60
N GLU B 203 -21.50 -26.76 14.36
CA GLU B 203 -22.75 -26.74 15.12
C GLU B 203 -23.69 -27.84 14.66
N ALA B 204 -23.72 -28.14 13.36
CA ALA B 204 -24.57 -29.21 12.85
C ALA B 204 -24.13 -30.59 13.33
N THR B 205 -22.94 -30.72 13.90
CA THR B 205 -22.47 -31.99 14.45
C THR B 205 -22.44 -32.00 15.97
N GLY B 206 -23.08 -31.02 16.62
CA GLY B 206 -23.06 -30.95 18.07
C GLY B 206 -21.71 -30.60 18.66
N ASN B 207 -20.94 -29.75 17.97
CA ASN B 207 -19.62 -29.33 18.43
C ASN B 207 -18.70 -30.54 18.69
N HIS B 208 -18.76 -31.50 17.77
CA HIS B 208 -17.99 -32.74 17.94
C HIS B 208 -16.51 -32.44 18.09
N SER B 209 -15.90 -33.06 19.11
CA SER B 209 -14.51 -32.76 19.46
C SER B 209 -13.50 -33.28 18.45
N ARG B 210 -13.91 -34.14 17.52
CA ARG B 210 -12.99 -34.71 16.55
C ARG B 210 -13.00 -33.98 15.21
N ALA B 211 -13.86 -32.98 15.03
CA ALA B 211 -13.90 -32.18 13.80
C ALA B 211 -12.89 -31.05 13.92
N ASN B 212 -11.85 -31.09 13.10
CA ASN B 212 -10.76 -30.12 13.18
C ASN B 212 -10.40 -29.68 11.76
N ILE B 213 -9.31 -28.94 11.64
CA ILE B 213 -8.92 -28.25 10.40
C ILE B 213 -7.53 -28.69 9.97
N LEU B 214 -7.37 -28.95 8.68
CA LEU B 214 -6.06 -28.99 8.03
C LEU B 214 -5.80 -27.62 7.42
N TYR B 215 -4.77 -26.94 7.91
CA TYR B 215 -4.48 -25.58 7.48
C TYR B 215 -3.63 -25.60 6.21
N ASP B 216 -4.15 -25.01 5.14
CA ASP B 216 -3.42 -24.86 3.88
C ASP B 216 -3.62 -23.43 3.40
N PRO B 217 -2.62 -22.55 3.52
CA PRO B 217 -2.85 -21.13 3.21
C PRO B 217 -3.07 -20.86 1.73
N SER B 218 -2.69 -21.77 0.83
CA SER B 218 -2.77 -21.49 -0.59
C SER B 218 -4.21 -21.26 -1.04
N HIS B 219 -5.16 -22.03 -0.49
CA HIS B 219 -6.55 -21.89 -0.91
C HIS B 219 -7.15 -20.57 -0.43
N PHE B 220 -6.63 -20.02 0.68
CA PHE B 220 -7.11 -18.73 1.14
C PHE B 220 -6.59 -17.59 0.28
N VAL B 221 -5.37 -17.72 -0.24
CA VAL B 221 -4.82 -16.69 -1.12
C VAL B 221 -5.63 -16.61 -2.41
N LEU B 222 -6.04 -17.76 -2.97
CA LEU B 222 -6.74 -17.74 -4.25
C LEU B 222 -8.15 -17.17 -4.15
N GLN B 223 -8.69 -17.00 -2.96
CA GLN B 223 -9.99 -16.34 -2.80
C GLN B 223 -9.88 -15.04 -2.01
N ALA B 224 -8.66 -14.49 -1.91
CA ALA B 224 -8.40 -13.19 -1.28
C ALA B 224 -8.91 -13.15 0.16
N MET B 225 -8.43 -14.10 0.96
CA MET B 225 -8.80 -14.22 2.37
C MET B 225 -7.54 -14.13 3.22
N ASP B 226 -7.65 -13.48 4.38
CA ASP B 226 -6.47 -13.25 5.23
C ASP B 226 -6.13 -14.55 5.95
N TYR B 227 -5.11 -15.26 5.45
CA TYR B 227 -4.73 -16.56 5.98
C TYR B 227 -3.99 -16.47 7.31
N LEU B 228 -3.43 -15.30 7.65
CA LEU B 228 -2.76 -15.16 8.93
C LEU B 228 -3.76 -14.90 10.05
N ASP B 229 -4.80 -14.11 9.78
CA ASP B 229 -5.85 -13.90 10.77
C ASP B 229 -6.59 -15.19 11.07
N PHE B 230 -6.65 -16.10 10.08
CA PHE B 230 -7.30 -17.39 10.28
C PHE B 230 -6.65 -18.17 11.41
N ILE B 231 -5.31 -18.15 11.48
CA ILE B 231 -4.61 -18.88 12.53
C ILE B 231 -4.93 -18.30 13.90
N ASP B 232 -5.02 -16.98 13.99
CA ASP B 232 -5.34 -16.35 15.27
C ASP B 232 -6.74 -16.71 15.76
N ILE B 233 -7.66 -17.02 14.84
CA ILE B 233 -9.04 -17.30 15.22
C ILE B 233 -9.26 -18.78 15.50
N TYR B 234 -8.66 -19.67 14.72
CA TYR B 234 -9.00 -21.10 14.75
C TYR B 234 -7.83 -21.99 15.20
N HIS B 235 -6.80 -21.43 15.85
CA HIS B 235 -5.62 -22.24 16.15
C HIS B 235 -5.93 -23.45 17.03
N GLU B 236 -6.98 -23.36 17.85
CA GLU B 236 -7.29 -24.47 18.75
C GLU B 236 -7.87 -25.67 18.02
N ARG B 237 -8.35 -25.49 16.78
CA ARG B 237 -8.89 -26.57 15.98
C ARG B 237 -7.99 -26.96 14.82
N ILE B 238 -6.78 -26.42 14.75
CA ILE B 238 -5.84 -26.74 13.68
C ILE B 238 -4.93 -27.88 14.15
N ARG B 239 -5.00 -29.01 13.46
CA ARG B 239 -4.24 -30.20 13.84
C ARG B 239 -3.34 -30.73 12.73
N ALA B 240 -3.37 -30.13 11.53
CA ALA B 240 -2.52 -30.56 10.43
C ALA B 240 -2.14 -29.34 9.61
N PHE B 241 -1.08 -29.47 8.83
CA PHE B 241 -0.46 -28.32 8.17
C PHE B 241 0.08 -28.72 6.80
N HIS B 242 -0.45 -28.09 5.75
CA HIS B 242 0.09 -28.22 4.40
C HIS B 242 0.90 -26.98 4.05
N VAL B 243 2.15 -27.18 3.65
CA VAL B 243 3.00 -26.09 3.18
C VAL B 243 2.86 -26.00 1.67
N LYS B 244 2.17 -24.97 1.19
CA LYS B 244 1.89 -24.84 -0.24
C LYS B 244 1.80 -23.36 -0.60
N ASP B 245 2.47 -22.98 -1.69
CA ASP B 245 2.52 -21.58 -2.10
C ASP B 245 1.54 -21.30 -3.23
N ALA B 246 1.16 -20.02 -3.34
CA ALA B 246 0.22 -19.58 -4.36
C ALA B 246 0.32 -18.08 -4.50
N GLU B 247 -0.22 -17.56 -5.61
CA GLU B 247 -0.21 -16.13 -5.89
C GLU B 247 -1.54 -15.72 -6.50
N PHE B 248 -1.89 -14.45 -6.29
CA PHE B 248 -3.11 -13.88 -6.85
C PHE B 248 -2.77 -12.51 -7.44
N ASN B 249 -2.78 -12.41 -8.77
CA ASN B 249 -2.45 -11.17 -9.47
C ASN B 249 -3.63 -10.79 -10.37
N PRO B 250 -4.58 -10.02 -9.86
CA PRO B 250 -5.74 -9.64 -10.68
C PRO B 250 -5.36 -8.68 -11.79
N THR B 251 -6.05 -8.80 -12.91
CA THR B 251 -5.83 -7.96 -14.08
C THR B 251 -7.14 -7.25 -14.43
N GLY B 252 -7.13 -6.55 -15.56
CA GLY B 252 -8.36 -5.98 -16.05
C GLY B 252 -9.24 -6.94 -16.80
N ARG B 253 -8.82 -8.21 -16.93
CA ARG B 253 -9.59 -9.20 -17.68
C ARG B 253 -10.17 -10.31 -16.82
N SER B 254 -9.62 -10.56 -15.64
CA SER B 254 -10.07 -11.70 -14.85
C SER B 254 -9.75 -11.48 -13.38
N GLY B 255 -10.50 -12.15 -12.52
CA GLY B 255 -10.35 -12.06 -11.08
C GLY B 255 -10.36 -13.44 -10.46
N VAL B 256 -11.01 -13.54 -9.30
CA VAL B 256 -10.96 -14.77 -8.51
C VAL B 256 -11.63 -15.93 -9.25
N TYR B 257 -12.73 -15.65 -9.95
CA TYR B 257 -13.46 -16.72 -10.64
C TYR B 257 -12.60 -17.38 -11.71
N GLY B 258 -11.82 -16.59 -12.45
CA GLY B 258 -10.79 -17.13 -13.32
C GLY B 258 -11.18 -17.25 -14.78
N GLY B 259 -12.46 -17.14 -15.11
CA GLY B 259 -12.88 -17.18 -16.50
C GLY B 259 -12.65 -18.47 -17.22
N TYR B 260 -12.78 -19.61 -16.53
CA TYR B 260 -12.58 -20.95 -17.10
C TYR B 260 -11.18 -21.14 -17.67
N GLN B 261 -10.21 -20.31 -17.26
CA GLN B 261 -8.86 -20.43 -17.77
C GLN B 261 -8.12 -21.58 -17.10
N GLY B 262 -7.07 -22.05 -17.78
CA GLY B 262 -6.19 -23.04 -17.19
C GLY B 262 -5.30 -22.44 -16.11
N TRP B 263 -4.59 -23.32 -15.41
CA TRP B 263 -3.82 -22.88 -14.25
C TRP B 263 -2.69 -21.93 -14.62
N VAL B 264 -2.12 -22.06 -15.82
CA VAL B 264 -1.01 -21.20 -16.20
C VAL B 264 -1.48 -19.78 -16.42
N ASP B 265 -2.71 -19.60 -16.90
CA ASP B 265 -3.21 -18.28 -17.28
C ASP B 265 -4.12 -17.66 -16.22
N ARG B 266 -4.48 -18.40 -15.17
CA ARG B 266 -5.38 -17.88 -14.15
C ARG B 266 -4.71 -16.75 -13.37
N PRO B 267 -5.46 -15.72 -12.97
CA PRO B 267 -4.88 -14.71 -12.07
C PRO B 267 -4.42 -15.31 -10.76
N GLY B 268 -5.20 -16.21 -10.19
CA GLY B 268 -4.81 -16.93 -8.99
C GLY B 268 -4.42 -18.35 -9.30
N ARG B 269 -3.17 -18.70 -9.01
CA ARG B 269 -2.65 -20.01 -9.38
C ARG B 269 -1.64 -20.47 -8.34
N PHE B 270 -1.40 -21.79 -8.31
CA PHE B 270 -0.42 -22.36 -7.39
C PHE B 270 0.99 -22.21 -7.94
N ARG B 271 1.94 -22.03 -7.02
CA ARG B 271 3.33 -21.88 -7.38
C ARG B 271 4.19 -22.72 -6.45
N SER B 272 5.38 -23.07 -6.93
CA SER B 272 6.35 -23.80 -6.13
C SER B 272 6.78 -22.96 -4.94
N LEU B 273 7.23 -23.63 -3.89
CA LEU B 273 7.60 -22.96 -2.64
C LEU B 273 8.64 -21.86 -2.88
N GLY B 274 8.35 -20.67 -2.39
CA GLY B 274 9.23 -19.54 -2.56
C GLY B 274 8.94 -18.66 -3.75
N ASP B 275 8.12 -19.12 -4.69
CA ASP B 275 7.79 -18.37 -5.90
C ASP B 275 6.39 -17.74 -5.85
N GLY B 276 5.74 -17.76 -4.69
CA GLY B 276 4.42 -17.19 -4.56
C GLY B 276 4.34 -16.00 -3.62
N HIS B 277 3.16 -15.76 -3.04
CA HIS B 277 2.92 -14.61 -2.18
C HIS B 277 2.79 -14.95 -0.71
N VAL B 278 2.80 -16.24 -0.34
CA VAL B 278 2.57 -16.61 1.05
C VAL B 278 3.77 -16.23 1.89
N ASP B 279 3.50 -15.54 3.01
CA ASP B 279 4.53 -15.20 3.99
C ASP B 279 4.71 -16.39 4.91
N PHE B 280 5.58 -17.33 4.52
CA PHE B 280 5.76 -18.54 5.30
C PHE B 280 6.54 -18.29 6.58
N GLY B 281 7.39 -17.25 6.60
CA GLY B 281 8.03 -16.87 7.85
C GLY B 281 7.03 -16.54 8.94
N ALA B 282 5.97 -15.80 8.59
CA ALA B 282 4.94 -15.47 9.56
C ALA B 282 4.08 -16.68 9.91
N VAL B 283 3.84 -17.58 8.96
CA VAL B 283 3.01 -18.74 9.21
C VAL B 283 3.68 -19.67 10.23
N PHE B 284 4.96 -19.96 10.03
CA PHE B 284 5.67 -20.83 10.96
C PHE B 284 5.81 -20.19 12.34
N SER B 285 5.93 -18.86 12.39
CA SER B 285 6.01 -18.17 13.68
C SER B 285 4.72 -18.31 14.45
N LYS B 286 3.58 -18.10 13.80
CA LYS B 286 2.30 -18.21 14.50
C LYS B 286 2.02 -19.64 14.95
N LEU B 287 2.30 -20.62 14.09
CA LEU B 287 2.09 -22.01 14.49
C LEU B 287 3.00 -22.40 15.64
N THR B 288 4.23 -21.88 15.65
CA THR B 288 5.16 -22.19 16.73
C THR B 288 4.71 -21.57 18.04
N GLN B 289 4.16 -20.36 17.98
CA GLN B 289 3.74 -19.66 19.19
C GLN B 289 2.44 -20.20 19.77
N TYR B 290 1.62 -20.86 18.95
CA TYR B 290 0.35 -21.41 19.38
C TYR B 290 0.44 -22.90 19.71
N ASP B 291 1.66 -23.44 19.87
CA ASP B 291 1.89 -24.82 20.29
C ASP B 291 1.21 -25.81 19.36
N PHE B 292 1.66 -25.81 18.11
CA PHE B 292 1.19 -26.74 17.10
C PHE B 292 2.04 -28.01 17.16
N GLU B 293 1.38 -29.14 17.43
CA GLU B 293 2.06 -30.43 17.57
C GLU B 293 1.83 -31.26 16.31
N GLY B 294 2.43 -30.83 15.22
CA GLY B 294 2.25 -31.54 13.98
C GLY B 294 3.44 -31.56 13.05
N TRP B 295 3.18 -31.92 11.79
CA TRP B 295 4.19 -32.02 10.76
C TRP B 295 3.95 -30.94 9.71
N ALA B 296 5.04 -30.38 9.18
CA ALA B 296 4.97 -29.47 8.04
C ALA B 296 5.06 -30.32 6.78
N VAL B 297 3.92 -30.56 6.15
CA VAL B 297 3.83 -31.46 5.01
C VAL B 297 3.75 -30.66 3.72
N LEU B 298 4.70 -30.88 2.81
CA LEU B 298 4.69 -30.23 1.52
C LEU B 298 3.64 -30.86 0.60
N GLU B 299 2.75 -30.03 0.08
CA GLU B 299 1.84 -30.42 -1.00
C GLU B 299 2.26 -29.60 -2.20
N TRP B 300 2.89 -30.25 -3.18
CA TRP B 300 3.54 -29.51 -4.25
C TRP B 300 2.63 -29.39 -5.46
N GLU B 301 2.63 -28.20 -6.05
CA GLU B 301 1.91 -27.93 -7.29
C GLU B 301 2.37 -26.59 -7.85
N CYS B 302 2.72 -26.56 -9.13
CA CYS B 302 3.18 -25.35 -9.78
C CYS B 302 2.72 -25.34 -11.23
N ALA B 303 2.49 -24.14 -11.76
CA ALA B 303 2.08 -24.01 -13.15
C ALA B 303 3.25 -24.10 -14.12
N LEU B 304 4.47 -23.94 -13.65
CA LEU B 304 5.62 -23.85 -14.56
C LEU B 304 6.73 -24.84 -14.25
N LYS B 305 7.09 -25.00 -12.97
CA LYS B 305 8.33 -25.69 -12.62
C LYS B 305 8.21 -27.20 -12.79
N HIS B 306 9.33 -27.83 -13.14
CA HIS B 306 9.39 -29.28 -13.30
C HIS B 306 9.24 -29.97 -11.95
N PRO B 307 8.48 -31.06 -11.88
CA PRO B 307 8.19 -31.68 -10.57
C PRO B 307 9.42 -32.21 -9.84
N GLU B 308 10.48 -32.59 -10.57
CA GLU B 308 11.68 -33.05 -9.89
C GLU B 308 12.40 -31.91 -9.18
N ASP B 309 12.36 -30.71 -9.76
CA ASP B 309 13.00 -29.56 -9.11
C ASP B 309 12.21 -29.10 -7.89
N GLY B 310 10.87 -29.15 -7.97
CA GLY B 310 10.06 -28.73 -6.84
C GLY B 310 10.23 -29.62 -5.63
N ALA B 311 10.27 -30.94 -5.84
CA ALA B 311 10.44 -31.86 -4.72
C ALA B 311 11.81 -31.72 -4.08
N ARG B 312 12.84 -31.41 -4.88
CA ARG B 312 14.18 -31.29 -4.34
C ARG B 312 14.34 -30.03 -3.50
N GLU B 313 13.75 -28.92 -3.93
CA GLU B 313 13.89 -27.66 -3.20
C GLU B 313 13.01 -27.58 -1.96
N GLY B 314 11.92 -28.34 -1.90
CA GLY B 314 10.99 -28.22 -0.80
C GLY B 314 11.59 -28.57 0.55
N ALA B 315 12.42 -29.63 0.59
CA ALA B 315 12.96 -30.09 1.87
C ALA B 315 13.84 -29.03 2.52
N GLY B 316 14.71 -28.38 1.74
CA GLY B 316 15.54 -27.33 2.30
C GLY B 316 14.74 -26.12 2.71
N PHE B 317 13.70 -25.79 1.94
CA PHE B 317 12.83 -24.67 2.27
C PHE B 317 12.16 -24.87 3.62
N ILE B 318 11.62 -26.06 3.86
CA ILE B 318 10.92 -26.33 5.11
C ILE B 318 11.89 -26.28 6.29
N GLU B 319 13.12 -26.77 6.09
CA GLU B 319 14.09 -26.78 7.18
C GLU B 319 14.50 -25.38 7.61
N ASN B 320 14.57 -24.43 6.68
CA ASN B 320 15.00 -23.08 7.03
C ASN B 320 13.92 -22.30 7.78
N HIS B 321 12.65 -22.68 7.69
CA HIS B 321 11.58 -21.95 8.35
C HIS B 321 11.16 -22.56 9.69
N ILE B 322 11.57 -23.80 9.98
CA ILE B 322 11.27 -24.38 11.29
C ILE B 322 12.08 -23.64 12.36
N ILE B 323 11.41 -23.31 13.46
CA ILE B 323 12.01 -22.54 14.55
C ILE B 323 12.25 -23.48 15.73
N ARG B 324 13.50 -23.58 16.17
CA ARG B 324 13.83 -24.32 17.39
C ARG B 324 13.53 -23.45 18.59
N VAL B 325 12.69 -23.95 19.50
CA VAL B 325 12.28 -23.17 20.67
C VAL B 325 13.34 -23.31 21.76
N THR B 326 13.24 -22.49 22.80
CA THR B 326 14.25 -22.45 23.86
C THR B 326 14.23 -23.72 24.70
N GLY B 337 6.75 -17.43 44.13
CA GLY B 337 7.83 -16.66 44.70
C GLY B 337 7.87 -15.23 44.18
N THR B 338 6.96 -14.40 44.68
CA THR B 338 6.82 -13.01 44.27
C THR B 338 6.81 -12.16 45.53
N ASP B 339 7.63 -11.12 45.54
CA ASP B 339 7.72 -10.24 46.72
C ASP B 339 6.53 -9.29 46.67
N ASP B 340 5.44 -9.72 47.32
CA ASP B 340 4.21 -8.93 47.38
C ASP B 340 4.50 -7.53 47.89
N ALA B 341 5.30 -7.42 48.96
CA ALA B 341 5.58 -6.14 49.58
C ALA B 341 6.25 -5.17 48.61
N ALA B 342 7.23 -5.66 47.84
CA ALA B 342 7.89 -4.80 46.86
C ALA B 342 6.92 -4.33 45.79
N ASN B 343 6.08 -5.24 45.28
CA ASN B 343 5.09 -4.84 44.27
C ASN B 343 4.12 -3.80 44.83
N ARG B 344 3.75 -3.92 46.10
CA ARG B 344 2.87 -2.93 46.72
C ARG B 344 3.56 -1.57 46.80
N ARG B 345 4.87 -1.58 47.07
CA ARG B 345 5.61 -0.32 47.13
C ARG B 345 5.68 0.34 45.77
N LEU B 346 5.90 -0.45 44.71
CA LEU B 346 6.01 0.08 43.36
C LEU B 346 4.70 0.70 42.88
N LEU B 347 3.57 0.15 43.29
CA LEU B 347 2.25 0.67 42.93
C LEU B 347 1.75 1.73 43.90
N GLY B 348 2.53 2.07 44.93
CA GLY B 348 2.14 2.99 45.99
C GLY B 348 0.68 3.02 46.39
N MET C 1 -14.43 14.01 -27.50
CA MET C 1 -15.04 13.69 -26.21
C MET C 1 -16.52 13.99 -26.20
N LYS C 2 -17.25 13.33 -25.31
CA LYS C 2 -18.69 13.44 -25.23
C LYS C 2 -19.10 13.55 -23.77
N THR C 3 -20.07 14.41 -23.49
CA THR C 3 -20.59 14.54 -22.13
C THR C 3 -21.59 13.42 -21.85
N ILE C 4 -21.36 12.69 -20.77
CA ILE C 4 -22.22 11.56 -20.42
C ILE C 4 -23.61 12.07 -20.07
N LYS C 5 -24.63 11.45 -20.66
CA LYS C 5 -26.00 11.81 -20.37
C LYS C 5 -26.44 11.18 -19.05
N GLY C 6 -27.29 11.90 -18.32
CA GLY C 6 -27.78 11.42 -17.05
C GLY C 6 -28.21 12.54 -16.12
N PRO C 7 -28.66 12.18 -14.92
CA PRO C 7 -28.76 10.83 -14.36
C PRO C 7 -30.03 10.08 -14.79
N ALA C 8 -29.93 8.76 -14.89
CA ALA C 8 -31.05 7.88 -15.19
C ALA C 8 -31.13 6.83 -14.09
N ILE C 9 -32.22 6.06 -14.08
CA ILE C 9 -32.46 5.10 -13.02
C ILE C 9 -33.04 3.82 -13.61
N PHE C 10 -32.58 2.69 -13.10
CA PHE C 10 -33.10 1.37 -13.49
C PHE C 10 -34.25 1.02 -12.55
N LEU C 11 -35.43 0.78 -13.13
CA LEU C 11 -36.64 0.63 -12.32
C LEU C 11 -36.81 -0.76 -11.73
N ALA C 12 -35.95 -1.72 -12.09
CA ALA C 12 -36.19 -3.11 -11.70
C ALA C 12 -36.23 -3.28 -10.19
N GLN C 13 -35.37 -2.58 -9.46
CA GLN C 13 -35.30 -2.75 -8.02
C GLN C 13 -36.40 -2.00 -7.26
N PHE C 14 -37.23 -1.21 -7.94
CA PHE C 14 -38.22 -0.38 -7.27
C PHE C 14 -39.65 -0.67 -7.66
N VAL C 15 -39.90 -1.55 -8.64
CA VAL C 15 -41.27 -1.86 -9.04
C VAL C 15 -41.93 -2.68 -7.94
N GLY C 16 -43.20 -2.41 -7.69
CA GLY C 16 -43.96 -3.10 -6.66
C GLY C 16 -45.44 -3.25 -6.99
N ASP C 17 -46.27 -3.29 -5.94
CA ASP C 17 -47.70 -3.50 -6.07
C ASP C 17 -48.52 -2.28 -5.66
N LYS C 18 -47.89 -1.25 -5.10
CA LYS C 18 -48.59 -0.09 -4.57
C LYS C 18 -48.03 1.18 -5.18
N ALA C 19 -48.85 2.23 -5.21
CA ALA C 19 -48.43 3.48 -5.79
C ALA C 19 -47.30 4.11 -4.98
N PRO C 20 -46.39 4.83 -5.63
CA PRO C 20 -46.29 5.08 -7.07
C PRO C 20 -45.40 4.08 -7.80
N PHE C 21 -45.35 2.82 -7.34
CA PHE C 21 -44.44 1.82 -7.88
C PHE C 21 -45.14 0.73 -8.67
N ASP C 22 -46.33 1.00 -9.21
CA ASP C 22 -47.13 -0.04 -9.85
C ASP C 22 -47.17 0.05 -11.36
N THR C 23 -47.29 1.24 -11.93
CA THR C 23 -47.37 1.43 -13.37
C THR C 23 -46.15 2.18 -13.87
N LEU C 24 -45.89 2.05 -15.19
CA LEU C 24 -44.78 2.76 -15.79
C LEU C 24 -44.95 4.27 -15.69
N ASP C 25 -46.19 4.76 -15.82
CA ASP C 25 -46.42 6.18 -15.70
C ASP C 25 -46.14 6.69 -14.29
N ASN C 26 -46.60 5.95 -13.27
CA ASN C 26 -46.37 6.39 -11.89
C ASN C 26 -44.89 6.36 -11.57
N LEU C 27 -44.19 5.32 -12.02
CA LEU C 27 -42.75 5.26 -11.82
C LEU C 27 -42.05 6.40 -12.54
N GLY C 28 -42.56 6.79 -13.72
CA GLY C 28 -41.98 7.90 -14.45
C GLY C 28 -42.14 9.24 -13.74
N GLN C 29 -43.31 9.47 -13.13
CA GLN C 29 -43.49 10.69 -12.36
C GLN C 29 -42.67 10.66 -11.07
N TRP C 30 -42.58 9.49 -10.44
CA TRP C 30 -41.76 9.35 -9.25
C TRP C 30 -40.28 9.62 -9.56
N ALA C 31 -39.79 9.06 -10.66
CA ALA C 31 -38.39 9.27 -11.03
C ALA C 31 -38.11 10.73 -11.38
N ALA C 32 -39.03 11.39 -12.09
CA ALA C 32 -38.82 12.78 -12.48
C ALA C 32 -38.82 13.70 -11.27
N SER C 33 -39.62 13.38 -10.25
CA SER C 33 -39.65 14.21 -9.05
C SER C 33 -38.35 14.12 -8.25
N LEU C 34 -37.59 13.04 -8.41
CA LEU C 34 -36.34 12.85 -7.69
C LEU C 34 -35.13 13.41 -8.44
N GLY C 35 -35.30 13.84 -9.68
CA GLY C 35 -34.21 14.45 -10.44
C GLY C 35 -33.68 13.62 -11.58
N TYR C 36 -34.27 12.46 -11.85
CA TYR C 36 -33.80 11.64 -12.95
C TYR C 36 -34.46 12.10 -14.25
N LYS C 37 -33.74 11.93 -15.34
CA LYS C 37 -34.22 12.35 -16.66
C LYS C 37 -34.41 11.16 -17.60
N GLY C 38 -34.05 9.96 -17.19
CA GLY C 38 -34.23 8.77 -18.00
C GLY C 38 -34.51 7.59 -17.09
N ILE C 39 -35.03 6.53 -17.70
CA ILE C 39 -35.37 5.31 -16.98
C ILE C 39 -34.99 4.11 -17.84
N GLN C 40 -34.50 3.06 -17.19
CA GLN C 40 -34.30 1.76 -17.83
C GLN C 40 -35.47 0.87 -17.41
N VAL C 41 -36.18 0.32 -18.38
CA VAL C 41 -37.46 -0.35 -18.15
C VAL C 41 -37.25 -1.85 -18.29
N PRO C 42 -37.56 -2.65 -17.27
CA PRO C 42 -37.60 -4.10 -17.46
C PRO C 42 -38.87 -4.49 -18.21
N THR C 43 -38.74 -5.52 -19.04
CA THR C 43 -39.82 -5.93 -19.94
C THR C 43 -40.72 -6.95 -19.26
N ASP C 44 -41.39 -6.48 -18.22
CA ASP C 44 -42.41 -7.22 -17.50
C ASP C 44 -43.77 -6.88 -18.11
N PRO C 45 -44.57 -7.88 -18.48
CA PRO C 45 -45.89 -7.58 -19.08
C PRO C 45 -46.70 -6.57 -18.29
N LYS C 46 -46.59 -6.57 -16.97
CA LYS C 46 -47.29 -5.57 -16.16
C LYS C 46 -46.82 -4.16 -16.48
N LEU C 47 -45.58 -3.99 -16.92
CA LEU C 47 -45.00 -2.68 -17.20
C LEU C 47 -44.86 -2.38 -18.68
N PHE C 48 -44.41 -3.35 -19.48
CA PHE C 48 -44.13 -3.12 -20.89
C PHE C 48 -44.28 -4.42 -21.64
N ASP C 49 -45.26 -4.48 -22.56
CA ASP C 49 -45.51 -5.69 -23.34
C ASP C 49 -44.64 -5.69 -24.59
N LEU C 50 -43.72 -6.65 -24.68
CA LEU C 50 -42.84 -6.74 -25.83
C LEU C 50 -43.59 -7.16 -27.09
N GLU C 51 -44.62 -7.99 -26.93
CA GLU C 51 -45.36 -8.50 -28.08
C GLU C 51 -46.18 -7.40 -28.75
N LYS C 52 -46.79 -6.52 -27.96
CA LYS C 52 -47.54 -5.40 -28.52
C LYS C 52 -46.61 -4.30 -29.04
N ALA C 53 -45.48 -4.07 -28.37
CA ALA C 53 -44.57 -3.02 -28.80
C ALA C 53 -43.85 -3.40 -30.09
N ALA C 54 -43.53 -4.67 -30.28
CA ALA C 54 -42.87 -5.13 -31.49
C ALA C 54 -43.81 -5.20 -32.69
N ALA C 55 -45.12 -5.14 -32.48
CA ALA C 55 -46.08 -5.26 -33.57
C ALA C 55 -46.61 -3.93 -34.08
N SER C 56 -46.79 -2.94 -33.21
CA SER C 56 -47.40 -1.66 -33.59
C SER C 56 -46.47 -0.52 -33.22
N LYS C 57 -46.11 0.28 -34.22
CA LYS C 57 -45.38 1.51 -33.96
C LYS C 57 -46.16 2.44 -33.05
N ALA C 58 -47.50 2.39 -33.10
CA ALA C 58 -48.34 3.26 -32.28
C ALA C 58 -48.17 3.00 -30.79
N TYR C 59 -48.13 1.73 -30.38
CA TYR C 59 -47.97 1.39 -28.97
C TYR C 59 -46.72 2.02 -28.37
N CYS C 60 -45.59 1.92 -29.07
CA CYS C 60 -44.36 2.53 -28.59
C CYS C 60 -44.46 4.05 -28.57
N ASP C 61 -45.01 4.65 -29.63
CA ASP C 61 -45.17 6.10 -29.67
C ASP C 61 -46.09 6.60 -28.56
N ASP C 62 -47.09 5.80 -28.18
CA ASP C 62 -48.00 6.18 -27.10
C ASP C 62 -47.25 6.28 -25.78
N ILE C 63 -46.46 5.25 -25.44
CA ILE C 63 -45.74 5.25 -24.17
C ILE C 63 -44.72 6.39 -24.13
N LYS C 64 -43.97 6.57 -25.22
CA LYS C 64 -42.97 7.63 -25.29
C LYS C 64 -43.60 9.01 -25.05
N GLY C 65 -44.75 9.27 -25.68
CA GLY C 65 -45.36 10.59 -25.54
C GLY C 65 -45.80 10.90 -24.12
N ARG C 66 -46.44 9.93 -23.46
CA ARG C 66 -46.89 10.16 -22.09
C ARG C 66 -45.73 10.38 -21.15
N LEU C 67 -44.66 9.59 -21.28
CA LEU C 67 -43.48 9.78 -20.46
C LEU C 67 -42.85 11.15 -20.72
N ALA C 68 -42.89 11.61 -21.97
CA ALA C 68 -42.31 12.91 -22.30
C ALA C 68 -43.08 14.05 -21.65
N GLU C 69 -44.37 13.85 -21.36
CA GLU C 69 -45.13 14.87 -20.64
C GLU C 69 -44.57 15.09 -19.24
N THR C 70 -44.05 14.04 -18.61
CA THR C 70 -43.49 14.15 -17.27
C THR C 70 -42.05 14.61 -17.26
N GLY C 71 -41.35 14.51 -18.39
CA GLY C 71 -39.96 14.87 -18.47
C GLY C 71 -38.99 13.72 -18.41
N ILE C 72 -39.42 12.51 -18.82
CA ILE C 72 -38.62 11.31 -18.70
C ILE C 72 -38.61 10.63 -20.07
N GLU C 73 -37.49 10.02 -20.42
CA GLU C 73 -37.39 9.25 -21.66
C GLU C 73 -36.81 7.88 -21.35
N ILE C 74 -37.18 6.90 -22.17
CA ILE C 74 -36.67 5.54 -22.00
C ILE C 74 -35.22 5.50 -22.48
N THR C 75 -34.30 5.16 -21.59
CA THR C 75 -32.91 5.03 -21.97
C THR C 75 -32.67 3.72 -22.72
N GLU C 76 -32.99 2.59 -22.09
CA GLU C 76 -32.87 1.30 -22.75
C GLU C 76 -33.96 0.38 -22.22
N LEU C 77 -34.19 -0.71 -22.94
CA LEU C 77 -35.02 -1.79 -22.44
C LEU C 77 -34.14 -2.85 -21.80
N SER C 78 -34.72 -3.61 -20.89
CA SER C 78 -33.99 -4.63 -20.16
C SER C 78 -34.66 -5.98 -20.35
N THR C 79 -33.86 -6.97 -20.74
CA THR C 79 -34.28 -8.37 -20.82
C THR C 79 -33.28 -9.25 -20.07
N HIS C 80 -32.91 -8.82 -18.86
CA HIS C 80 -32.03 -9.64 -18.03
C HIS C 80 -32.65 -10.99 -17.76
N ILE C 81 -33.93 -11.00 -17.37
CA ILE C 81 -34.62 -12.24 -17.06
C ILE C 81 -34.70 -13.16 -18.28
N GLN C 82 -35.17 -12.62 -19.41
CA GLN C 82 -35.35 -13.45 -20.60
C GLN C 82 -34.01 -13.91 -21.15
N GLY C 83 -33.00 -13.03 -21.13
CA GLY C 83 -31.68 -13.42 -21.61
C GLY C 83 -31.07 -14.56 -20.82
N GLN C 84 -31.36 -14.62 -19.51
CA GLN C 84 -30.86 -15.70 -18.68
C GLN C 84 -31.41 -17.05 -19.16
N LEU C 85 -32.67 -17.08 -19.59
CA LEU C 85 -33.32 -18.33 -19.98
C LEU C 85 -32.88 -18.84 -21.35
N VAL C 86 -32.08 -18.08 -22.10
CA VAL C 86 -31.57 -18.58 -23.37
C VAL C 86 -30.61 -19.73 -23.17
N SER C 87 -29.95 -19.80 -22.01
CA SER C 87 -29.02 -20.89 -21.71
C SER C 87 -29.08 -21.20 -20.22
N VAL C 88 -29.62 -22.36 -19.87
CA VAL C 88 -29.78 -22.76 -18.47
C VAL C 88 -29.23 -24.16 -18.29
N HIS C 89 -28.38 -24.34 -17.27
CA HIS C 89 -27.90 -25.67 -16.92
C HIS C 89 -28.97 -26.41 -16.11
N PRO C 90 -29.11 -27.73 -16.31
CA PRO C 90 -30.19 -28.47 -15.63
C PRO C 90 -30.20 -28.33 -14.12
N ALA C 91 -29.05 -28.12 -13.48
CA ALA C 91 -29.02 -27.98 -12.03
C ALA C 91 -29.82 -26.78 -11.53
N TYR C 92 -30.03 -25.77 -12.36
CA TYR C 92 -30.76 -24.57 -11.97
C TYR C 92 -32.13 -24.46 -12.62
N ASP C 93 -32.60 -25.52 -13.27
CA ASP C 93 -33.85 -25.45 -14.04
C ASP C 93 -35.01 -24.98 -13.18
N GLU C 94 -35.16 -25.54 -11.98
CA GLU C 94 -36.33 -25.21 -11.17
C GLU C 94 -36.21 -23.84 -10.52
N MET C 95 -34.99 -23.41 -10.15
CA MET C 95 -34.82 -22.11 -9.51
C MET C 95 -35.17 -20.96 -10.44
N PHE C 96 -35.06 -21.17 -11.75
CA PHE C 96 -35.36 -20.15 -12.74
C PHE C 96 -36.80 -20.18 -13.24
N ASP C 97 -37.59 -21.19 -12.85
CA ASP C 97 -38.95 -21.30 -13.36
C ASP C 97 -39.83 -20.14 -12.92
N GLY C 98 -39.52 -19.53 -11.78
CA GLY C 98 -40.29 -18.38 -11.32
C GLY C 98 -40.16 -17.15 -12.20
N PHE C 99 -39.24 -17.17 -13.17
CA PHE C 99 -39.01 -16.04 -14.04
C PHE C 99 -39.72 -16.16 -15.38
N ALA C 100 -40.28 -17.32 -15.69
CA ALA C 100 -41.03 -17.61 -16.91
C ALA C 100 -42.52 -17.59 -16.63
N PRO C 101 -43.35 -17.43 -17.66
CA PRO C 101 -44.80 -17.55 -17.45
C PRO C 101 -45.16 -18.90 -16.86
N ALA C 102 -46.24 -18.92 -16.07
CA ALA C 102 -46.60 -20.10 -15.30
C ALA C 102 -46.86 -21.31 -16.21
N GLU C 103 -47.45 -21.08 -17.38
CA GLU C 103 -47.80 -22.20 -18.26
C GLU C 103 -46.58 -22.88 -18.85
N LEU C 104 -45.42 -22.24 -18.85
CA LEU C 104 -44.21 -22.80 -19.42
C LEU C 104 -43.36 -23.55 -18.40
N ARG C 105 -43.75 -23.54 -17.13
CA ARG C 105 -42.95 -24.19 -16.11
C ARG C 105 -43.00 -25.71 -16.27
N GLY C 106 -41.86 -26.36 -16.04
CA GLY C 106 -41.71 -27.77 -16.25
C GLY C 106 -41.33 -28.18 -17.66
N ARG C 107 -41.24 -27.23 -18.59
CA ARG C 107 -40.95 -27.50 -20.01
C ARG C 107 -39.73 -26.68 -20.41
N PRO C 108 -38.52 -27.22 -20.24
CA PRO C 108 -37.33 -26.39 -20.48
C PRO C 108 -37.15 -25.96 -21.92
N GLN C 109 -37.50 -26.81 -22.88
CA GLN C 109 -37.29 -26.49 -24.29
C GLN C 109 -38.26 -25.41 -24.75
N ALA C 110 -39.52 -25.48 -24.33
CA ALA C 110 -40.49 -24.45 -24.69
C ALA C 110 -40.17 -23.13 -24.00
N ARG C 111 -39.70 -23.18 -22.75
CA ARG C 111 -39.31 -21.97 -22.05
C ARG C 111 -38.13 -21.30 -22.73
N GLN C 112 -37.17 -22.10 -23.20
CA GLN C 112 -36.00 -21.55 -23.87
C GLN C 112 -36.37 -20.88 -25.19
N GLU C 113 -37.34 -21.46 -25.93
CA GLU C 113 -37.76 -20.84 -27.19
C GLU C 113 -38.60 -19.59 -26.96
N TRP C 114 -39.38 -19.56 -25.86
CA TRP C 114 -40.10 -18.34 -25.52
C TRP C 114 -39.15 -17.18 -25.27
N ALA C 115 -37.99 -17.47 -24.67
CA ALA C 115 -37.02 -16.43 -24.36
C ALA C 115 -36.37 -15.90 -25.64
N VAL C 116 -36.08 -16.77 -26.60
CA VAL C 116 -35.50 -16.32 -27.87
C VAL C 116 -36.45 -15.37 -28.58
N ASN C 117 -37.75 -15.65 -28.54
CA ASN C 117 -38.72 -14.76 -29.18
C ASN C 117 -38.79 -13.42 -28.47
N GLN C 118 -38.70 -13.43 -27.13
CA GLN C 118 -38.71 -12.19 -26.37
C GLN C 118 -37.53 -11.30 -26.75
N LEU C 119 -36.35 -11.89 -26.91
CA LEU C 119 -35.17 -11.10 -27.29
C LEU C 119 -35.35 -10.49 -28.66
N LYS C 120 -35.92 -11.24 -29.61
CA LYS C 120 -36.11 -10.73 -30.96
C LYS C 120 -37.17 -9.64 -31.01
N CYS C 121 -38.23 -9.76 -30.20
CA CYS C 121 -39.22 -8.70 -30.13
C CYS C 121 -38.65 -7.43 -29.51
N ALA C 122 -37.66 -7.56 -28.61
CA ALA C 122 -37.07 -6.37 -28.01
C ALA C 122 -36.26 -5.57 -29.02
N ALA C 123 -35.67 -6.23 -30.01
CA ALA C 123 -34.95 -5.50 -31.05
C ALA C 123 -35.90 -4.66 -31.89
N LYS C 124 -37.09 -5.18 -32.19
CA LYS C 124 -38.07 -4.42 -32.95
C LYS C 124 -38.63 -3.27 -32.13
N ALA C 125 -38.98 -3.51 -30.87
CA ALA C 125 -39.51 -2.45 -30.02
C ALA C 125 -38.46 -1.37 -29.77
N SER C 126 -37.18 -1.73 -29.76
CA SER C 126 -36.14 -0.72 -29.57
C SER C 126 -36.04 0.22 -30.76
N GLN C 127 -36.14 -0.32 -31.98
CA GLN C 127 -36.15 0.52 -33.17
C GLN C 127 -37.35 1.48 -33.16
N HIS C 128 -38.52 0.98 -32.77
CA HIS C 128 -39.71 1.82 -32.72
C HIS C 128 -39.52 2.98 -31.76
N LEU C 129 -38.91 2.73 -30.60
CA LEU C 129 -38.68 3.76 -29.61
C LEU C 129 -37.46 4.63 -29.94
N GLY C 130 -36.72 4.28 -30.98
CA GLY C 130 -35.53 5.05 -31.31
C GLY C 130 -34.35 4.79 -30.40
N LEU C 131 -34.24 3.61 -29.82
CA LEU C 131 -33.16 3.29 -28.90
C LEU C 131 -31.98 2.69 -29.65
N LYS C 132 -30.78 2.93 -29.12
CA LYS C 132 -29.54 2.47 -29.73
C LYS C 132 -28.92 1.27 -29.02
N SER C 133 -29.28 1.01 -27.77
CA SER C 133 -28.72 -0.09 -27.01
C SER C 133 -29.83 -0.86 -26.30
N HIS C 134 -29.48 -2.09 -25.89
CA HIS C 134 -30.38 -2.97 -25.16
C HIS C 134 -29.56 -3.82 -24.19
N ALA C 135 -30.07 -3.96 -22.97
CA ALA C 135 -29.37 -4.62 -21.87
C ALA C 135 -29.91 -6.04 -21.67
N SER C 136 -29.00 -6.98 -21.40
CA SER C 136 -29.40 -8.38 -21.22
C SER C 136 -28.31 -9.16 -20.50
N PHE C 137 -28.67 -10.39 -20.14
CA PHE C 137 -27.74 -11.39 -19.62
C PHE C 137 -27.46 -12.43 -20.70
N SER C 138 -26.44 -13.25 -20.48
CA SER C 138 -26.02 -14.24 -21.46
C SER C 138 -26.51 -15.66 -21.15
N GLY C 139 -26.89 -15.94 -19.92
CA GLY C 139 -27.16 -17.29 -19.50
C GLY C 139 -25.87 -18.02 -19.15
N ALA C 140 -26.01 -19.24 -18.64
CA ALA C 140 -24.85 -20.00 -18.20
C ALA C 140 -25.07 -21.48 -18.44
N LEU C 141 -24.12 -22.11 -19.12
CA LEU C 141 -24.07 -23.56 -19.27
C LEU C 141 -22.98 -24.21 -18.44
N ALA C 142 -21.89 -23.49 -18.14
CA ALA C 142 -20.73 -24.07 -17.49
C ALA C 142 -20.43 -23.48 -16.12
N TRP C 143 -21.32 -22.63 -15.59
CA TRP C 143 -21.06 -22.03 -14.28
C TRP C 143 -20.83 -23.02 -13.15
N PRO C 144 -21.53 -24.17 -13.07
CA PRO C 144 -21.19 -25.14 -12.01
C PRO C 144 -19.74 -25.62 -12.03
N PHE C 145 -19.03 -25.43 -13.14
CA PHE C 145 -17.65 -25.90 -13.25
C PHE C 145 -16.66 -24.73 -13.26
N ILE C 146 -17.01 -23.63 -12.57
CA ILE C 146 -16.16 -22.45 -12.59
C ILE C 146 -14.84 -22.74 -11.89
N TYR C 147 -14.84 -23.58 -10.84
CA TYR C 147 -13.57 -23.94 -10.25
C TYR C 147 -13.13 -25.32 -10.75
N PRO C 148 -11.85 -25.49 -11.10
CA PRO C 148 -11.41 -26.77 -11.68
C PRO C 148 -11.34 -27.91 -10.69
N TRP C 149 -12.38 -28.10 -9.89
CA TRP C 149 -12.47 -29.27 -9.03
C TRP C 149 -13.93 -29.68 -8.91
N PRO C 150 -14.33 -30.82 -9.50
CA PRO C 150 -13.52 -31.83 -10.21
C PRO C 150 -12.87 -31.29 -11.49
N GLN C 151 -11.78 -31.94 -11.92
CA GLN C 151 -11.03 -31.48 -13.08
C GLN C 151 -11.88 -31.54 -14.34
N ARG C 152 -11.84 -30.47 -15.12
CA ARG C 152 -12.72 -30.35 -16.28
C ARG C 152 -12.19 -31.18 -17.44
N PRO C 153 -12.99 -32.04 -18.05
CA PRO C 153 -12.51 -32.81 -19.20
C PRO C 153 -12.24 -31.90 -20.39
N ALA C 154 -11.35 -32.37 -21.27
CA ALA C 154 -10.96 -31.59 -22.43
C ALA C 154 -12.15 -31.33 -23.35
N GLY C 155 -12.28 -30.09 -23.81
CA GLY C 155 -13.35 -29.71 -24.71
C GLY C 155 -14.63 -29.25 -24.05
N LEU C 156 -14.73 -29.34 -22.72
CA LEU C 156 -15.96 -28.94 -22.04
C LEU C 156 -16.23 -27.46 -22.20
N VAL C 157 -15.24 -26.62 -21.90
CA VAL C 157 -15.43 -25.18 -21.99
C VAL C 157 -15.65 -24.75 -23.44
N GLU C 158 -14.90 -25.35 -24.37
CA GLU C 158 -15.03 -24.99 -25.78
C GLU C 158 -16.40 -25.35 -26.33
N MET C 159 -17.01 -26.42 -25.83
CA MET C 159 -18.36 -26.77 -26.29
C MET C 159 -19.40 -25.84 -25.70
N ALA C 160 -19.24 -25.43 -24.44
CA ALA C 160 -20.21 -24.54 -23.83
C ALA C 160 -20.27 -23.22 -24.59
N PHE C 161 -19.11 -22.67 -24.96
CA PHE C 161 -19.08 -21.41 -25.68
C PHE C 161 -19.47 -21.56 -27.14
N ALA C 162 -19.23 -22.73 -27.73
CA ALA C 162 -19.74 -22.99 -29.08
C ALA C 162 -21.27 -22.96 -29.09
N GLU C 163 -21.90 -23.53 -28.07
CA GLU C 163 -23.36 -23.52 -27.99
C GLU C 163 -23.90 -22.12 -27.75
N LEU C 164 -23.23 -21.32 -26.92
CA LEU C 164 -23.69 -19.95 -26.67
C LEU C 164 -23.67 -19.12 -27.95
N GLY C 165 -22.59 -19.22 -28.72
CA GLY C 165 -22.54 -18.51 -29.99
C GLY C 165 -23.59 -19.02 -30.97
N LYS C 166 -23.83 -20.33 -30.95
CA LYS C 166 -24.84 -20.90 -31.83
C LYS C 166 -26.24 -20.41 -31.49
N ARG C 167 -26.51 -20.15 -30.21
CA ARG C 167 -27.84 -19.69 -29.81
C ARG C 167 -28.02 -18.19 -29.93
N TRP C 168 -26.97 -17.41 -29.75
CA TRP C 168 -27.09 -15.96 -29.74
C TRP C 168 -26.85 -15.32 -31.10
N THR C 169 -26.15 -16.00 -32.01
CA THR C 169 -25.91 -15.42 -33.33
C THR C 169 -27.20 -15.13 -34.10
N PRO C 170 -28.18 -16.04 -34.17
CA PRO C 170 -29.47 -15.65 -34.79
C PRO C 170 -30.09 -14.42 -34.14
N ILE C 171 -30.08 -14.36 -32.82
CA ILE C 171 -30.62 -13.19 -32.12
C ILE C 171 -29.81 -11.95 -32.47
N LEU C 172 -28.48 -12.08 -32.48
CA LEU C 172 -27.63 -10.94 -32.81
C LEU C 172 -27.85 -10.47 -34.24
N ASP C 173 -28.19 -11.39 -35.15
CA ASP C 173 -28.52 -10.99 -36.51
C ASP C 173 -29.78 -10.16 -36.55
N THR C 174 -30.75 -10.47 -35.68
CA THR C 174 -31.96 -9.66 -35.59
C THR C 174 -31.64 -8.25 -35.10
N PHE C 175 -30.72 -8.12 -34.14
CA PHE C 175 -30.35 -6.80 -33.65
C PHE C 175 -29.61 -5.98 -34.69
N GLU C 176 -28.90 -6.64 -35.62
CA GLU C 176 -28.25 -5.91 -36.70
C GLU C 176 -29.27 -5.31 -37.67
N GLU C 177 -30.34 -6.04 -37.95
CA GLU C 177 -31.36 -5.54 -38.87
C GLU C 177 -32.03 -4.29 -38.33
N ASN C 178 -32.35 -4.27 -37.04
CA ASN C 178 -33.00 -3.13 -36.41
C ASN C 178 -32.00 -2.04 -36.00
N GLY C 179 -30.71 -2.28 -36.13
CA GLY C 179 -29.71 -1.29 -35.79
C GLY C 179 -29.56 -1.00 -34.31
N VAL C 180 -29.59 -2.04 -33.48
CA VAL C 180 -29.51 -1.90 -32.03
C VAL C 180 -28.34 -2.72 -31.50
N ASP C 181 -27.59 -2.14 -30.57
CA ASP C 181 -26.49 -2.84 -29.92
C ASP C 181 -27.00 -3.67 -28.74
N LEU C 182 -26.47 -4.88 -28.61
CA LEU C 182 -26.81 -5.77 -27.51
C LEU C 182 -25.70 -5.76 -26.47
N CYS C 183 -26.02 -5.30 -25.26
CA CYS C 183 -25.03 -5.10 -24.20
C CYS C 183 -25.24 -6.15 -23.12
N TYR C 184 -24.29 -7.08 -23.02
CA TYR C 184 -24.32 -8.09 -21.96
C TYR C 184 -23.70 -7.53 -20.69
N GLU C 185 -24.32 -7.82 -19.55
CA GLU C 185 -23.76 -7.44 -18.26
C GLU C 185 -22.93 -8.60 -17.70
N LEU C 186 -21.63 -8.36 -17.55
CA LEU C 186 -20.75 -9.39 -16.99
C LEU C 186 -21.05 -9.57 -15.50
N HIS C 187 -21.50 -10.77 -15.14
CA HIS C 187 -22.16 -11.01 -13.87
C HIS C 187 -21.88 -12.45 -13.44
N PRO C 188 -21.64 -12.68 -12.15
CA PRO C 188 -21.50 -14.07 -11.68
C PRO C 188 -22.78 -14.85 -11.94
N GLY C 189 -22.61 -16.17 -12.12
CA GLY C 189 -23.73 -17.00 -12.55
C GLY C 189 -24.02 -16.93 -14.02
N GLU C 190 -23.17 -16.26 -14.80
CA GLU C 190 -23.24 -16.25 -16.25
C GLU C 190 -21.93 -16.79 -16.80
N ASP C 191 -21.98 -17.32 -18.03
CA ASP C 191 -20.73 -17.68 -18.68
C ASP C 191 -19.90 -16.44 -19.01
N LEU C 192 -20.55 -15.31 -19.28
CA LEU C 192 -19.87 -14.03 -19.48
C LEU C 192 -19.82 -13.31 -18.15
N HIS C 193 -18.73 -13.51 -17.41
CA HIS C 193 -18.57 -12.91 -16.09
C HIS C 193 -17.30 -12.10 -15.94
N ASP C 194 -16.46 -12.03 -16.96
CA ASP C 194 -15.28 -11.17 -16.93
C ASP C 194 -14.84 -10.89 -18.36
N GLY C 195 -13.68 -10.24 -18.50
CA GLY C 195 -13.22 -9.84 -19.82
C GLY C 195 -12.73 -11.00 -20.66
N ILE C 196 -12.10 -11.99 -20.03
CA ILE C 196 -11.60 -13.14 -20.76
C ILE C 196 -12.75 -13.91 -21.40
N THR C 197 -13.84 -14.12 -20.67
CA THR C 197 -14.96 -14.87 -21.22
C THR C 197 -15.68 -14.11 -22.32
N PHE C 198 -15.72 -12.78 -22.24
CA PHE C 198 -16.33 -12.00 -23.31
C PHE C 198 -15.55 -12.15 -24.61
N GLU C 199 -14.21 -12.15 -24.53
CA GLU C 199 -13.40 -12.34 -25.72
C GLU C 199 -13.63 -13.73 -26.33
N ARG C 200 -13.80 -14.75 -25.48
CA ARG C 200 -14.06 -16.09 -25.97
C ARG C 200 -15.42 -16.17 -26.66
N PHE C 201 -16.42 -15.50 -26.09
CA PHE C 201 -17.74 -15.46 -26.71
C PHE C 201 -17.71 -14.71 -28.05
N LEU C 202 -16.92 -13.65 -28.13
CA LEU C 202 -16.81 -12.88 -29.37
C LEU C 202 -16.37 -13.74 -30.54
N GLU C 203 -15.30 -14.53 -30.34
CA GLU C 203 -14.84 -15.40 -31.41
C GLU C 203 -15.86 -16.48 -31.75
N ALA C 204 -16.71 -16.86 -30.80
CA ALA C 204 -17.75 -17.84 -31.06
C ALA C 204 -18.91 -17.27 -31.84
N THR C 205 -19.00 -15.94 -31.98
CA THR C 205 -20.05 -15.30 -32.75
C THR C 205 -19.52 -14.72 -34.05
N GLY C 206 -18.32 -15.09 -34.46
CA GLY C 206 -17.73 -14.52 -35.65
C GLY C 206 -17.36 -13.06 -35.50
N ASN C 207 -16.96 -12.65 -34.30
CA ASN C 207 -16.58 -11.27 -34.01
C ASN C 207 -17.71 -10.30 -34.36
N HIS C 208 -18.94 -10.70 -34.01
CA HIS C 208 -20.14 -9.94 -34.35
C HIS C 208 -20.09 -8.51 -33.84
N SER C 209 -20.44 -7.57 -34.73
CA SER C 209 -20.35 -6.14 -34.42
C SER C 209 -21.40 -5.66 -33.43
N ARG C 210 -22.44 -6.44 -33.15
CA ARG C 210 -23.50 -6.03 -32.25
C ARG C 210 -23.35 -6.58 -30.83
N ALA C 211 -22.33 -7.39 -30.57
CA ALA C 211 -22.08 -7.92 -29.23
C ALA C 211 -21.23 -6.92 -28.46
N ASN C 212 -21.82 -6.32 -27.42
CA ASN C 212 -21.13 -5.28 -26.66
C ASN C 212 -21.31 -5.54 -25.17
N ILE C 213 -20.87 -4.60 -24.36
CA ILE C 213 -20.73 -4.77 -22.92
C ILE C 213 -21.53 -3.70 -22.19
N LEU C 214 -22.24 -4.11 -21.14
CA LEU C 214 -22.77 -3.20 -20.14
C LEU C 214 -21.79 -3.17 -18.96
N TYR C 215 -21.19 -2.01 -18.72
CA TYR C 215 -20.16 -1.87 -17.70
C TYR C 215 -20.78 -1.57 -16.35
N ASP C 216 -20.56 -2.47 -15.39
CA ASP C 216 -20.98 -2.30 -13.99
C ASP C 216 -19.80 -2.65 -13.11
N PRO C 217 -19.14 -1.65 -12.50
CA PRO C 217 -17.89 -1.94 -11.77
C PRO C 217 -18.10 -2.72 -10.48
N SER C 218 -19.32 -2.77 -9.94
CA SER C 218 -19.55 -3.42 -8.65
C SER C 218 -19.24 -4.91 -8.71
N HIS C 219 -19.61 -5.58 -9.80
CA HIS C 219 -19.38 -7.02 -9.90
C HIS C 219 -17.89 -7.33 -10.01
N PHE C 220 -17.10 -6.40 -10.54
CA PHE C 220 -15.65 -6.61 -10.59
C PHE C 220 -15.02 -6.45 -9.21
N VAL C 221 -15.53 -5.50 -8.41
CA VAL C 221 -15.03 -5.30 -7.06
C VAL C 221 -15.30 -6.53 -6.20
N LEU C 222 -16.45 -7.18 -6.40
CA LEU C 222 -16.81 -8.32 -5.56
C LEU C 222 -15.97 -9.56 -5.84
N GLN C 223 -15.22 -9.60 -6.94
CA GLN C 223 -14.34 -10.71 -7.22
C GLN C 223 -12.88 -10.25 -7.30
N ALA C 224 -12.58 -9.07 -6.77
CA ALA C 224 -11.24 -8.52 -6.70
C ALA C 224 -10.59 -8.41 -8.07
N MET C 225 -11.26 -7.67 -8.96
CA MET C 225 -10.81 -7.44 -10.32
C MET C 225 -10.64 -5.95 -10.54
N ASP C 226 -9.61 -5.57 -11.31
CA ASP C 226 -9.29 -4.16 -11.51
C ASP C 226 -10.29 -3.58 -12.51
N TYR C 227 -11.31 -2.89 -12.00
CA TYR C 227 -12.39 -2.38 -12.84
C TYR C 227 -11.98 -1.18 -13.67
N LEU C 228 -10.88 -0.49 -13.31
CA LEU C 228 -10.42 0.63 -14.11
C LEU C 228 -9.60 0.17 -15.31
N ASP C 229 -8.76 -0.84 -15.13
CA ASP C 229 -8.02 -1.40 -16.25
C ASP C 229 -8.95 -2.03 -17.27
N PHE C 230 -10.12 -2.50 -16.83
CA PHE C 230 -11.11 -3.05 -17.75
C PHE C 230 -11.52 -2.00 -18.78
N ILE C 231 -11.72 -0.75 -18.35
CA ILE C 231 -12.14 0.31 -19.27
C ILE C 231 -11.06 0.60 -20.31
N ASP C 232 -9.79 0.60 -19.89
CA ASP C 232 -8.71 0.87 -20.82
C ASP C 232 -8.61 -0.20 -21.91
N ILE C 233 -9.03 -1.43 -21.60
CA ILE C 233 -8.89 -2.53 -22.54
C ILE C 233 -10.11 -2.66 -23.45
N TYR C 234 -11.32 -2.46 -22.92
CA TYR C 234 -12.54 -2.81 -23.64
C TYR C 234 -13.41 -1.60 -23.99
N HIS C 235 -12.86 -0.38 -23.93
CA HIS C 235 -13.70 0.81 -24.10
C HIS C 235 -14.39 0.87 -25.46
N GLU C 236 -13.85 0.21 -26.49
CA GLU C 236 -14.50 0.24 -27.79
C GLU C 236 -15.78 -0.59 -27.84
N ARG C 237 -16.02 -1.45 -26.85
CA ARG C 237 -17.20 -2.30 -26.83
C ARG C 237 -18.16 -1.97 -25.71
N ILE C 238 -17.92 -0.88 -24.97
CA ILE C 238 -18.78 -0.49 -23.87
C ILE C 238 -19.83 0.50 -24.38
N ARG C 239 -21.10 0.12 -24.29
CA ARG C 239 -22.19 0.93 -24.81
C ARG C 239 -23.24 1.25 -23.76
N ALA C 240 -23.11 0.72 -22.55
CA ALA C 240 -24.05 1.00 -21.47
C ALA C 240 -23.29 1.01 -20.15
N PHE C 241 -23.89 1.65 -19.15
CA PHE C 241 -23.18 1.96 -17.91
C PHE C 241 -24.14 1.89 -16.73
N HIS C 242 -23.86 0.99 -15.79
CA HIS C 242 -24.58 0.92 -14.52
C HIS C 242 -23.72 1.56 -13.44
N VAL C 243 -24.28 2.54 -12.75
CA VAL C 243 -23.61 3.19 -11.63
C VAL C 243 -24.05 2.46 -10.35
N LYS C 244 -23.15 1.66 -9.79
CA LYS C 244 -23.48 0.83 -8.63
C LYS C 244 -22.23 0.65 -7.78
N ASP C 245 -22.37 0.84 -6.48
CA ASP C 245 -21.23 0.79 -5.57
C ASP C 245 -21.18 -0.55 -4.83
N ALA C 246 -19.99 -0.88 -4.36
CA ALA C 246 -19.76 -2.14 -3.65
C ALA C 246 -18.45 -2.04 -2.88
N GLU C 247 -18.27 -2.96 -1.93
CA GLU C 247 -17.06 -3.01 -1.14
C GLU C 247 -16.67 -4.46 -0.92
N PHE C 248 -15.38 -4.69 -0.70
CA PHE C 248 -14.85 -6.02 -0.41
C PHE C 248 -13.87 -5.91 0.75
N ASN C 249 -14.24 -6.46 1.91
CA ASN C 249 -13.43 -6.41 3.12
C ASN C 249 -13.13 -7.84 3.58
N PRO C 250 -12.03 -8.42 3.13
CA PRO C 250 -11.72 -9.81 3.51
C PRO C 250 -11.34 -9.90 4.98
N THR C 251 -11.72 -11.01 5.59
CA THR C 251 -11.44 -11.28 7.00
C THR C 251 -10.67 -12.59 7.11
N GLY C 252 -10.44 -13.02 8.35
CA GLY C 252 -9.87 -14.32 8.59
C GLY C 252 -10.86 -15.45 8.54
N ARG C 253 -12.13 -15.14 8.27
CA ARG C 253 -13.19 -16.14 8.23
C ARG C 253 -13.79 -16.37 6.85
N SER C 254 -13.68 -15.41 5.93
CA SER C 254 -14.37 -15.56 4.66
C SER C 254 -13.69 -14.68 3.61
N GLY C 255 -13.89 -15.06 2.34
CA GLY C 255 -13.34 -14.36 1.21
C GLY C 255 -14.39 -14.13 0.13
N VAL C 256 -13.96 -14.27 -1.13
CA VAL C 256 -14.81 -13.93 -2.25
C VAL C 256 -16.01 -14.87 -2.34
N TYR C 257 -15.81 -16.16 -2.05
CA TYR C 257 -16.90 -17.12 -2.19
C TYR C 257 -18.05 -16.83 -1.23
N GLY C 258 -17.74 -16.43 0.00
CA GLY C 258 -18.72 -15.84 0.90
C GLY C 258 -19.33 -16.77 1.92
N GLY C 259 -19.18 -18.09 1.77
CA GLY C 259 -19.67 -19.03 2.75
C GLY C 259 -21.18 -19.12 2.89
N TYR C 260 -21.92 -18.95 1.79
CA TYR C 260 -23.38 -19.01 1.77
C TYR C 260 -24.04 -17.98 2.68
N GLN C 261 -23.30 -16.95 3.07
CA GLN C 261 -23.83 -15.94 3.98
C GLN C 261 -24.76 -14.98 3.25
N GLY C 262 -25.60 -14.30 4.03
CA GLY C 262 -26.45 -13.26 3.48
C GLY C 262 -25.65 -12.02 3.14
N TRP C 263 -26.31 -11.07 2.49
CA TRP C 263 -25.61 -9.90 1.96
C TRP C 263 -25.05 -9.02 3.06
N VAL C 264 -25.69 -9.00 4.23
CA VAL C 264 -25.20 -8.11 5.29
C VAL C 264 -23.87 -8.62 5.85
N ASP C 265 -23.66 -9.93 5.87
CA ASP C 265 -22.47 -10.50 6.49
C ASP C 265 -21.37 -10.91 5.50
N ARG C 266 -21.63 -10.83 4.20
CA ARG C 266 -20.62 -11.20 3.22
C ARG C 266 -19.45 -10.21 3.26
N PRO C 267 -18.22 -10.68 3.07
CA PRO C 267 -17.10 -9.74 2.93
C PRO C 267 -17.26 -8.79 1.75
N GLY C 268 -17.75 -9.30 0.63
CA GLY C 268 -18.04 -8.48 -0.52
C GLY C 268 -19.54 -8.28 -0.69
N ARG C 269 -19.98 -7.03 -0.62
CA ARG C 269 -21.41 -6.74 -0.64
C ARG C 269 -21.64 -5.41 -1.35
N PHE C 270 -22.87 -5.21 -1.81
CA PHE C 270 -23.25 -3.97 -2.47
C PHE C 270 -23.57 -2.90 -1.42
N ARG C 271 -23.28 -1.65 -1.78
CA ARG C 271 -23.54 -0.52 -0.90
C ARG C 271 -24.13 0.62 -1.71
N SER C 272 -24.88 1.49 -1.03
CA SER C 272 -25.44 2.67 -1.67
C SER C 272 -24.31 3.58 -2.18
N LEU C 273 -24.63 4.39 -3.19
CA LEU C 273 -23.63 5.24 -3.83
C LEU C 273 -22.91 6.11 -2.83
N GLY C 274 -21.58 6.08 -2.88
CA GLY C 274 -20.75 6.84 -1.97
C GLY C 274 -20.32 6.08 -0.73
N ASP C 275 -20.93 4.95 -0.43
CA ASP C 275 -20.62 4.18 0.77
C ASP C 275 -19.77 2.95 0.48
N GLY C 276 -19.24 2.83 -0.74
CA GLY C 276 -18.42 1.70 -1.11
C GLY C 276 -16.98 2.06 -1.44
N HIS C 277 -16.32 1.23 -2.25
CA HIS C 277 -14.91 1.41 -2.58
C HIS C 277 -14.67 1.87 -4.01
N VAL C 278 -15.71 1.99 -4.84
CA VAL C 278 -15.51 2.32 -6.24
C VAL C 278 -15.07 3.77 -6.37
N ASP C 279 -14.00 4.00 -7.12
CA ASP C 279 -13.51 5.34 -7.42
C ASP C 279 -14.29 5.86 -8.63
N PHE C 280 -15.44 6.48 -8.35
CA PHE C 280 -16.30 6.92 -9.45
C PHE C 280 -15.74 8.14 -10.17
N GLY C 281 -14.94 8.94 -9.48
CA GLY C 281 -14.24 10.02 -10.16
C GLY C 281 -13.36 9.50 -11.29
N ALA C 282 -12.64 8.40 -11.03
CA ALA C 282 -11.81 7.81 -12.07
C ALA C 282 -12.65 7.13 -13.15
N VAL C 283 -13.78 6.53 -12.76
CA VAL C 283 -14.63 5.85 -13.73
C VAL C 283 -15.22 6.85 -14.71
N PHE C 284 -15.79 7.94 -14.20
CA PHE C 284 -16.38 8.94 -15.08
C PHE C 284 -15.33 9.62 -15.93
N SER C 285 -14.11 9.79 -15.41
CA SER C 285 -13.05 10.42 -16.19
C SER C 285 -12.67 9.55 -17.39
N LYS C 286 -12.50 8.24 -17.17
CA LYS C 286 -12.12 7.35 -18.25
C LYS C 286 -13.22 7.22 -19.29
N LEU C 287 -14.47 7.10 -18.84
CA LEU C 287 -15.59 7.02 -19.79
C LEU C 287 -15.73 8.29 -20.60
N THR C 288 -15.47 9.45 -19.98
CA THR C 288 -15.53 10.71 -20.71
C THR C 288 -14.42 10.83 -21.73
N GLN C 289 -13.24 10.31 -21.41
CA GLN C 289 -12.07 10.46 -22.28
C GLN C 289 -12.12 9.53 -23.49
N TYR C 290 -12.81 8.41 -23.38
CA TYR C 290 -12.91 7.43 -24.47
C TYR C 290 -14.17 7.61 -25.30
N ASP C 291 -14.85 8.75 -25.18
CA ASP C 291 -16.02 9.08 -25.99
C ASP C 291 -17.12 8.04 -25.84
N PHE C 292 -17.65 7.96 -24.62
CA PHE C 292 -18.79 7.09 -24.31
C PHE C 292 -20.06 7.88 -24.57
N GLU C 293 -20.87 7.40 -25.52
CA GLU C 293 -22.10 8.07 -25.88
C GLU C 293 -23.27 7.29 -25.31
N GLY C 294 -23.37 7.30 -23.99
CA GLY C 294 -24.42 6.55 -23.34
C GLY C 294 -24.98 7.25 -22.13
N TRP C 295 -25.70 6.50 -21.30
CA TRP C 295 -26.36 7.03 -20.12
C TRP C 295 -25.69 6.46 -18.88
N ALA C 296 -25.59 7.28 -17.84
CA ALA C 296 -25.18 6.83 -16.52
C ALA C 296 -26.44 6.41 -15.77
N VAL C 297 -26.67 5.11 -15.69
CA VAL C 297 -27.91 4.56 -15.13
C VAL C 297 -27.62 4.04 -13.72
N LEU C 298 -28.37 4.56 -12.74
CA LEU C 298 -28.27 4.08 -11.37
C LEU C 298 -28.97 2.73 -11.23
N GLU C 299 -28.25 1.72 -10.77
CA GLU C 299 -28.85 0.46 -10.33
C GLU C 299 -28.57 0.35 -8.84
N TRP C 300 -29.59 0.58 -8.02
CA TRP C 300 -29.38 0.74 -6.59
C TRP C 300 -29.56 -0.58 -5.84
N GLU C 301 -28.67 -0.82 -4.88
CA GLU C 301 -28.74 -1.96 -3.99
C GLU C 301 -27.78 -1.75 -2.80
N CYS C 302 -28.28 -1.95 -1.59
CA CYS C 302 -27.46 -1.75 -0.39
C CYS C 302 -27.88 -2.73 0.69
N ALA C 303 -26.91 -3.13 1.50
CA ALA C 303 -27.18 -4.05 2.60
C ALA C 303 -27.77 -3.37 3.84
N LEU C 304 -27.68 -2.05 3.94
CA LEU C 304 -28.08 -1.35 5.17
C LEU C 304 -29.10 -0.24 4.93
N LYS C 305 -28.90 0.58 3.90
CA LYS C 305 -29.65 1.81 3.76
C LYS C 305 -31.08 1.54 3.30
N HIS C 306 -31.99 2.41 3.72
CA HIS C 306 -33.38 2.30 3.28
C HIS C 306 -33.49 2.67 1.81
N PRO C 307 -34.30 1.95 1.03
CA PRO C 307 -34.33 2.18 -0.42
C PRO C 307 -34.79 3.57 -0.83
N GLU C 308 -35.59 4.25 0.00
CA GLU C 308 -36.07 5.58 -0.39
C GLU C 308 -34.97 6.63 -0.27
N ASP C 309 -34.13 6.52 0.75
CA ASP C 309 -33.00 7.45 0.86
C ASP C 309 -31.99 7.21 -0.26
N GLY C 310 -31.78 5.94 -0.64
CA GLY C 310 -30.86 5.64 -1.71
C GLY C 310 -31.30 6.24 -3.04
N ALA C 311 -32.60 6.16 -3.34
CA ALA C 311 -33.11 6.73 -4.57
C ALA C 311 -33.00 8.25 -4.58
N ARG C 312 -33.15 8.89 -3.42
CA ARG C 312 -33.11 10.35 -3.35
C ARG C 312 -31.71 10.89 -3.61
N GLU C 313 -30.68 10.16 -3.18
CA GLU C 313 -29.30 10.65 -3.26
C GLU C 313 -28.63 10.35 -4.59
N GLY C 314 -29.12 9.38 -5.35
CA GLY C 314 -28.44 8.96 -6.56
C GLY C 314 -28.33 10.06 -7.59
N ALA C 315 -29.38 10.87 -7.76
CA ALA C 315 -29.37 11.89 -8.80
C ALA C 315 -28.28 12.93 -8.55
N GLY C 316 -28.15 13.40 -7.30
CA GLY C 316 -27.12 14.36 -6.99
C GLY C 316 -25.72 13.79 -7.07
N PHE C 317 -25.55 12.54 -6.65
CA PHE C 317 -24.24 11.89 -6.72
C PHE C 317 -23.75 11.79 -8.15
N ILE C 318 -24.62 11.33 -9.06
CA ILE C 318 -24.22 11.16 -10.45
C ILE C 318 -23.97 12.52 -11.10
N GLU C 319 -24.75 13.54 -10.73
CA GLU C 319 -24.60 14.85 -11.33
C GLU C 319 -23.27 15.50 -10.97
N ASN C 320 -22.74 15.22 -9.78
CA ASN C 320 -21.47 15.81 -9.37
C ASN C 320 -20.28 15.16 -10.07
N HIS C 321 -20.44 13.96 -10.61
CA HIS C 321 -19.35 13.24 -11.25
C HIS C 321 -19.34 13.39 -12.77
N ILE C 322 -20.43 13.87 -13.37
CA ILE C 322 -20.45 14.11 -14.80
C ILE C 322 -19.57 15.30 -15.14
N ILE C 323 -18.75 15.13 -16.19
CA ILE C 323 -17.79 16.14 -16.62
C ILE C 323 -18.29 16.77 -17.90
N ARG C 324 -18.46 18.08 -17.88
CA ARG C 324 -18.75 18.86 -19.09
C ARG C 324 -17.47 19.12 -19.87
N VAL C 325 -17.44 18.65 -21.12
CA VAL C 325 -16.25 18.76 -21.95
C VAL C 325 -16.22 20.11 -22.63
N THR C 326 -15.08 20.45 -23.22
CA THR C 326 -14.89 21.76 -23.84
C THR C 326 -15.72 21.89 -25.11
N GLY C 337 -1.90 25.23 -38.62
CA GLY C 337 -0.88 24.96 -39.61
C GLY C 337 0.44 24.50 -39.01
N THR C 338 1.31 23.93 -39.84
CA THR C 338 2.60 23.41 -39.42
C THR C 338 3.68 24.01 -40.32
N ASP C 339 4.65 24.69 -39.71
CA ASP C 339 5.76 25.32 -40.43
C ASP C 339 6.94 24.34 -40.55
N ASP C 340 6.71 23.27 -41.32
CA ASP C 340 7.77 22.30 -41.64
C ASP C 340 9.19 22.87 -41.61
N ALA C 341 9.40 24.01 -42.26
CA ALA C 341 10.75 24.58 -42.32
C ALA C 341 11.29 24.86 -40.92
N ALA C 342 10.45 25.45 -40.07
CA ALA C 342 10.84 25.67 -38.68
C ALA C 342 11.04 24.34 -37.95
N ASN C 343 10.14 23.38 -38.18
CA ASN C 343 10.28 22.07 -37.54
C ASN C 343 11.57 21.38 -37.94
N ARG C 344 12.01 21.56 -39.20
CA ARG C 344 13.25 20.93 -39.63
C ARG C 344 14.47 21.62 -39.02
N ARG C 345 14.39 22.94 -38.79
CA ARG C 345 15.48 23.60 -38.08
C ARG C 345 15.54 23.16 -36.62
N LEU C 346 14.37 22.99 -35.98
CA LEU C 346 14.36 22.58 -34.59
C LEU C 346 14.92 21.17 -34.41
N LEU C 347 14.63 20.27 -35.35
CA LEU C 347 15.16 18.91 -35.34
C LEU C 347 16.48 18.78 -36.09
N GLY C 348 17.21 19.89 -36.26
CA GLY C 348 18.42 19.96 -37.07
C GLY C 348 18.45 19.08 -38.30
N LEU C 349 17.37 19.11 -39.08
CA LEU C 349 17.32 18.41 -40.37
C LEU C 349 17.52 19.40 -41.51
N MET D 1 -0.60 30.20 12.93
CA MET D 1 -1.02 31.42 13.63
C MET D 1 -1.65 32.42 12.66
N LYS D 2 -1.58 32.12 11.36
CA LYS D 2 -2.11 33.02 10.34
C LYS D 2 -3.12 32.28 9.49
N THR D 3 -4.24 32.94 9.20
CA THR D 3 -5.23 32.39 8.29
C THR D 3 -4.83 32.71 6.86
N ILE D 4 -4.77 31.68 6.02
CA ILE D 4 -4.35 31.88 4.63
C ILE D 4 -5.37 32.74 3.92
N LYS D 5 -4.89 33.75 3.20
CA LYS D 5 -5.76 34.66 2.47
C LYS D 5 -6.23 34.00 1.18
N GLY D 6 -7.46 34.32 0.78
CA GLY D 6 -8.03 33.78 -0.43
C GLY D 6 -9.54 33.77 -0.42
N PRO D 7 -10.15 33.27 -1.50
CA PRO D 7 -9.52 32.69 -2.70
C PRO D 7 -9.08 33.72 -3.73
N ALA D 8 -8.00 33.43 -4.47
CA ALA D 8 -7.51 34.26 -5.55
C ALA D 8 -7.36 33.40 -6.80
N ILE D 9 -7.14 34.05 -7.94
CA ILE D 9 -7.07 33.35 -9.22
C ILE D 9 -5.97 33.98 -10.08
N PHE D 10 -5.21 33.12 -10.77
CA PHE D 10 -4.18 33.55 -11.71
C PHE D 10 -4.82 33.70 -13.09
N LEU D 11 -4.71 34.90 -13.67
CA LEU D 11 -5.45 35.23 -14.88
C LEU D 11 -4.79 34.72 -16.16
N ALA D 12 -3.59 34.15 -16.07
CA ALA D 12 -2.85 33.81 -17.28
C ALA D 12 -3.61 32.83 -18.17
N GLN D 13 -4.30 31.86 -17.56
CA GLN D 13 -4.99 30.82 -18.31
C GLN D 13 -6.34 31.27 -18.88
N PHE D 14 -6.79 32.50 -18.62
CA PHE D 14 -8.12 32.92 -19.00
C PHE D 14 -8.17 34.11 -19.96
N VAL D 15 -7.03 34.68 -20.35
CA VAL D 15 -7.05 35.80 -21.28
C VAL D 15 -7.46 35.31 -22.66
N GLY D 16 -8.25 36.11 -23.36
CA GLY D 16 -8.79 35.76 -24.66
C GLY D 16 -8.89 36.97 -25.55
N ASP D 17 -9.88 36.99 -26.44
CA ASP D 17 -10.04 38.07 -27.41
C ASP D 17 -11.22 38.98 -27.14
N LYS D 18 -12.39 38.43 -26.83
CA LYS D 18 -13.55 39.26 -26.56
C LYS D 18 -13.91 39.23 -25.08
N ALA D 19 -14.85 40.11 -24.72
CA ALA D 19 -15.25 40.27 -23.33
C ALA D 19 -15.77 38.95 -22.76
N PRO D 20 -15.61 38.73 -21.45
CA PRO D 20 -14.91 39.59 -20.49
C PRO D 20 -13.47 39.17 -20.25
N PHE D 21 -12.80 38.58 -21.25
CA PHE D 21 -11.46 38.03 -21.07
C PHE D 21 -10.41 38.81 -21.87
N ASP D 22 -10.68 40.06 -22.19
CA ASP D 22 -9.80 40.86 -23.05
C ASP D 22 -9.03 41.95 -22.31
N THR D 23 -9.67 42.64 -21.37
CA THR D 23 -9.02 43.70 -20.61
C THR D 23 -8.91 43.33 -19.14
N LEU D 24 -7.96 43.98 -18.46
CA LEU D 24 -7.84 43.80 -17.02
C LEU D 24 -9.09 44.28 -16.31
N ASP D 25 -9.75 45.30 -16.88
CA ASP D 25 -10.98 45.83 -16.32
C ASP D 25 -12.07 44.77 -16.28
N ASN D 26 -12.28 44.07 -17.40
CA ASN D 26 -13.31 43.05 -17.46
C ASN D 26 -12.95 41.79 -16.66
N LEU D 27 -11.67 41.39 -16.70
CA LEU D 27 -11.27 40.19 -15.97
C LEU D 27 -11.47 40.33 -14.47
N GLY D 28 -11.25 41.52 -13.93
CA GLY D 28 -11.49 41.74 -12.51
C GLY D 28 -12.96 41.63 -12.15
N GLN D 29 -13.84 42.12 -13.03
CA GLN D 29 -15.27 42.00 -12.82
C GLN D 29 -15.71 40.55 -12.91
N TRP D 30 -15.14 39.80 -13.87
CA TRP D 30 -15.44 38.38 -14.01
C TRP D 30 -14.99 37.59 -12.79
N ALA D 31 -13.80 37.87 -12.27
CA ALA D 31 -13.30 37.16 -11.10
C ALA D 31 -14.15 37.44 -9.87
N ALA D 32 -14.59 38.68 -9.70
CA ALA D 32 -15.40 39.03 -8.53
C ALA D 32 -16.78 38.38 -8.57
N SER D 33 -17.34 38.21 -9.77
CA SER D 33 -18.65 37.56 -9.88
C SER D 33 -18.60 36.10 -9.49
N LEU D 34 -17.44 35.45 -9.57
CA LEU D 34 -17.28 34.05 -9.23
C LEU D 34 -16.95 33.81 -7.77
N GLY D 35 -16.66 34.86 -7.00
CA GLY D 35 -16.38 34.73 -5.59
C GLY D 35 -14.93 34.99 -5.21
N TYR D 36 -14.08 35.38 -6.16
CA TYR D 36 -12.68 35.62 -5.86
C TYR D 36 -12.48 37.02 -5.31
N LYS D 37 -11.43 37.16 -4.48
CA LYS D 37 -11.11 38.43 -3.84
C LYS D 37 -9.77 38.99 -4.25
N GLY D 38 -8.96 38.24 -5.01
CA GLY D 38 -7.67 38.71 -5.47
C GLY D 38 -7.35 38.12 -6.82
N ILE D 39 -6.35 38.70 -7.48
CA ILE D 39 -5.92 38.24 -8.79
C ILE D 39 -4.40 38.32 -8.89
N GLN D 40 -3.80 37.35 -9.57
CA GLN D 40 -2.40 37.40 -9.97
C GLN D 40 -2.35 37.79 -11.43
N VAL D 41 -1.61 38.86 -11.73
CA VAL D 41 -1.67 39.50 -13.04
C VAL D 41 -0.39 39.20 -13.81
N PRO D 42 -0.48 38.62 -15.01
CA PRO D 42 0.70 38.52 -15.88
C PRO D 42 1.03 39.87 -16.51
N THR D 43 2.33 40.13 -16.68
CA THR D 43 2.81 41.44 -17.13
C THR D 43 2.94 41.47 -18.65
N ASP D 44 1.79 41.36 -19.30
CA ASP D 44 1.60 41.51 -20.74
C ASP D 44 1.24 42.96 -21.06
N PRO D 45 1.93 43.61 -22.00
CA PRO D 45 1.60 45.01 -22.31
C PRO D 45 0.11 45.30 -22.51
N LYS D 46 -0.67 44.31 -22.95
CA LYS D 46 -2.10 44.53 -23.11
C LYS D 46 -2.79 44.72 -21.76
N LEU D 47 -2.33 44.02 -20.72
CA LEU D 47 -2.94 44.08 -19.40
C LEU D 47 -2.20 45.00 -18.43
N PHE D 48 -0.87 44.96 -18.43
CA PHE D 48 -0.09 45.74 -17.46
C PHE D 48 1.27 46.03 -18.07
N ASP D 49 1.54 47.30 -18.35
CA ASP D 49 2.82 47.72 -18.93
C ASP D 49 3.78 48.05 -17.78
N LEU D 50 4.86 47.26 -17.67
CA LEU D 50 5.81 47.44 -16.58
C LEU D 50 6.59 48.74 -16.68
N GLU D 51 6.91 49.19 -17.91
CA GLU D 51 7.68 50.42 -18.05
C GLU D 51 6.90 51.63 -17.55
N LYS D 52 5.66 51.78 -18.00
CA LYS D 52 4.83 52.89 -17.54
C LYS D 52 4.58 52.80 -16.04
N ALA D 53 4.45 51.58 -15.51
CA ALA D 53 4.18 51.41 -14.09
C ALA D 53 5.41 51.71 -13.23
N ALA D 54 6.60 51.39 -13.72
CA ALA D 54 7.82 51.69 -12.96
C ALA D 54 8.18 53.16 -13.00
N ALA D 55 7.61 53.92 -13.93
CA ALA D 55 7.91 55.34 -14.09
C ALA D 55 6.89 56.24 -13.41
N SER D 56 5.62 55.85 -13.37
CA SER D 56 4.55 56.67 -12.80
C SER D 56 3.87 55.88 -11.69
N LYS D 57 3.93 56.39 -10.46
CA LYS D 57 3.14 55.79 -9.40
C LYS D 57 1.65 55.94 -9.68
N ALA D 58 1.26 57.04 -10.34
CA ALA D 58 -0.14 57.28 -10.63
C ALA D 58 -0.74 56.15 -11.45
N TYR D 59 0.00 55.68 -12.47
CA TYR D 59 -0.47 54.55 -13.27
C TYR D 59 -0.81 53.36 -12.39
N CYS D 60 0.06 53.04 -11.42
CA CYS D 60 -0.21 51.95 -10.49
C CYS D 60 -1.39 52.29 -9.58
N ASP D 61 -1.41 53.52 -9.04
CA ASP D 61 -2.51 53.92 -8.18
C ASP D 61 -3.84 53.92 -8.91
N ASP D 62 -3.84 54.23 -10.21
CA ASP D 62 -5.07 54.23 -10.99
C ASP D 62 -5.67 52.83 -11.11
N ILE D 63 -4.83 51.87 -11.50
CA ILE D 63 -5.30 50.49 -11.67
C ILE D 63 -5.79 49.92 -10.35
N LYS D 64 -5.01 50.14 -9.29
CA LYS D 64 -5.38 49.64 -7.97
C LYS D 64 -6.75 50.18 -7.54
N GLY D 65 -6.99 51.48 -7.75
CA GLY D 65 -8.25 52.07 -7.35
C GLY D 65 -9.45 51.52 -8.13
N ARG D 66 -9.27 51.27 -9.42
CA ARG D 66 -10.36 50.74 -10.24
C ARG D 66 -10.73 49.33 -9.81
N LEU D 67 -9.72 48.47 -9.61
CA LEU D 67 -9.98 47.10 -9.21
C LEU D 67 -10.61 47.02 -7.84
N ALA D 68 -10.20 47.93 -6.93
CA ALA D 68 -10.78 47.92 -5.59
C ALA D 68 -12.25 48.30 -5.60
N GLU D 69 -12.71 49.03 -6.63
CA GLU D 69 -14.11 49.42 -6.68
C GLU D 69 -15.00 48.22 -6.97
N THR D 70 -14.50 47.25 -7.75
CA THR D 70 -15.22 46.00 -7.96
C THR D 70 -15.06 45.06 -6.77
N GLY D 71 -14.06 45.27 -5.92
CA GLY D 71 -13.80 44.42 -4.79
C GLY D 71 -12.64 43.47 -4.97
N ILE D 72 -11.64 43.84 -5.77
CA ILE D 72 -10.54 42.95 -6.11
C ILE D 72 -9.24 43.69 -5.82
N GLU D 73 -8.23 42.95 -5.36
CA GLU D 73 -6.90 43.49 -5.11
C GLU D 73 -5.87 42.59 -5.77
N ILE D 74 -4.76 43.20 -6.20
CA ILE D 74 -3.67 42.46 -6.83
C ILE D 74 -2.87 41.72 -5.76
N THR D 75 -2.80 40.40 -5.88
CA THR D 75 -2.00 39.62 -4.96
C THR D 75 -0.52 39.72 -5.30
N GLU D 76 -0.14 39.36 -6.53
CA GLU D 76 1.22 39.50 -7.00
C GLU D 76 1.22 39.76 -8.51
N LEU D 77 2.35 40.23 -9.01
CA LEU D 77 2.60 40.31 -10.44
C LEU D 77 3.35 39.07 -10.90
N SER D 78 3.22 38.76 -12.19
CA SER D 78 3.83 37.57 -12.77
C SER D 78 4.74 37.94 -13.92
N THR D 79 5.98 37.44 -13.89
CA THR D 79 6.92 37.54 -15.00
C THR D 79 7.49 36.16 -15.31
N HIS D 80 6.61 35.15 -15.39
CA HIS D 80 7.05 33.82 -15.78
C HIS D 80 7.70 33.85 -17.15
N ILE D 81 7.07 34.54 -18.10
CA ILE D 81 7.58 34.60 -19.46
C ILE D 81 8.95 35.27 -19.49
N GLN D 82 9.05 36.47 -18.90
CA GLN D 82 10.31 37.22 -18.96
C GLN D 82 11.41 36.52 -18.18
N GLY D 83 11.09 35.95 -17.01
CA GLY D 83 12.09 35.23 -16.25
C GLY D 83 12.66 34.05 -17.02
N GLN D 84 11.85 33.41 -17.85
CA GLN D 84 12.33 32.31 -18.68
C GLN D 84 13.41 32.77 -19.65
N LEU D 85 13.24 33.97 -20.22
CA LEU D 85 14.16 34.48 -21.23
C LEU D 85 15.49 34.96 -20.65
N VAL D 86 15.63 34.98 -19.31
CA VAL D 86 16.90 35.37 -18.71
C VAL D 86 17.99 34.36 -19.03
N SER D 87 17.62 33.10 -19.25
CA SER D 87 18.58 32.05 -19.59
C SER D 87 17.89 31.06 -20.51
N VAL D 88 18.32 31.00 -21.77
CA VAL D 88 17.72 30.13 -22.77
C VAL D 88 18.83 29.34 -23.44
N HIS D 89 18.63 28.03 -23.55
CA HIS D 89 19.57 27.22 -24.30
C HIS D 89 19.29 27.36 -25.80
N PRO D 90 20.33 27.36 -26.64
CA PRO D 90 20.12 27.58 -28.08
C PRO D 90 19.11 26.65 -28.72
N ALA D 91 18.95 25.43 -28.20
CA ALA D 91 18.00 24.48 -28.77
C ALA D 91 16.56 25.00 -28.73
N TYR D 92 16.25 25.97 -27.87
CA TYR D 92 14.90 26.50 -27.69
C TYR D 92 14.73 27.93 -28.20
N ASP D 93 15.68 28.45 -28.98
CA ASP D 93 15.65 29.86 -29.36
C ASP D 93 14.36 30.24 -30.07
N GLU D 94 13.95 29.44 -31.07
CA GLU D 94 12.77 29.79 -31.85
C GLU D 94 11.48 29.49 -31.10
N MET D 95 11.48 28.43 -30.28
CA MET D 95 10.28 28.07 -29.54
C MET D 95 9.91 29.14 -28.53
N PHE D 96 10.89 29.89 -28.04
CA PHE D 96 10.61 30.95 -27.09
C PHE D 96 10.46 32.31 -27.75
N ASP D 97 10.76 32.42 -29.05
CA ASP D 97 10.70 33.72 -29.72
C ASP D 97 9.27 34.25 -29.78
N GLY D 98 8.27 33.38 -29.80
CA GLY D 98 6.89 33.82 -29.81
C GLY D 98 6.45 34.53 -28.55
N PHE D 99 7.28 34.54 -27.51
CA PHE D 99 6.97 35.15 -26.24
C PHE D 99 7.57 36.55 -26.07
N ALA D 100 8.46 36.96 -26.96
CA ALA D 100 9.12 38.25 -26.96
C ALA D 100 8.48 39.22 -27.95
N PRO D 101 8.72 40.52 -27.79
CA PRO D 101 8.25 41.48 -28.80
C PRO D 101 8.82 41.14 -30.18
N ALA D 102 8.05 41.49 -31.21
CA ALA D 102 8.36 41.05 -32.57
C ALA D 102 9.73 41.52 -33.03
N GLU D 103 10.14 42.73 -32.65
CA GLU D 103 11.43 43.25 -33.10
C GLU D 103 12.62 42.55 -32.46
N LEU D 104 12.41 41.80 -31.36
CA LEU D 104 13.49 41.10 -30.69
C LEU D 104 13.69 39.67 -31.19
N ARG D 105 12.78 39.14 -31.99
CA ARG D 105 12.92 37.79 -32.51
C ARG D 105 14.15 37.70 -33.41
N GLY D 106 14.87 36.58 -33.32
CA GLY D 106 16.10 36.40 -34.06
C GLY D 106 17.32 37.06 -33.45
N ARG D 107 17.15 37.84 -32.39
CA ARG D 107 18.24 38.55 -31.73
C ARG D 107 18.35 38.03 -30.31
N PRO D 108 19.13 36.97 -30.08
CA PRO D 108 19.16 36.34 -28.74
C PRO D 108 19.70 37.25 -27.64
N GLN D 109 20.77 38.00 -27.91
CA GLN D 109 21.34 38.85 -26.88
C GLN D 109 20.44 40.03 -26.56
N ALA D 110 19.74 40.57 -27.55
CA ALA D 110 18.83 41.69 -27.31
C ALA D 110 17.60 41.24 -26.53
N ARG D 111 17.10 40.03 -26.83
CA ARG D 111 15.95 39.51 -26.10
C ARG D 111 16.28 39.28 -24.63
N GLN D 112 17.47 38.75 -24.35
CA GLN D 112 17.86 38.48 -22.98
C GLN D 112 18.05 39.78 -22.19
N GLU D 113 18.55 40.83 -22.84
CA GLU D 113 18.73 42.11 -22.16
C GLU D 113 17.39 42.78 -21.89
N TRP D 114 16.43 42.63 -22.81
CA TRP D 114 15.08 43.15 -22.57
C TRP D 114 14.44 42.44 -21.38
N ALA D 115 14.70 41.14 -21.22
CA ALA D 115 14.08 40.38 -20.14
C ALA D 115 14.62 40.80 -18.78
N VAL D 116 15.93 41.05 -18.69
CA VAL D 116 16.52 41.50 -17.44
C VAL D 116 15.93 42.86 -17.02
N ASN D 117 15.73 43.75 -18.00
CA ASN D 117 15.17 45.06 -17.68
C ASN D 117 13.71 44.95 -17.23
N GLN D 118 12.95 44.05 -17.85
CA GLN D 118 11.57 43.82 -17.41
C GLN D 118 11.51 43.36 -15.97
N LEU D 119 12.42 42.46 -15.57
CA LEU D 119 12.42 41.97 -14.20
C LEU D 119 12.71 43.10 -13.21
N LYS D 120 13.64 43.99 -13.55
CA LYS D 120 13.99 45.08 -12.63
C LYS D 120 12.85 46.09 -12.52
N CYS D 121 12.15 46.37 -13.62
CA CYS D 121 11.00 47.26 -13.56
C CYS D 121 9.86 46.63 -12.77
N ALA D 122 9.76 45.29 -12.78
CA ALA D 122 8.71 44.64 -12.01
C ALA D 122 8.94 44.78 -10.51
N ALA D 123 10.22 44.83 -10.08
CA ALA D 123 10.51 45.06 -8.67
C ALA D 123 10.09 46.45 -8.23
N LYS D 124 10.25 47.45 -9.10
CA LYS D 124 9.84 48.80 -8.75
C LYS D 124 8.32 48.93 -8.78
N ALA D 125 7.66 48.34 -9.80
CA ALA D 125 6.22 48.37 -9.87
C ALA D 125 5.57 47.63 -8.70
N SER D 126 6.24 46.59 -8.18
CA SER D 126 5.70 45.87 -7.03
C SER D 126 5.70 46.75 -5.79
N GLN D 127 6.77 47.53 -5.58
CA GLN D 127 6.75 48.51 -4.50
C GLN D 127 5.66 49.55 -4.73
N HIS D 128 5.49 49.99 -5.99
CA HIS D 128 4.45 50.98 -6.26
C HIS D 128 3.07 50.45 -5.89
N LEU D 129 2.79 49.18 -6.18
CA LEU D 129 1.50 48.58 -5.84
C LEU D 129 1.43 48.11 -4.39
N GLY D 130 2.52 48.16 -3.64
CA GLY D 130 2.50 47.67 -2.28
C GLY D 130 2.49 46.16 -2.16
N LEU D 131 3.09 45.46 -3.12
CA LEU D 131 3.11 44.00 -3.13
C LEU D 131 4.36 43.48 -2.43
N LYS D 132 4.23 42.35 -1.75
CA LYS D 132 5.34 41.74 -1.03
C LYS D 132 6.04 40.65 -1.82
N SER D 133 5.36 39.98 -2.74
CA SER D 133 5.90 38.84 -3.47
C SER D 133 5.85 39.09 -4.97
N HIS D 134 6.65 38.32 -5.70
CA HIS D 134 6.63 38.37 -7.16
C HIS D 134 6.97 37.00 -7.71
N ALA D 135 6.20 36.55 -8.70
CA ALA D 135 6.32 35.21 -9.27
C ALA D 135 7.06 35.25 -10.59
N SER D 136 7.94 34.27 -10.80
CA SER D 136 8.74 34.23 -12.02
C SER D 136 9.32 32.83 -12.20
N PHE D 137 9.92 32.62 -13.38
CA PHE D 137 10.71 31.44 -13.69
C PHE D 137 12.20 31.78 -13.66
N SER D 138 13.03 30.72 -13.66
CA SER D 138 14.47 30.89 -13.57
C SER D 138 15.18 30.74 -14.91
N GLY D 139 14.55 30.14 -15.91
CA GLY D 139 15.21 29.81 -17.15
C GLY D 139 15.99 28.51 -17.03
N ALA D 140 16.53 28.08 -18.18
CA ALA D 140 17.24 26.81 -18.21
C ALA D 140 18.38 26.88 -19.21
N LEU D 141 19.58 26.53 -18.75
CA LEU D 141 20.74 26.33 -19.61
C LEU D 141 21.11 24.87 -19.79
N ALA D 142 20.78 24.02 -18.83
CA ALA D 142 21.22 22.62 -18.82
C ALA D 142 20.09 21.61 -18.94
N TRP D 143 18.86 22.05 -19.19
CA TRP D 143 17.75 21.11 -19.28
C TRP D 143 17.92 20.02 -20.33
N PRO D 144 18.49 20.27 -21.52
CA PRO D 144 18.70 19.16 -22.46
C PRO D 144 19.54 18.02 -21.91
N PHE D 145 20.31 18.27 -20.83
CA PHE D 145 21.19 17.27 -20.26
C PHE D 145 20.67 16.75 -18.92
N ILE D 146 19.34 16.72 -18.75
CA ILE D 146 18.76 16.31 -17.48
C ILE D 146 19.05 14.83 -17.21
N TYR D 147 19.05 13.99 -18.24
CA TYR D 147 19.42 12.59 -18.03
C TYR D 147 20.87 12.36 -18.44
N PRO D 148 21.64 11.64 -17.62
CA PRO D 148 23.07 11.46 -17.92
C PRO D 148 23.36 10.53 -19.10
N TRP D 149 22.69 10.74 -20.22
CA TRP D 149 23.00 10.00 -21.44
C TRP D 149 22.83 10.91 -22.65
N PRO D 150 23.92 11.28 -23.34
CA PRO D 150 25.32 10.86 -23.12
C PRO D 150 25.88 11.34 -21.78
N GLN D 151 26.92 10.68 -21.29
CA GLN D 151 27.47 11.00 -19.97
C GLN D 151 27.94 12.44 -19.91
N ARG D 152 27.63 13.11 -18.80
CA ARG D 152 27.92 14.54 -18.67
C ARG D 152 29.41 14.77 -18.39
N PRO D 153 30.07 15.66 -19.13
CA PRO D 153 31.46 15.97 -18.83
C PRO D 153 31.58 16.67 -17.49
N ALA D 154 32.77 16.56 -16.90
CA ALA D 154 33.02 17.19 -15.61
C ALA D 154 32.94 18.70 -15.73
N GLY D 155 32.24 19.33 -14.78
CA GLY D 155 32.11 20.76 -14.74
C GLY D 155 30.96 21.35 -15.54
N LEU D 156 30.24 20.54 -16.32
CA LEU D 156 29.15 21.07 -17.12
C LEU D 156 28.03 21.63 -16.24
N VAL D 157 27.59 20.84 -15.26
CA VAL D 157 26.51 21.30 -14.38
C VAL D 157 26.98 22.48 -13.53
N GLU D 158 28.20 22.40 -12.98
CA GLU D 158 28.66 23.47 -12.11
C GLU D 158 28.84 24.79 -12.86
N MET D 159 29.24 24.73 -14.13
CA MET D 159 29.33 25.97 -14.91
C MET D 159 27.95 26.56 -15.17
N ALA D 160 26.95 25.71 -15.41
CA ALA D 160 25.60 26.20 -15.67
C ALA D 160 25.04 26.96 -14.47
N PHE D 161 25.24 26.44 -13.27
CA PHE D 161 24.71 27.10 -12.08
C PHE D 161 25.53 28.33 -11.69
N ALA D 162 26.83 28.33 -11.99
CA ALA D 162 27.62 29.54 -11.79
C ALA D 162 27.14 30.66 -12.71
N GLU D 163 26.83 30.33 -13.96
CA GLU D 163 26.30 31.33 -14.89
C GLU D 163 24.91 31.80 -14.49
N LEU D 164 24.07 30.87 -14.02
CA LEU D 164 22.72 31.24 -13.62
C LEU D 164 22.74 32.22 -12.45
N GLY D 165 23.60 31.98 -11.47
CA GLY D 165 23.74 32.92 -10.36
C GLY D 165 24.28 34.26 -10.80
N LYS D 166 25.20 34.26 -11.78
CA LYS D 166 25.78 35.50 -12.28
C LYS D 166 24.74 36.41 -12.89
N ARG D 167 23.71 35.84 -13.51
CA ARG D 167 22.68 36.63 -14.16
C ARG D 167 21.58 37.08 -13.22
N TRP D 168 21.29 36.30 -12.17
CA TRP D 168 20.19 36.63 -11.28
C TRP D 168 20.59 37.48 -10.09
N THR D 169 21.87 37.45 -9.69
CA THR D 169 22.29 38.26 -8.55
C THR D 169 22.07 39.75 -8.77
N PRO D 170 22.42 40.35 -9.92
CA PRO D 170 22.05 41.75 -10.14
C PRO D 170 20.55 42.01 -10.02
N ILE D 171 19.72 41.12 -10.59
CA ILE D 171 18.28 41.29 -10.48
C ILE D 171 17.83 41.15 -9.03
N LEU D 172 18.40 40.18 -8.30
CA LEU D 172 18.02 39.98 -6.91
C LEU D 172 18.37 41.19 -6.05
N ASP D 173 19.47 41.87 -6.36
CA ASP D 173 19.83 43.07 -5.62
C ASP D 173 18.82 44.19 -5.83
N THR D 174 18.26 44.29 -7.03
CA THR D 174 17.21 45.28 -7.28
C THR D 174 15.97 44.98 -6.45
N PHE D 175 15.62 43.70 -6.30
CA PHE D 175 14.46 43.34 -5.47
C PHE D 175 14.71 43.64 -4.01
N GLU D 176 15.97 43.56 -3.57
CA GLU D 176 16.28 43.94 -2.20
C GLU D 176 16.10 45.44 -1.99
N GLU D 177 16.44 46.26 -3.00
CA GLU D 177 16.30 47.70 -2.84
C GLU D 177 14.85 48.11 -2.69
N ASN D 178 13.93 47.30 -3.18
CA ASN D 178 12.50 47.59 -3.14
C ASN D 178 11.76 46.80 -2.07
N GLY D 179 12.44 45.87 -1.39
CA GLY D 179 11.80 45.10 -0.33
C GLY D 179 10.77 44.10 -0.80
N VAL D 180 11.04 43.42 -1.92
CA VAL D 180 10.11 42.48 -2.52
C VAL D 180 10.78 41.12 -2.65
N ASP D 181 10.05 40.06 -2.29
CA ASP D 181 10.56 38.71 -2.43
C ASP D 181 10.33 38.20 -3.85
N LEU D 182 11.34 37.53 -4.39
CA LEU D 182 11.27 36.92 -5.72
C LEU D 182 11.05 35.42 -5.56
N CYS D 183 9.92 34.93 -6.06
CA CYS D 183 9.49 33.55 -5.85
C CYS D 183 9.60 32.76 -7.15
N TYR D 184 10.55 31.83 -7.21
CA TYR D 184 10.69 30.96 -8.36
C TYR D 184 9.75 29.77 -8.25
N GLU D 185 9.10 29.42 -9.36
CA GLU D 185 8.26 28.24 -9.41
C GLU D 185 9.07 27.07 -9.95
N LEU D 186 9.28 26.05 -9.12
CA LEU D 186 10.02 24.87 -9.54
C LEU D 186 9.19 24.08 -10.56
N HIS D 187 9.73 23.94 -11.78
CA HIS D 187 8.95 23.56 -12.94
C HIS D 187 9.83 22.79 -13.90
N PRO D 188 9.31 21.75 -14.57
CA PRO D 188 10.10 21.08 -15.60
C PRO D 188 10.47 22.04 -16.72
N GLY D 189 11.60 21.78 -17.35
CA GLY D 189 12.13 22.71 -18.33
C GLY D 189 12.83 23.90 -17.73
N GLU D 190 13.04 23.93 -16.42
CA GLU D 190 13.82 24.95 -15.76
C GLU D 190 14.99 24.29 -15.05
N ASP D 191 16.06 25.06 -14.83
CA ASP D 191 17.16 24.56 -14.03
C ASP D 191 16.72 24.35 -12.59
N LEU D 192 15.78 25.15 -12.12
CA LEU D 192 15.17 24.99 -10.79
C LEU D 192 13.89 24.19 -10.97
N HIS D 193 13.98 22.87 -10.81
CA HIS D 193 12.83 21.98 -10.97
C HIS D 193 12.58 21.10 -9.76
N ASP D 194 13.40 21.17 -8.72
CA ASP D 194 13.14 20.48 -7.46
C ASP D 194 13.94 21.15 -6.35
N GLY D 195 13.93 20.54 -5.16
CA GLY D 195 14.57 21.16 -4.02
C GLY D 195 16.09 21.13 -4.06
N ILE D 196 16.66 20.04 -4.61
CA ILE D 196 18.11 19.91 -4.68
C ILE D 196 18.71 21.03 -5.54
N THR D 197 18.09 21.32 -6.69
CA THR D 197 18.61 22.37 -7.56
C THR D 197 18.40 23.75 -6.96
N PHE D 198 17.33 23.95 -6.19
CA PHE D 198 17.13 25.23 -5.51
C PHE D 198 18.23 25.49 -4.49
N GLU D 199 18.63 24.44 -3.75
CA GLU D 199 19.72 24.58 -2.79
C GLU D 199 21.03 24.93 -3.49
N ARG D 200 21.26 24.35 -4.67
CA ARG D 200 22.47 24.66 -5.44
C ARG D 200 22.45 26.10 -5.93
N PHE D 201 21.28 26.57 -6.37
CA PHE D 201 21.15 27.95 -6.84
C PHE D 201 21.33 28.94 -5.69
N LEU D 202 20.82 28.60 -4.50
CA LEU D 202 20.98 29.48 -3.34
C LEU D 202 22.45 29.71 -3.02
N GLU D 203 23.25 28.63 -3.01
CA GLU D 203 24.67 28.77 -2.76
C GLU D 203 25.34 29.61 -3.84
N ALA D 204 24.92 29.46 -5.09
CA ALA D 204 25.50 30.23 -6.18
C ALA D 204 25.17 31.71 -6.09
N THR D 205 24.20 32.11 -5.27
CA THR D 205 23.88 33.51 -5.08
C THR D 205 24.28 34.02 -3.69
N GLY D 206 25.02 33.24 -2.92
CA GLY D 206 25.40 33.67 -1.59
C GLY D 206 24.26 33.73 -0.60
N ASN D 207 23.28 32.81 -0.69
CA ASN D 207 22.11 32.81 0.21
C ASN D 207 21.35 34.12 0.17
N HIS D 208 21.15 34.67 -1.02
CA HIS D 208 20.43 35.93 -1.15
C HIS D 208 19.06 35.81 -0.51
N SER D 209 18.70 36.78 0.34
CA SER D 209 17.49 36.67 1.14
C SER D 209 16.22 36.82 0.32
N ARG D 210 16.32 37.25 -0.95
CA ARG D 210 15.14 37.44 -1.78
C ARG D 210 14.86 36.27 -2.71
N ALA D 211 15.69 35.22 -2.68
CA ALA D 211 15.46 34.03 -3.47
C ALA D 211 14.56 33.11 -2.66
N ASN D 212 13.32 32.93 -3.12
CA ASN D 212 12.32 32.16 -2.39
C ASN D 212 11.58 31.27 -3.39
N ILE D 213 10.54 30.59 -2.90
CA ILE D 213 9.86 29.53 -3.64
C ILE D 213 8.38 29.86 -3.78
N LEU D 214 7.84 29.65 -4.99
CA LEU D 214 6.41 29.56 -5.23
C LEU D 214 6.03 28.08 -5.21
N TYR D 215 5.23 27.68 -4.23
CA TYR D 215 4.89 26.28 -4.03
C TYR D 215 3.69 25.91 -4.90
N ASP D 216 3.89 24.95 -5.80
CA ASP D 216 2.83 24.39 -6.63
C ASP D 216 2.99 22.88 -6.60
N PRO D 217 2.13 22.17 -5.86
CA PRO D 217 2.35 20.73 -5.69
C PRO D 217 2.12 19.90 -6.93
N SER D 218 1.42 20.43 -7.94
CA SER D 218 1.07 19.63 -9.12
C SER D 218 2.32 19.17 -9.87
N HIS D 219 3.34 20.04 -9.98
CA HIS D 219 4.54 19.66 -10.71
C HIS D 219 5.34 18.58 -9.98
N PHE D 220 5.21 18.51 -8.66
CA PHE D 220 5.89 17.45 -7.91
C PHE D 220 5.19 16.11 -8.10
N VAL D 221 3.85 16.12 -8.20
CA VAL D 221 3.12 14.88 -8.45
C VAL D 221 3.51 14.31 -9.80
N LEU D 222 3.74 15.18 -10.79
CA LEU D 222 4.02 14.71 -12.14
C LEU D 222 5.39 14.04 -12.26
N GLN D 223 6.28 14.22 -11.28
CA GLN D 223 7.57 13.54 -11.31
C GLN D 223 7.76 12.59 -10.13
N ALA D 224 6.65 12.20 -9.47
CA ALA D 224 6.66 11.23 -8.38
C ALA D 224 7.60 11.68 -7.25
N MET D 225 7.33 12.88 -6.76
CA MET D 225 8.12 13.50 -5.69
C MET D 225 7.19 13.81 -4.53
N ASP D 226 7.70 13.67 -3.30
CA ASP D 226 6.86 13.82 -2.10
C ASP D 226 6.62 15.31 -1.85
N TYR D 227 5.44 15.80 -2.25
CA TYR D 227 5.14 17.22 -2.14
C TYR D 227 4.83 17.64 -0.70
N LEU D 228 4.50 16.71 0.19
CA LEU D 228 4.23 17.08 1.58
C LEU D 228 5.51 17.24 2.39
N ASP D 229 6.49 16.36 2.17
CA ASP D 229 7.80 16.54 2.80
C ASP D 229 8.51 17.79 2.29
N PHE D 230 8.20 18.20 1.05
CA PHE D 230 8.80 19.43 0.53
C PHE D 230 8.46 20.62 1.43
N ILE D 231 7.21 20.70 1.90
CA ILE D 231 6.80 21.80 2.77
C ILE D 231 7.54 21.73 4.11
N ASP D 232 7.74 20.52 4.62
CA ASP D 232 8.43 20.37 5.90
C ASP D 232 9.88 20.83 5.82
N ILE D 233 10.49 20.74 4.65
CA ILE D 233 11.91 21.06 4.52
C ILE D 233 12.14 22.53 4.17
N TYR D 234 11.32 23.13 3.31
CA TYR D 234 11.63 24.43 2.73
C TYR D 234 10.64 25.53 3.12
N HIS D 235 9.86 25.32 4.19
CA HIS D 235 8.80 26.26 4.52
C HIS D 235 9.32 27.66 4.82
N GLU D 236 10.59 27.78 5.23
CA GLU D 236 11.15 29.10 5.53
C GLU D 236 11.34 29.94 4.28
N ARG D 237 11.33 29.33 3.09
CA ARG D 237 11.55 30.04 1.84
C ARG D 237 10.31 30.05 0.95
N ILE D 238 9.16 29.61 1.44
CA ILE D 238 7.94 29.57 0.65
C ILE D 238 7.16 30.85 0.90
N ARG D 239 6.98 31.65 -0.16
CA ARG D 239 6.30 32.94 -0.06
C ARG D 239 5.08 33.04 -0.96
N ALA D 240 4.81 32.04 -1.78
CA ALA D 240 3.65 32.07 -2.66
C ALA D 240 3.11 30.65 -2.80
N PHE D 241 1.86 30.54 -3.22
CA PHE D 241 1.14 29.27 -3.20
C PHE D 241 0.21 29.20 -4.40
N HIS D 242 0.43 28.21 -5.26
CA HIS D 242 -0.48 27.92 -6.37
C HIS D 242 -1.32 26.70 -6.01
N VAL D 243 -2.64 26.85 -6.06
CA VAL D 243 -3.56 25.74 -5.85
C VAL D 243 -3.86 25.12 -7.22
N LYS D 244 -3.28 23.95 -7.47
CA LYS D 244 -3.39 23.30 -8.77
C LYS D 244 -3.32 21.80 -8.57
N ASP D 245 -4.26 21.08 -9.18
CA ASP D 245 -4.37 19.64 -9.00
C ASP D 245 -3.77 18.89 -10.18
N ALA D 246 -3.40 17.64 -9.93
CA ALA D 246 -2.79 16.79 -10.94
C ALA D 246 -2.87 15.34 -10.49
N GLU D 247 -2.69 14.43 -11.44
CA GLU D 247 -2.71 13.00 -11.16
C GLU D 247 -1.59 12.33 -11.93
N PHE D 248 -1.14 11.19 -11.40
CA PHE D 248 -0.11 10.38 -12.05
C PHE D 248 -0.53 8.92 -11.97
N ASN D 249 -0.88 8.34 -13.13
CA ASN D 249 -1.36 6.95 -13.20
C ASN D 249 -0.46 6.17 -14.15
N PRO D 250 0.62 5.59 -13.65
CA PRO D 250 1.53 4.86 -14.55
C PRO D 250 0.89 3.58 -15.06
N THR D 251 1.22 3.25 -16.30
CA THR D 251 0.70 2.06 -16.97
C THR D 251 1.87 1.20 -17.42
N GLY D 252 1.56 0.14 -18.15
CA GLY D 252 2.58 -0.66 -18.77
C GLY D 252 3.12 -0.11 -20.06
N ARG D 253 2.63 1.05 -20.50
CA ARG D 253 3.04 1.66 -21.75
C ARG D 253 3.82 2.96 -21.58
N SER D 254 3.66 3.66 -20.45
CA SER D 254 4.30 4.95 -20.31
C SER D 254 4.46 5.30 -18.83
N GLY D 255 5.41 6.18 -18.56
CA GLY D 255 5.70 6.65 -17.21
C GLY D 255 5.83 8.16 -17.18
N VAL D 256 6.79 8.65 -16.39
CA VAL D 256 6.91 10.08 -16.15
C VAL D 256 7.30 10.81 -17.44
N TYR D 257 8.15 10.21 -18.26
CA TYR D 257 8.60 10.89 -19.47
C TYR D 257 7.44 11.18 -20.42
N GLY D 258 6.51 10.23 -20.56
CA GLY D 258 5.24 10.49 -21.21
C GLY D 258 5.14 10.07 -22.67
N GLY D 259 6.26 9.80 -23.32
CA GLY D 259 6.23 9.32 -24.70
C GLY D 259 5.73 10.32 -25.71
N TYR D 260 6.00 11.61 -25.51
CA TYR D 260 5.58 12.69 -26.40
C TYR D 260 4.06 12.77 -26.57
N GLN D 261 3.31 12.19 -25.65
CA GLN D 261 1.85 12.18 -25.75
C GLN D 261 1.28 13.53 -25.34
N GLY D 262 0.04 13.78 -25.78
CA GLY D 262 -0.69 14.95 -25.36
C GLY D 262 -1.19 14.81 -23.93
N TRP D 263 -1.74 15.91 -23.42
CA TRP D 263 -2.10 15.97 -22.00
C TRP D 263 -3.22 15.00 -21.64
N VAL D 264 -4.09 14.68 -22.60
CA VAL D 264 -5.21 13.81 -22.28
C VAL D 264 -4.75 12.37 -22.05
N ASP D 265 -3.72 11.93 -22.78
CA ASP D 265 -3.28 10.54 -22.74
C ASP D 265 -2.03 10.33 -21.89
N ARG D 266 -1.39 11.39 -21.39
CA ARG D 266 -0.20 11.22 -20.60
C ARG D 266 -0.55 10.55 -19.26
N PRO D 267 0.32 9.69 -18.74
CA PRO D 267 0.08 9.14 -17.40
C PRO D 267 -0.01 10.22 -16.33
N GLY D 268 0.84 11.22 -16.40
CA GLY D 268 0.78 12.36 -15.49
C GLY D 268 0.21 13.60 -16.16
N ARG D 269 -0.92 14.10 -15.66
CA ARG D 269 -1.60 15.22 -16.30
C ARG D 269 -2.28 16.07 -15.24
N PHE D 270 -2.58 17.30 -15.61
CA PHE D 270 -3.27 18.24 -14.73
C PHE D 270 -4.77 17.98 -14.73
N ARG D 271 -5.39 18.20 -13.57
CA ARG D 271 -6.82 18.01 -13.42
C ARG D 271 -7.39 19.18 -12.62
N SER D 272 -8.69 19.43 -12.82
CA SER D 272 -9.38 20.46 -12.05
C SER D 272 -9.38 20.11 -10.56
N LEU D 273 -9.52 21.14 -9.73
CA LEU D 273 -9.44 20.98 -8.28
C LEU D 273 -10.41 19.92 -7.78
N GLY D 274 -9.89 18.98 -7.00
CA GLY D 274 -10.68 17.89 -6.47
C GLY D 274 -10.70 16.63 -7.29
N ASP D 275 -10.25 16.68 -8.54
CA ASP D 275 -10.26 15.51 -9.42
C ASP D 275 -8.87 14.89 -9.60
N GLY D 276 -7.89 15.29 -8.79
CA GLY D 276 -6.57 14.72 -8.89
C GLY D 276 -6.18 13.94 -7.64
N HIS D 277 -4.88 13.82 -7.37
CA HIS D 277 -4.38 13.03 -6.25
C HIS D 277 -3.84 13.89 -5.12
N VAL D 278 -3.80 15.21 -5.27
CA VAL D 278 -3.19 16.06 -4.26
C VAL D 278 -4.09 16.09 -3.03
N ASP D 279 -3.49 15.84 -1.85
CA ASP D 279 -4.19 15.95 -0.58
C ASP D 279 -4.14 17.41 -0.14
N PHE D 280 -5.12 18.19 -0.58
CA PHE D 280 -5.09 19.62 -0.28
C PHE D 280 -5.44 19.90 1.18
N GLY D 281 -6.21 19.01 1.82
CA GLY D 281 -6.42 19.15 3.25
C GLY D 281 -5.12 19.14 4.03
N ALA D 282 -4.21 18.23 3.67
CA ALA D 282 -2.91 18.19 4.31
C ALA D 282 -2.04 19.37 3.92
N VAL D 283 -2.17 19.84 2.67
CA VAL D 283 -1.34 20.97 2.21
C VAL D 283 -1.70 22.24 2.98
N PHE D 284 -2.99 22.53 3.11
CA PHE D 284 -3.41 23.72 3.85
C PHE D 284 -3.07 23.61 5.33
N SER D 285 -3.09 22.40 5.89
CA SER D 285 -2.73 22.22 7.29
C SER D 285 -1.26 22.56 7.52
N LYS D 286 -0.37 22.09 6.65
CA LYS D 286 1.05 22.35 6.83
C LYS D 286 1.37 23.83 6.64
N LEU D 287 0.78 24.46 5.62
CA LEU D 287 1.04 25.89 5.43
C LEU D 287 0.51 26.71 6.59
N THR D 288 -0.61 26.30 7.18
CA THR D 288 -1.18 27.02 8.31
C THR D 288 -0.31 26.90 9.55
N GLN D 289 0.27 25.73 9.79
CA GLN D 289 1.08 25.56 11.00
C GLN D 289 2.44 26.21 10.88
N TYR D 290 2.94 26.42 9.66
CA TYR D 290 4.24 27.05 9.45
C TYR D 290 4.12 28.55 9.19
N ASP D 291 2.95 29.13 9.45
CA ASP D 291 2.71 30.57 9.35
C ASP D 291 3.03 31.09 7.95
N PHE D 292 2.21 30.65 7.00
CA PHE D 292 2.31 31.15 5.63
C PHE D 292 1.47 32.42 5.53
N GLU D 293 2.12 33.53 5.24
CA GLU D 293 1.45 34.83 5.17
C GLU D 293 1.30 35.27 3.71
N GLY D 294 0.46 34.52 2.99
CA GLY D 294 0.25 34.78 1.58
C GLY D 294 -1.15 34.51 1.09
N TRP D 295 -1.29 34.38 -0.23
CA TRP D 295 -2.57 34.16 -0.89
C TRP D 295 -2.62 32.76 -1.49
N ALA D 296 -3.80 32.14 -1.42
CA ALA D 296 -4.06 30.87 -2.10
C ALA D 296 -4.59 31.17 -3.49
N VAL D 297 -3.72 31.06 -4.50
CA VAL D 297 -4.03 31.45 -5.86
C VAL D 297 -4.33 30.20 -6.69
N LEU D 298 -5.51 30.16 -7.29
CA LEU D 298 -5.88 29.07 -8.19
C LEU D 298 -5.18 29.23 -9.53
N GLU D 299 -4.45 28.21 -9.96
CA GLU D 299 -3.93 28.12 -11.31
C GLU D 299 -4.61 26.93 -11.97
N TRP D 300 -5.57 27.21 -12.87
CA TRP D 300 -6.46 26.17 -13.37
C TRP D 300 -5.97 25.58 -14.68
N GLU D 301 -6.08 24.26 -14.78
CA GLU D 301 -5.81 23.50 -16.00
C GLU D 301 -6.34 22.08 -15.87
N CYS D 302 -7.09 21.61 -16.87
CA CYS D 302 -7.61 20.25 -16.87
C CYS D 302 -7.66 19.75 -18.30
N ALA D 303 -7.47 18.44 -18.46
CA ALA D 303 -7.55 17.81 -19.76
C ALA D 303 -8.98 17.54 -20.22
N LEU D 304 -9.95 17.59 -19.30
CA LEU D 304 -11.31 17.18 -19.61
C LEU D 304 -12.35 18.25 -19.34
N LYS D 305 -12.27 18.94 -18.20
CA LYS D 305 -13.38 19.80 -17.78
C LYS D 305 -13.39 21.12 -18.53
N HIS D 306 -14.59 21.66 -18.71
CA HIS D 306 -14.77 22.95 -19.37
C HIS D 306 -14.24 24.08 -18.49
N PRO D 307 -13.56 25.07 -19.07
CA PRO D 307 -12.94 26.12 -18.24
C PRO D 307 -13.95 26.96 -17.46
N GLU D 308 -15.15 27.16 -17.97
CA GLU D 308 -16.15 27.92 -17.22
C GLU D 308 -16.54 27.18 -15.94
N ASP D 309 -16.61 25.84 -16.00
CA ASP D 309 -16.94 25.07 -14.82
C ASP D 309 -15.79 25.04 -13.83
N GLY D 310 -14.56 24.95 -14.33
CA GLY D 310 -13.41 24.91 -13.45
C GLY D 310 -13.22 26.18 -12.64
N ALA D 311 -13.42 27.33 -13.28
CA ALA D 311 -13.27 28.60 -12.57
C ALA D 311 -14.36 28.77 -11.52
N ARG D 312 -15.57 28.28 -11.80
CA ARG D 312 -16.67 28.45 -10.85
C ARG D 312 -16.47 27.59 -9.61
N GLU D 313 -16.12 26.31 -9.79
CA GLU D 313 -15.92 25.42 -8.66
C GLU D 313 -14.69 25.77 -7.83
N GLY D 314 -13.72 26.47 -8.43
CA GLY D 314 -12.48 26.75 -7.72
C GLY D 314 -12.66 27.62 -6.49
N ALA D 315 -13.54 28.63 -6.59
CA ALA D 315 -13.70 29.58 -5.48
C ALA D 315 -14.24 28.90 -4.23
N GLY D 316 -15.27 28.06 -4.39
CA GLY D 316 -15.82 27.35 -3.25
C GLY D 316 -14.85 26.31 -2.69
N PHE D 317 -14.09 25.66 -3.58
CA PHE D 317 -13.13 24.66 -3.15
C PHE D 317 -12.08 25.26 -2.21
N ILE D 318 -11.52 26.42 -2.58
CA ILE D 318 -10.48 27.02 -1.75
C ILE D 318 -11.03 27.47 -0.41
N GLU D 319 -12.26 28.03 -0.39
CA GLU D 319 -12.82 28.53 0.85
C GLU D 319 -13.09 27.42 1.85
N ASN D 320 -13.38 26.20 1.39
CA ASN D 320 -13.62 25.10 2.31
C ASN D 320 -12.34 24.54 2.92
N HIS D 321 -11.18 24.77 2.30
CA HIS D 321 -9.93 24.23 2.83
C HIS D 321 -9.14 25.21 3.68
N ILE D 322 -9.48 26.50 3.63
CA ILE D 322 -8.82 27.46 4.51
C ILE D 322 -9.26 27.22 5.95
N ILE D 323 -8.31 27.27 6.87
CA ILE D 323 -8.53 26.96 8.28
C ILE D 323 -8.52 28.25 9.08
N ARG D 324 -9.60 28.49 9.82
CA ARG D 324 -9.64 29.63 10.73
C ARG D 324 -8.91 29.23 12.02
N VAL D 325 -7.84 29.96 12.35
CA VAL D 325 -7.05 29.62 13.53
C VAL D 325 -7.63 30.31 14.76
N THR D 326 -7.19 29.89 15.93
CA THR D 326 -7.71 30.42 17.19
C THR D 326 -7.22 31.85 17.40
N GLY D 337 3.15 31.58 34.78
CA GLY D 337 4.60 31.70 34.68
C GLY D 337 5.31 30.35 34.76
N THR D 338 5.94 30.09 35.90
CA THR D 338 6.68 28.86 36.13
C THR D 338 6.86 28.70 37.64
N ASP D 339 6.47 27.54 38.16
CA ASP D 339 6.57 27.30 39.60
C ASP D 339 7.94 26.80 40.03
N ASP D 340 8.61 26.01 39.19
CA ASP D 340 9.93 25.44 39.46
C ASP D 340 9.94 24.53 40.69
N ALA D 341 9.40 25.01 41.82
CA ALA D 341 9.40 24.20 43.02
C ALA D 341 8.58 22.93 42.81
N ALA D 342 7.38 23.08 42.26
CA ALA D 342 6.55 21.92 41.93
C ALA D 342 7.21 21.08 40.84
N ASN D 343 7.74 21.73 39.79
CA ASN D 343 8.42 21.01 38.72
C ASN D 343 9.59 20.22 39.26
N ARG D 344 10.27 20.75 40.27
CA ARG D 344 11.40 20.03 40.87
C ARG D 344 10.91 18.84 41.68
N ARG D 345 9.75 18.95 42.31
CA ARG D 345 9.19 17.82 43.06
C ARG D 345 8.72 16.72 42.13
N LEU D 346 8.09 17.10 41.00
CA LEU D 346 7.56 16.12 40.06
C LEU D 346 8.68 15.30 39.42
N LEU D 347 9.82 15.93 39.15
CA LEU D 347 10.98 15.25 38.59
C LEU D 347 11.91 14.70 39.66
N GLY D 348 11.42 14.54 40.89
CA GLY D 348 12.24 14.20 42.04
C GLY D 348 13.61 14.85 42.01
N LEU D 349 13.62 16.17 41.86
CA LEU D 349 14.84 16.97 41.74
C LEU D 349 15.72 16.48 40.58
N MET E 1 -32.48 -3.90 12.48
CA MET E 1 -31.38 -3.09 13.00
C MET E 1 -31.89 -1.77 13.61
N LYS E 2 -30.98 -1.01 14.22
CA LYS E 2 -31.32 0.21 14.94
C LYS E 2 -30.66 1.40 14.26
N THR E 3 -31.41 2.50 14.15
CA THR E 3 -30.85 3.75 13.63
C THR E 3 -30.15 4.49 14.75
N ILE E 4 -28.88 4.83 14.55
CA ILE E 4 -28.11 5.52 15.57
C ILE E 4 -28.70 6.90 15.81
N LYS E 5 -28.95 7.24 17.07
CA LYS E 5 -29.49 8.55 17.41
C LYS E 5 -28.40 9.61 17.44
N GLY E 6 -28.79 10.83 17.09
CA GLY E 6 -27.87 11.95 17.07
C GLY E 6 -28.38 13.06 16.17
N PRO E 7 -27.60 14.14 16.06
CA PRO E 7 -26.27 14.37 16.65
C PRO E 7 -26.34 14.89 18.09
N ALA E 8 -25.34 14.55 18.90
CA ALA E 8 -25.20 15.06 20.25
C ALA E 8 -23.80 15.66 20.39
N ILE E 9 -23.58 16.38 21.48
CA ILE E 9 -22.32 17.10 21.67
C ILE E 9 -21.90 17.01 23.14
N PHE E 10 -20.61 16.80 23.36
CA PHE E 10 -20.03 16.75 24.69
C PHE E 10 -19.61 18.16 25.08
N LEU E 11 -20.16 18.66 26.20
CA LEU E 11 -19.97 20.05 26.58
C LEU E 11 -18.66 20.32 27.31
N ALA E 12 -17.90 19.27 27.63
CA ALA E 12 -16.71 19.46 28.47
C ALA E 12 -15.69 20.40 27.82
N GLN E 13 -15.49 20.29 26.51
CA GLN E 13 -14.47 21.09 25.84
C GLN E 13 -14.90 22.52 25.58
N PHE E 14 -16.16 22.88 25.87
CA PHE E 14 -16.67 24.20 25.53
C PHE E 14 -17.13 25.01 26.73
N VAL E 15 -17.14 24.43 27.93
CA VAL E 15 -17.57 25.16 29.11
C VAL E 15 -16.49 26.17 29.50
N GLY E 16 -16.93 27.34 29.94
CA GLY E 16 -16.02 28.36 30.40
C GLY E 16 -16.67 29.19 31.49
N ASP E 17 -16.24 30.44 31.62
CA ASP E 17 -16.77 31.34 32.64
C ASP E 17 -17.53 32.52 32.06
N LYS E 18 -17.59 32.66 30.73
CA LYS E 18 -18.38 33.67 30.07
C LYS E 18 -19.61 33.04 29.41
N ALA E 19 -20.69 33.80 29.33
CA ALA E 19 -21.88 33.34 28.63
C ALA E 19 -21.60 33.21 27.13
N PRO E 20 -22.25 32.27 26.45
CA PRO E 20 -23.21 31.28 26.93
C PRO E 20 -22.55 29.96 27.31
N PHE E 21 -21.32 30.01 27.82
CA PHE E 21 -20.56 28.81 28.13
C PHE E 21 -20.39 28.61 29.64
N ASP E 22 -21.26 29.19 30.45
CA ASP E 22 -21.13 29.17 31.90
C ASP E 22 -22.16 28.30 32.60
N THR E 23 -23.42 28.32 32.18
CA THR E 23 -24.47 27.54 32.82
C THR E 23 -24.99 26.47 31.88
N LEU E 24 -25.56 25.42 32.47
CA LEU E 24 -26.16 24.35 31.67
C LEU E 24 -27.31 24.85 30.84
N ASP E 25 -28.09 25.79 31.39
CA ASP E 25 -29.20 26.36 30.63
C ASP E 25 -28.71 27.07 29.37
N ASN E 26 -27.65 27.88 29.49
CA ASN E 26 -27.15 28.59 28.31
C ASN E 26 -26.48 27.63 27.32
N LEU E 27 -25.75 26.63 27.84
CA LEU E 27 -25.10 25.66 26.97
C LEU E 27 -26.11 24.84 26.18
N GLY E 28 -27.27 24.54 26.80
CA GLY E 28 -28.29 23.79 26.08
C GLY E 28 -28.87 24.56 24.91
N GLN E 29 -29.05 25.87 25.09
CA GLN E 29 -29.54 26.70 23.98
C GLN E 29 -28.50 26.83 22.88
N TRP E 30 -27.22 26.94 23.25
CA TRP E 30 -26.16 27.05 22.26
C TRP E 30 -26.09 25.78 21.40
N ALA E 31 -26.19 24.61 22.03
CA ALA E 31 -26.16 23.36 21.29
C ALA E 31 -27.36 23.23 20.36
N ALA E 32 -28.54 23.64 20.85
CA ALA E 32 -29.74 23.55 20.03
C ALA E 32 -29.71 24.52 18.85
N SER E 33 -29.08 25.69 19.03
CA SER E 33 -28.97 26.65 17.95
C SER E 33 -28.06 26.17 16.83
N LEU E 34 -27.11 25.28 17.15
CA LEU E 34 -26.18 24.76 16.15
C LEU E 34 -26.71 23.52 15.44
N GLY E 35 -27.80 22.94 15.90
CA GLY E 35 -28.41 21.79 15.27
C GLY E 35 -28.32 20.50 16.05
N TYR E 36 -27.78 20.52 17.26
CA TYR E 36 -27.67 19.31 18.06
C TYR E 36 -28.98 19.04 18.81
N LYS E 37 -29.25 17.76 19.06
CA LYS E 37 -30.44 17.35 19.78
C LYS E 37 -30.13 16.66 21.11
N GLY E 38 -28.86 16.44 21.43
CA GLY E 38 -28.50 15.83 22.71
C GLY E 38 -27.20 16.42 23.21
N ILE E 39 -26.95 16.23 24.51
CA ILE E 39 -25.75 16.73 25.16
C ILE E 39 -25.24 15.72 26.16
N GLN E 40 -23.92 15.60 26.25
CA GLN E 40 -23.26 14.86 27.32
C GLN E 40 -22.74 15.86 28.33
N VAL E 41 -23.15 15.71 29.58
CA VAL E 41 -22.94 16.71 30.62
C VAL E 41 -21.85 16.21 31.55
N PRO E 42 -20.75 16.96 31.74
CA PRO E 42 -19.79 16.61 32.78
C PRO E 42 -20.32 16.96 34.17
N THR E 43 -19.96 16.14 35.15
CA THR E 43 -20.51 16.24 36.49
C THR E 43 -19.63 17.14 37.37
N ASP E 44 -19.54 18.41 36.97
CA ASP E 44 -18.89 19.49 37.70
C ASP E 44 -19.95 20.25 38.51
N PRO E 45 -19.74 20.45 39.81
CA PRO E 45 -20.76 21.13 40.64
C PRO E 45 -21.35 22.40 40.03
N LYS E 46 -20.54 23.22 39.37
CA LYS E 46 -21.07 24.46 38.79
C LYS E 46 -22.16 24.19 37.77
N LEU E 47 -22.15 23.01 37.15
CA LEU E 47 -23.10 22.65 36.12
C LEU E 47 -24.12 21.61 36.57
N PHE E 48 -23.71 20.61 37.32
CA PHE E 48 -24.61 19.53 37.72
C PHE E 48 -24.12 18.95 39.04
N ASP E 49 -24.90 19.13 40.10
CA ASP E 49 -24.52 18.65 41.44
C ASP E 49 -25.04 17.22 41.63
N LEU E 50 -24.10 16.28 41.77
CA LEU E 50 -24.51 14.88 41.95
C LEU E 50 -25.18 14.66 43.30
N GLU E 51 -24.66 15.28 44.36
CA GLU E 51 -25.23 15.06 45.68
C GLU E 51 -26.70 15.48 45.73
N LYS E 52 -27.04 16.59 45.08
CA LYS E 52 -28.44 17.01 45.03
C LYS E 52 -29.24 16.15 44.05
N ALA E 53 -28.63 15.75 42.94
CA ALA E 53 -29.35 14.96 41.94
C ALA E 53 -29.59 13.54 42.41
N ALA E 54 -28.66 12.96 43.16
CA ALA E 54 -28.86 11.61 43.68
C ALA E 54 -29.83 11.57 44.85
N ALA E 55 -30.12 12.71 45.48
CA ALA E 55 -30.98 12.74 46.65
C ALA E 55 -32.42 13.11 46.33
N SER E 56 -32.64 14.00 45.36
CA SER E 56 -33.96 14.47 45.00
C SER E 56 -34.21 14.21 43.51
N LYS E 57 -35.23 13.41 43.23
CA LYS E 57 -35.71 13.22 41.87
C LYS E 57 -36.21 14.52 41.27
N ALA E 58 -36.78 15.39 42.11
CA ALA E 58 -37.35 16.64 41.63
C ALA E 58 -36.27 17.51 40.97
N TYR E 59 -35.09 17.58 41.59
CA TYR E 59 -33.98 18.31 40.99
C TYR E 59 -33.68 17.79 39.59
N CYS E 60 -33.66 16.47 39.43
CA CYS E 60 -33.44 15.89 38.11
C CYS E 60 -34.58 16.24 37.16
N ASP E 61 -35.82 16.18 37.67
CA ASP E 61 -36.99 16.54 36.87
C ASP E 61 -36.97 18.00 36.42
N ASP E 62 -36.39 18.89 37.24
CA ASP E 62 -36.27 20.30 36.85
C ASP E 62 -35.36 20.48 35.66
N ILE E 63 -34.18 19.88 35.71
CA ILE E 63 -33.21 20.02 34.63
C ILE E 63 -33.75 19.42 33.34
N LYS E 64 -34.33 18.22 33.43
CA LYS E 64 -34.88 17.56 32.25
C LYS E 64 -35.96 18.43 31.60
N GLY E 65 -36.85 18.99 32.41
CA GLY E 65 -37.90 19.84 31.87
C GLY E 65 -37.37 21.12 31.26
N ARG E 66 -36.39 21.74 31.92
CA ARG E 66 -35.83 22.99 31.40
C ARG E 66 -35.06 22.76 30.10
N LEU E 67 -34.35 21.65 30.00
CA LEU E 67 -33.62 21.36 28.76
C LEU E 67 -34.58 20.97 27.64
N ALA E 68 -35.65 20.24 27.97
CA ALA E 68 -36.61 19.84 26.95
C ALA E 68 -37.38 21.02 26.36
N GLU E 69 -37.40 22.17 27.05
CA GLU E 69 -38.09 23.33 26.49
C GLU E 69 -37.28 23.99 25.38
N THR E 70 -35.96 23.82 25.38
CA THR E 70 -35.12 24.31 24.31
C THR E 70 -35.00 23.33 23.14
N GLY E 71 -35.35 22.07 23.36
CA GLY E 71 -35.24 21.06 22.34
C GLY E 71 -34.03 20.15 22.48
N ILE E 72 -33.52 19.96 23.70
CA ILE E 72 -32.30 19.23 23.96
C ILE E 72 -32.56 18.17 25.04
N GLU E 73 -31.85 17.05 24.93
CA GLU E 73 -31.91 15.94 25.87
C GLU E 73 -30.52 15.58 26.35
N ILE E 74 -30.45 15.13 27.61
CA ILE E 74 -29.19 14.64 28.17
C ILE E 74 -28.98 13.22 27.67
N THR E 75 -27.88 13.00 26.96
CA THR E 75 -27.55 11.66 26.47
C THR E 75 -26.98 10.80 27.58
N GLU E 76 -25.89 11.25 28.20
CA GLU E 76 -25.29 10.54 29.32
C GLU E 76 -24.65 11.55 30.26
N LEU E 77 -24.35 11.09 31.48
CA LEU E 77 -23.50 11.85 32.39
C LEU E 77 -22.07 11.35 32.28
N SER E 78 -21.12 12.21 32.61
CA SER E 78 -19.70 11.90 32.50
C SER E 78 -19.03 12.11 33.84
N THR E 79 -18.26 11.11 34.28
CA THR E 79 -17.41 11.20 35.47
C THR E 79 -15.98 10.81 35.11
N HIS E 80 -15.49 11.36 34.00
CA HIS E 80 -14.11 11.13 33.60
C HIS E 80 -13.14 11.61 34.67
N ILE E 81 -13.36 12.82 35.19
CA ILE E 81 -12.48 13.40 36.18
C ILE E 81 -12.44 12.54 37.44
N GLN E 82 -13.61 12.23 37.99
CA GLN E 82 -13.69 11.49 39.24
C GLN E 82 -13.18 10.05 39.08
N GLY E 83 -13.51 9.42 37.96
CA GLY E 83 -13.04 8.05 37.73
C GLY E 83 -11.54 7.92 37.72
N GLN E 84 -10.84 8.94 37.21
CA GLN E 84 -9.38 8.92 37.22
C GLN E 84 -8.85 8.91 38.66
N LEU E 85 -9.50 9.64 39.56
CA LEU E 85 -9.05 9.74 40.94
C LEU E 85 -9.36 8.50 41.77
N VAL E 86 -10.11 7.54 41.22
CA VAL E 86 -10.37 6.30 41.93
C VAL E 86 -9.09 5.47 42.05
N SER E 87 -8.16 5.64 41.11
CA SER E 87 -6.90 4.91 41.15
C SER E 87 -5.82 5.80 40.55
N VAL E 88 -4.89 6.26 41.39
CA VAL E 88 -3.83 7.18 40.99
C VAL E 88 -2.49 6.65 41.49
N HIS E 89 -1.48 6.65 40.61
CA HIS E 89 -0.12 6.32 41.02
C HIS E 89 0.52 7.54 41.68
N PRO E 90 1.34 7.34 42.72
CA PRO E 90 1.89 8.49 43.47
C PRO E 90 2.62 9.53 42.63
N ALA E 91 3.26 9.13 41.53
CA ALA E 91 4.00 10.08 40.70
C ALA E 91 3.11 11.18 40.12
N TYR E 92 1.81 10.93 40.00
CA TYR E 92 0.89 11.89 39.39
C TYR E 92 -0.04 12.54 40.42
N ASP E 93 0.21 12.32 41.71
CA ASP E 93 -0.72 12.78 42.74
C ASP E 93 -0.94 14.28 42.66
N GLU E 94 0.13 15.05 42.50
CA GLU E 94 0.01 16.51 42.47
C GLU E 94 -0.57 17.01 41.16
N MET E 95 -0.26 16.33 40.05
CA MET E 95 -0.75 16.78 38.75
C MET E 95 -2.27 16.67 38.64
N PHE E 96 -2.88 15.74 39.36
CA PHE E 96 -4.32 15.55 39.33
C PHE E 96 -5.05 16.31 40.44
N ASP E 97 -4.30 16.92 41.36
CA ASP E 97 -4.92 17.60 42.50
C ASP E 97 -5.74 18.80 42.07
N GLY E 98 -5.41 19.41 40.93
CA GLY E 98 -6.16 20.56 40.44
C GLY E 98 -7.59 20.26 40.01
N PHE E 99 -7.97 18.99 39.92
CA PHE E 99 -9.31 18.61 39.51
C PHE E 99 -10.24 18.28 40.69
N ALA E 100 -9.70 18.18 41.90
CA ALA E 100 -10.50 17.92 43.09
C ALA E 100 -10.75 19.21 43.85
N PRO E 101 -11.76 19.24 44.71
CA PRO E 101 -11.98 20.42 45.56
C PRO E 101 -10.74 20.74 46.40
N ALA E 102 -10.57 22.02 46.70
CA ALA E 102 -9.34 22.51 47.33
C ALA E 102 -9.09 21.82 48.67
N GLU E 103 -10.16 21.53 49.42
CA GLU E 103 -10.00 20.95 50.75
C GLU E 103 -9.47 19.52 50.73
N LEU E 104 -9.54 18.82 49.59
CA LEU E 104 -9.00 17.48 49.49
C LEU E 104 -7.55 17.44 48.98
N ARG E 105 -7.05 18.56 48.45
CA ARG E 105 -5.70 18.61 47.91
C ARG E 105 -4.69 18.42 49.03
N GLY E 106 -3.97 17.31 49.01
CA GLY E 106 -3.01 16.99 50.05
C GLY E 106 -3.25 15.63 50.68
N ARG E 107 -4.51 15.19 50.71
CA ARG E 107 -4.88 13.91 51.29
C ARG E 107 -5.29 12.93 50.19
N PRO E 108 -4.40 12.04 49.75
CA PRO E 108 -4.75 11.15 48.64
C PRO E 108 -5.88 10.18 48.97
N GLN E 109 -5.89 9.63 50.18
CA GLN E 109 -6.92 8.65 50.54
C GLN E 109 -8.28 9.30 50.68
N ALA E 110 -8.33 10.53 51.21
CA ALA E 110 -9.60 11.24 51.29
C ALA E 110 -10.11 11.60 49.90
N ARG E 111 -9.21 11.98 48.99
CA ARG E 111 -9.60 12.28 47.62
C ARG E 111 -10.13 11.04 46.92
N GLN E 112 -9.49 9.89 47.14
CA GLN E 112 -9.95 8.65 46.51
C GLN E 112 -11.32 8.24 47.04
N GLU E 113 -11.54 8.33 48.36
CA GLU E 113 -12.83 7.98 48.92
C GLU E 113 -13.92 8.95 48.47
N TRP E 114 -13.55 10.21 48.23
CA TRP E 114 -14.52 11.16 47.68
C TRP E 114 -14.91 10.76 46.26
N ALA E 115 -13.96 10.23 45.49
CA ALA E 115 -14.25 9.86 44.10
C ALA E 115 -15.16 8.63 44.04
N VAL E 116 -14.95 7.65 44.92
CA VAL E 116 -15.81 6.47 44.95
C VAL E 116 -17.25 6.86 45.24
N ASN E 117 -17.44 7.78 46.18
CA ASN E 117 -18.78 8.23 46.53
C ASN E 117 -19.40 9.02 45.39
N GLN E 118 -18.59 9.80 44.67
CA GLN E 118 -19.09 10.52 43.49
C GLN E 118 -19.62 9.57 42.42
N LEU E 119 -18.90 8.48 42.16
CA LEU E 119 -19.32 7.53 41.14
C LEU E 119 -20.65 6.89 41.51
N LYS E 120 -20.83 6.54 42.79
CA LYS E 120 -22.06 5.88 43.21
C LYS E 120 -23.26 6.81 43.11
N CYS E 121 -23.06 8.10 43.41
CA CYS E 121 -24.15 9.06 43.24
C CYS E 121 -24.50 9.25 41.77
N ALA E 122 -23.51 9.09 40.88
CA ALA E 122 -23.79 9.20 39.45
C ALA E 122 -24.65 8.03 38.98
N ALA E 123 -24.50 6.86 39.62
CA ALA E 123 -25.34 5.73 39.28
C ALA E 123 -26.80 6.01 39.63
N LYS E 124 -27.06 6.60 40.81
CA LYS E 124 -28.43 6.89 41.20
C LYS E 124 -28.99 8.06 40.38
N ALA E 125 -28.18 9.08 40.10
CA ALA E 125 -28.66 10.21 39.31
C ALA E 125 -28.97 9.82 37.87
N SER E 126 -28.24 8.84 37.31
CA SER E 126 -28.53 8.38 35.95
C SER E 126 -29.84 7.62 35.91
N GLN E 127 -30.10 6.76 36.89
CA GLN E 127 -31.41 6.12 36.98
C GLN E 127 -32.50 7.17 37.11
N HIS E 128 -32.26 8.21 37.91
CA HIS E 128 -33.28 9.25 38.05
C HIS E 128 -33.54 9.95 36.72
N LEU E 129 -32.49 10.27 35.94
CA LEU E 129 -32.69 10.94 34.65
C LEU E 129 -33.16 10.01 33.55
N GLY E 130 -33.23 8.70 33.82
CA GLY E 130 -33.62 7.76 32.78
C GLY E 130 -32.50 7.45 31.80
N LEU E 131 -31.25 7.55 32.26
CA LEU E 131 -30.09 7.29 31.43
C LEU E 131 -29.65 5.83 31.57
N LYS E 132 -29.33 5.19 30.44
CA LYS E 132 -28.96 3.79 30.47
C LYS E 132 -27.45 3.56 30.42
N SER E 133 -26.65 4.60 30.18
CA SER E 133 -25.21 4.46 30.12
C SER E 133 -24.55 5.59 30.89
N HIS E 134 -23.29 5.38 31.26
CA HIS E 134 -22.52 6.38 32.00
C HIS E 134 -21.06 6.29 31.60
N ALA E 135 -20.44 7.45 31.34
CA ALA E 135 -19.09 7.53 30.83
C ALA E 135 -18.10 7.87 31.94
N SER E 136 -16.95 7.21 31.93
CA SER E 136 -15.94 7.41 32.97
C SER E 136 -14.59 6.89 32.50
N PHE E 137 -13.57 7.19 33.31
CA PHE E 137 -12.24 6.64 33.18
C PHE E 137 -12.00 5.61 34.29
N SER E 138 -10.94 4.83 34.13
CA SER E 138 -10.65 3.76 35.08
C SER E 138 -9.55 4.09 36.06
N GLY E 139 -8.70 5.07 35.76
CA GLY E 139 -7.51 5.32 36.54
C GLY E 139 -6.37 4.41 36.15
N ALA E 140 -5.22 4.65 36.76
CA ALA E 140 -4.03 3.89 36.41
C ALA E 140 -3.14 3.70 37.62
N LEU E 141 -2.77 2.44 37.89
CA LEU E 141 -1.75 2.12 38.88
C LEU E 141 -0.42 1.72 38.27
N ALA E 142 -0.43 1.18 37.05
CA ALA E 142 0.77 0.61 36.44
C ALA E 142 1.21 1.36 35.18
N TRP E 143 0.58 2.50 34.87
CA TRP E 143 0.95 3.22 33.65
C TRP E 143 2.42 3.62 33.58
N PRO E 144 3.09 4.05 34.65
CA PRO E 144 4.54 4.33 34.54
C PRO E 144 5.37 3.14 34.08
N PHE E 145 4.84 1.92 34.15
CA PHE E 145 5.58 0.72 33.75
C PHE E 145 5.04 0.14 32.44
N ILE E 146 4.54 1.01 31.57
CA ILE E 146 3.93 0.55 30.32
C ILE E 146 4.97 -0.12 29.43
N TYR E 147 6.22 0.39 29.43
CA TYR E 147 7.25 -0.31 28.65
C TYR E 147 8.10 -1.16 29.57
N PRO E 148 8.39 -2.41 29.19
CA PRO E 148 9.14 -3.30 30.10
C PRO E 148 10.61 -2.94 30.23
N TRP E 149 10.91 -1.67 30.48
CA TRP E 149 12.25 -1.22 30.81
C TRP E 149 12.16 -0.09 31.82
N PRO E 150 12.56 -0.31 33.09
CA PRO E 150 13.17 -1.53 33.65
C PRO E 150 12.23 -2.73 33.63
N GLN E 151 12.80 -3.94 33.63
CA GLN E 151 11.99 -5.15 33.58
C GLN E 151 11.04 -5.22 34.75
N ARG E 152 9.85 -5.76 34.51
CA ARG E 152 8.80 -5.79 35.51
C ARG E 152 8.97 -6.99 36.42
N PRO E 153 8.96 -6.81 37.74
CA PRO E 153 9.03 -7.97 38.64
C PRO E 153 7.78 -8.82 38.52
N ALA E 154 7.92 -10.09 38.89
CA ALA E 154 6.80 -11.02 38.80
C ALA E 154 5.68 -10.59 39.73
N GLY E 155 4.45 -10.62 39.22
CA GLY E 155 3.27 -10.30 40.01
C GLY E 155 2.89 -8.84 40.04
N LEU E 156 3.72 -7.95 39.48
CA LEU E 156 3.43 -6.52 39.54
C LEU E 156 2.16 -6.19 38.75
N VAL E 157 2.07 -6.65 37.50
CA VAL E 157 0.91 -6.34 36.67
C VAL E 157 -0.33 -6.98 37.25
N GLU E 158 -0.21 -8.22 37.72
CA GLU E 158 -1.36 -8.95 38.26
C GLU E 158 -1.88 -8.31 39.54
N MET E 159 -1.00 -7.71 40.34
CA MET E 159 -1.45 -7.03 41.55
C MET E 159 -2.18 -5.75 41.22
N ALA E 160 -1.71 -5.01 40.21
CA ALA E 160 -2.38 -3.78 39.82
C ALA E 160 -3.80 -4.05 39.34
N PHE E 161 -4.00 -5.10 38.55
CA PHE E 161 -5.34 -5.41 38.07
C PHE E 161 -6.19 -6.02 39.16
N ALA E 162 -5.58 -6.72 40.12
CA ALA E 162 -6.31 -7.18 41.29
C ALA E 162 -6.83 -6.00 42.10
N GLU E 163 -6.03 -4.96 42.25
CA GLU E 163 -6.47 -3.77 42.98
C GLU E 163 -7.58 -3.03 42.25
N LEU E 164 -7.49 -2.93 40.92
CA LEU E 164 -8.57 -2.27 40.16
C LEU E 164 -9.89 -2.99 40.32
N GLY E 165 -9.89 -4.32 40.25
CA GLY E 165 -11.11 -5.06 40.48
C GLY E 165 -11.62 -4.90 41.90
N LYS E 166 -10.70 -4.84 42.86
CA LYS E 166 -11.09 -4.66 44.26
C LYS E 166 -11.78 -3.32 44.48
N ARG E 167 -11.37 -2.27 43.76
CA ARG E 167 -11.94 -0.95 43.95
C ARG E 167 -13.20 -0.68 43.13
N TRP E 168 -13.29 -1.27 41.92
CA TRP E 168 -14.42 -0.96 41.05
C TRP E 168 -15.60 -1.91 41.22
N THR E 169 -15.37 -3.12 41.75
CA THR E 169 -16.49 -4.05 41.93
C THR E 169 -17.57 -3.49 42.85
N PRO E 170 -17.26 -2.87 44.01
CA PRO E 170 -18.34 -2.20 44.75
C PRO E 170 -19.07 -1.15 43.94
N ILE E 171 -18.33 -0.33 43.17
CA ILE E 171 -18.98 0.67 42.32
C ILE E 171 -19.82 -0.02 41.26
N LEU E 172 -19.30 -1.08 40.65
CA LEU E 172 -20.06 -1.81 39.63
C LEU E 172 -21.32 -2.45 40.21
N ASP E 173 -21.26 -2.90 41.47
CA ASP E 173 -22.46 -3.44 42.11
C ASP E 173 -23.52 -2.37 42.30
N THR E 174 -23.10 -1.14 42.60
CA THR E 174 -24.06 -0.04 42.72
C THR E 174 -24.75 0.25 41.39
N PHE E 175 -24.01 0.18 40.28
CA PHE E 175 -24.62 0.40 38.97
C PHE E 175 -25.57 -0.71 38.59
N GLU E 176 -25.35 -1.92 39.13
CA GLU E 176 -26.29 -3.01 38.89
C GLU E 176 -27.63 -2.75 39.56
N GLU E 177 -27.60 -2.24 40.80
CA GLU E 177 -28.84 -1.96 41.52
C GLU E 177 -29.68 -0.94 40.77
N ASN E 178 -29.05 0.06 40.15
CA ASN E 178 -29.77 1.12 39.46
C ASN E 178 -30.02 0.81 37.99
N GLY E 179 -29.46 -0.28 37.47
CA GLY E 179 -29.68 -0.68 36.09
C GLY E 179 -29.02 0.20 35.04
N VAL E 180 -27.79 0.63 35.29
CA VAL E 180 -27.06 1.54 34.40
C VAL E 180 -25.75 0.90 33.98
N ASP E 181 -25.41 1.03 32.70
CA ASP E 181 -24.14 0.52 32.20
C ASP E 181 -23.03 1.52 32.44
N LEU E 182 -21.86 1.01 32.87
CA LEU E 182 -20.68 1.82 33.10
C LEU E 182 -19.73 1.61 31.92
N CYS E 183 -19.46 2.69 31.19
CA CYS E 183 -18.69 2.64 29.95
C CYS E 183 -17.33 3.29 30.18
N TYR E 184 -16.28 2.49 30.19
CA TYR E 184 -14.91 3.00 30.28
C TYR E 184 -14.42 3.42 28.91
N GLU E 185 -13.73 4.56 28.86
CA GLU E 185 -13.10 5.01 27.64
C GLU E 185 -11.64 4.56 27.64
N LEU E 186 -11.28 3.69 26.71
CA LEU E 186 -9.91 3.21 26.61
C LEU E 186 -9.01 4.35 26.14
N HIS E 187 -8.04 4.71 26.97
CA HIS E 187 -7.35 5.97 26.85
C HIS E 187 -5.93 5.80 27.39
N PRO E 188 -4.93 6.40 26.73
CA PRO E 188 -3.58 6.39 27.30
C PRO E 188 -3.56 7.09 28.65
N GLY E 189 -2.62 6.66 29.49
CA GLY E 189 -2.61 7.11 30.88
C GLY E 189 -3.60 6.42 31.76
N GLU E 190 -4.28 5.39 31.25
CA GLU E 190 -5.15 4.52 32.03
C GLU E 190 -4.66 3.09 31.92
N ASP E 191 -4.96 2.28 32.93
CA ASP E 191 -4.67 0.86 32.83
C ASP E 191 -5.54 0.20 31.77
N LEU E 192 -6.75 0.70 31.55
CA LEU E 192 -7.62 0.24 30.46
C LEU E 192 -7.37 1.15 29.27
N HIS E 193 -6.43 0.74 28.41
CA HIS E 193 -6.08 1.54 27.24
C HIS E 193 -6.17 0.78 25.92
N ASP E 194 -6.56 -0.50 25.94
CA ASP E 194 -6.81 -1.24 24.72
C ASP E 194 -7.68 -2.45 25.06
N GLY E 195 -7.89 -3.33 24.08
CA GLY E 195 -8.78 -4.45 24.28
C GLY E 195 -8.21 -5.53 25.18
N ILE E 196 -6.90 -5.76 25.13
CA ILE E 196 -6.28 -6.78 25.97
C ILE E 196 -6.45 -6.43 27.44
N THR E 197 -6.22 -5.17 27.81
CA THR E 197 -6.35 -4.79 29.21
C THR E 197 -7.80 -4.79 29.68
N PHE E 198 -8.74 -4.45 28.79
CA PHE E 198 -10.15 -4.50 29.18
C PHE E 198 -10.58 -5.93 29.47
N GLU E 199 -10.12 -6.89 28.67
CA GLU E 199 -10.44 -8.30 28.94
C GLU E 199 -9.83 -8.75 30.25
N ARG E 200 -8.63 -8.27 30.57
CA ARG E 200 -7.99 -8.61 31.83
C ARG E 200 -8.75 -8.00 33.00
N PHE E 201 -9.25 -6.78 32.83
CA PHE E 201 -10.07 -6.14 33.86
C PHE E 201 -11.39 -6.88 34.05
N LEU E 202 -11.99 -7.35 32.94
CA LEU E 202 -13.21 -8.14 33.03
C LEU E 202 -12.99 -9.40 33.84
N GLU E 203 -11.82 -10.03 33.69
CA GLU E 203 -11.51 -11.24 34.44
C GLU E 203 -11.41 -10.96 35.93
N ALA E 204 -10.88 -9.79 36.29
CA ALA E 204 -10.69 -9.43 37.70
C ALA E 204 -11.98 -8.97 38.38
N THR E 205 -13.03 -8.71 37.62
CA THR E 205 -14.32 -8.32 38.17
C THR E 205 -15.38 -9.42 38.05
N GLY E 206 -14.96 -10.64 37.73
CA GLY E 206 -15.93 -11.72 37.57
C GLY E 206 -16.84 -11.57 36.37
N ASN E 207 -16.33 -11.01 35.27
CA ASN E 207 -17.10 -10.80 34.04
C ASN E 207 -18.35 -9.98 34.33
N HIS E 208 -18.20 -8.95 35.15
CA HIS E 208 -19.36 -8.16 35.59
C HIS E 208 -20.11 -7.61 34.39
N SER E 209 -21.44 -7.79 34.40
CA SER E 209 -22.26 -7.44 33.25
C SER E 209 -22.38 -5.94 33.02
N ARG E 210 -21.97 -5.12 33.97
CA ARG E 210 -22.09 -3.67 33.84
C ARG E 210 -20.79 -3.01 33.38
N ALA E 211 -19.72 -3.77 33.21
CA ALA E 211 -18.45 -3.22 32.70
C ALA E 211 -18.50 -3.24 31.19
N ASN E 212 -18.53 -2.06 30.58
CA ASN E 212 -18.64 -1.94 29.13
C ASN E 212 -17.65 -0.89 28.66
N ILE E 213 -17.73 -0.55 27.36
CA ILE E 213 -16.73 0.28 26.69
C ILE E 213 -17.39 1.50 26.08
N LEU E 214 -16.72 2.66 26.22
CA LEU E 214 -17.00 3.83 25.41
C LEU E 214 -16.02 3.84 24.25
N TYR E 215 -16.53 3.69 23.03
CA TYR E 215 -15.69 3.57 21.85
C TYR E 215 -15.33 4.95 21.32
N ASP E 216 -14.03 5.25 21.27
CA ASP E 216 -13.52 6.48 20.69
C ASP E 216 -12.35 6.11 19.78
N PRO E 217 -12.52 6.17 18.46
CA PRO E 217 -11.46 5.67 17.56
C PRO E 217 -10.21 6.52 17.53
N SER E 218 -10.27 7.78 17.97
CA SER E 218 -9.10 8.66 17.85
C SER E 218 -7.93 8.14 18.67
N HIS E 219 -8.20 7.59 19.86
CA HIS E 219 -7.12 7.11 20.71
C HIS E 219 -6.47 5.85 20.15
N PHE E 220 -7.22 5.06 19.38
CA PHE E 220 -6.63 3.89 18.73
C PHE E 220 -5.74 4.29 17.57
N VAL E 221 -6.14 5.34 16.85
CA VAL E 221 -5.33 5.85 15.74
C VAL E 221 -4.00 6.40 16.25
N LEU E 222 -4.02 7.05 17.41
CA LEU E 222 -2.81 7.69 17.94
C LEU E 222 -1.77 6.68 18.40
N GLN E 223 -2.12 5.41 18.57
CA GLN E 223 -1.17 4.37 18.94
C GLN E 223 -1.05 3.29 17.86
N ALA E 224 -1.49 3.61 16.64
CA ALA E 224 -1.37 2.72 15.48
C ALA E 224 -2.06 1.38 15.74
N MET E 225 -3.34 1.45 16.09
CA MET E 225 -4.15 0.28 16.41
C MET E 225 -5.36 0.23 15.47
N ASP E 226 -5.74 -0.97 15.07
CA ASP E 226 -6.80 -1.16 14.08
C ASP E 226 -8.15 -0.94 14.77
N TYR E 227 -8.71 0.26 14.58
CA TYR E 227 -9.96 0.64 15.24
C TYR E 227 -11.20 0.00 14.61
N LEU E 228 -11.11 -0.49 13.37
CA LEU E 228 -12.25 -1.16 12.76
C LEU E 228 -12.35 -2.62 13.20
N ASP E 229 -11.22 -3.30 13.33
CA ASP E 229 -11.25 -4.66 13.87
C ASP E 229 -11.70 -4.68 15.33
N PHE E 230 -11.47 -3.58 16.05
CA PHE E 230 -11.93 -3.49 17.43
C PHE E 230 -13.45 -3.64 17.54
N ILE E 231 -14.19 -3.02 16.62
CA ILE E 231 -15.65 -3.10 16.67
C ILE E 231 -16.11 -4.53 16.43
N ASP E 232 -15.46 -5.24 15.51
CA ASP E 232 -15.86 -6.60 15.20
C ASP E 232 -15.67 -7.53 16.40
N ILE E 233 -14.72 -7.23 17.26
CA ILE E 233 -14.40 -8.11 18.38
C ILE E 233 -15.22 -7.78 19.62
N TYR E 234 -15.48 -6.49 19.88
CA TYR E 234 -16.05 -6.07 21.14
C TYR E 234 -17.43 -5.41 21.02
N HIS E 235 -18.14 -5.60 19.89
CA HIS E 235 -19.38 -4.86 19.70
C HIS E 235 -20.42 -5.18 20.76
N GLU E 236 -20.37 -6.38 21.35
CA GLU E 236 -21.35 -6.74 22.38
C GLU E 236 -21.15 -5.99 23.69
N ARG E 237 -20.03 -5.29 23.87
CA ARG E 237 -19.76 -4.52 25.07
C ARG E 237 -19.65 -3.02 24.80
N ILE E 238 -19.96 -2.58 23.59
CA ILE E 238 -19.86 -1.16 23.24
C ILE E 238 -21.23 -0.52 23.46
N ARG E 239 -21.29 0.44 24.38
CA ARG E 239 -22.56 1.07 24.73
C ARG E 239 -22.55 2.59 24.57
N ALA E 240 -21.41 3.18 24.22
CA ALA E 240 -21.33 4.63 24.01
C ALA E 240 -20.32 4.90 22.89
N PHE E 241 -20.43 6.08 22.29
CA PHE E 241 -19.74 6.40 21.05
C PHE E 241 -19.32 7.86 21.06
N HIS E 242 -18.01 8.11 20.97
CA HIS E 242 -17.46 9.44 20.79
C HIS E 242 -17.01 9.60 19.34
N VAL E 243 -17.53 10.63 18.67
CA VAL E 243 -17.11 10.96 17.31
C VAL E 243 -15.97 11.97 17.42
N LYS E 244 -14.75 11.51 17.16
CA LYS E 244 -13.57 12.34 17.34
C LYS E 244 -12.53 11.90 16.32
N ASP E 245 -11.94 12.85 15.61
CA ASP E 245 -11.01 12.56 14.54
C ASP E 245 -9.57 12.74 15.01
N ALA E 246 -8.66 12.07 14.29
CA ALA E 246 -7.23 12.12 14.62
C ALA E 246 -6.46 11.63 13.41
N GLU E 247 -5.16 11.94 13.41
CA GLU E 247 -4.26 11.52 12.35
C GLU E 247 -2.93 11.11 12.96
N PHE E 248 -2.21 10.23 12.27
CA PHE E 248 -0.89 9.79 12.68
C PHE E 248 0.04 9.80 11.48
N ASN E 249 1.01 10.71 11.47
CA ASN E 249 1.96 10.87 10.37
C ASN E 249 3.38 10.71 10.91
N PRO E 250 3.90 9.49 10.94
CA PRO E 250 5.26 9.29 11.47
C PRO E 250 6.31 9.87 10.54
N THR E 251 7.38 10.37 11.14
CA THR E 251 8.48 10.97 10.40
C THR E 251 9.77 10.22 10.73
N GLY E 252 10.89 10.75 10.22
CA GLY E 252 12.18 10.23 10.61
C GLY E 252 12.69 10.77 11.92
N ARG E 253 11.92 11.63 12.58
CA ARG E 253 12.32 12.24 13.84
C ARG E 253 11.49 11.79 15.03
N SER E 254 10.26 11.32 14.82
CA SER E 254 9.39 11.01 15.94
C SER E 254 8.35 9.97 15.51
N GLY E 255 7.82 9.27 16.51
CA GLY E 255 6.81 8.24 16.31
C GLY E 255 5.66 8.40 17.29
N VAL E 256 5.18 7.27 17.80
CA VAL E 256 3.99 7.27 18.65
C VAL E 256 4.25 7.98 19.96
N TYR E 257 5.46 7.81 20.53
CA TYR E 257 5.74 8.39 21.84
C TYR E 257 5.68 9.90 21.82
N GLY E 258 6.18 10.53 20.75
CA GLY E 258 5.97 11.93 20.51
C GLY E 258 7.09 12.86 20.92
N GLY E 259 8.04 12.39 21.72
CA GLY E 259 9.18 13.21 22.07
C GLY E 259 8.88 14.44 22.90
N TYR E 260 7.89 14.36 23.79
CA TYR E 260 7.47 15.46 24.67
C TYR E 260 7.03 16.70 23.89
N GLN E 261 6.67 16.55 22.63
CA GLN E 261 6.26 17.69 21.82
C GLN E 261 4.83 18.10 22.16
N GLY E 262 4.50 19.33 21.80
CA GLY E 262 3.14 19.81 21.95
C GLY E 262 2.22 19.21 20.89
N TRP E 263 0.93 19.47 21.05
CA TRP E 263 -0.07 18.84 20.18
C TRP E 263 0.06 19.29 18.74
N VAL E 264 0.57 20.50 18.50
CA VAL E 264 0.66 20.97 17.13
C VAL E 264 1.76 20.22 16.37
N ASP E 265 2.84 19.83 17.05
CA ASP E 265 3.97 19.22 16.37
C ASP E 265 4.04 17.70 16.51
N ARG E 266 3.16 17.08 17.31
CA ARG E 266 3.23 15.64 17.48
C ARG E 266 2.88 14.93 16.17
N PRO E 267 3.53 13.79 15.89
CA PRO E 267 3.10 12.99 14.72
C PRO E 267 1.65 12.54 14.84
N GLY E 268 1.23 12.13 16.02
CA GLY E 268 -0.15 11.78 16.28
C GLY E 268 -0.84 12.88 17.06
N ARG E 269 -1.87 13.46 16.45
CA ARG E 269 -2.57 14.60 17.03
C ARG E 269 -4.04 14.53 16.65
N PHE E 270 -4.86 15.21 17.44
CA PHE E 270 -6.29 15.28 17.18
C PHE E 270 -6.61 16.36 16.14
N ARG E 271 -7.63 16.10 15.34
CA ARG E 271 -8.05 17.02 14.29
C ARG E 271 -9.57 17.14 14.27
N SER E 272 -10.05 18.26 13.74
CA SER E 272 -11.48 18.49 13.57
C SER E 272 -12.08 17.45 12.62
N LEU E 273 -13.38 17.21 12.78
CA LEU E 273 -14.06 16.17 12.01
C LEU E 273 -13.88 16.38 10.51
N GLY E 274 -13.43 15.33 9.83
CA GLY E 274 -13.16 15.39 8.41
C GLY E 274 -11.73 15.73 8.04
N ASP E 275 -10.93 16.20 9.00
CA ASP E 275 -9.56 16.59 8.73
C ASP E 275 -8.54 15.57 9.23
N GLY E 276 -9.00 14.39 9.64
CA GLY E 276 -8.10 13.36 10.12
C GLY E 276 -8.11 12.11 9.25
N HIS E 277 -7.76 10.96 9.83
CA HIS E 277 -7.66 9.71 9.08
C HIS E 277 -8.78 8.73 9.37
N VAL E 278 -9.69 9.03 10.29
CA VAL E 278 -10.72 8.07 10.66
C VAL E 278 -11.73 7.93 9.54
N ASP E 279 -12.00 6.68 9.15
CA ASP E 279 -13.02 6.34 8.15
C ASP E 279 -14.35 6.21 8.88
N PHE E 280 -15.08 7.32 9.01
CA PHE E 280 -16.32 7.31 9.77
C PHE E 280 -17.43 6.60 9.00
N GLY E 281 -17.36 6.57 7.67
CA GLY E 281 -18.29 5.76 6.91
C GLY E 281 -18.24 4.29 7.31
N ALA E 282 -17.02 3.76 7.49
CA ALA E 282 -16.88 2.39 7.94
C ALA E 282 -17.31 2.23 9.40
N VAL E 283 -17.05 3.25 10.22
CA VAL E 283 -17.41 3.17 11.64
C VAL E 283 -18.93 3.16 11.80
N PHE E 284 -19.62 4.08 11.12
CA PHE E 284 -21.07 4.14 11.23
C PHE E 284 -21.75 2.91 10.64
N SER E 285 -21.18 2.33 9.59
CA SER E 285 -21.76 1.12 9.01
C SER E 285 -21.65 -0.04 9.99
N LYS E 286 -20.48 -0.23 10.61
CA LYS E 286 -20.31 -1.35 11.52
C LYS E 286 -21.18 -1.19 12.77
N LEU E 287 -21.26 0.02 13.33
CA LEU E 287 -22.11 0.21 14.50
C LEU E 287 -23.58 -0.02 14.17
N THR E 288 -24.00 0.39 12.96
CA THR E 288 -25.39 0.19 12.55
C THR E 288 -25.71 -1.29 12.36
N GLN E 289 -24.74 -2.07 11.86
CA GLN E 289 -24.98 -3.47 11.57
C GLN E 289 -25.01 -4.33 12.83
N TYR E 290 -24.37 -3.90 13.91
CA TYR E 290 -24.33 -4.64 15.17
C TYR E 290 -25.37 -4.16 16.18
N ASP E 291 -26.36 -3.38 15.72
CA ASP E 291 -27.47 -2.89 16.54
C ASP E 291 -26.96 -2.13 17.76
N PHE E 292 -26.33 -1.00 17.48
CA PHE E 292 -25.85 -0.10 18.51
C PHE E 292 -26.98 0.86 18.89
N GLU E 293 -27.41 0.80 20.14
CA GLU E 293 -28.51 1.62 20.64
C GLU E 293 -27.98 2.77 21.51
N GLY E 294 -27.30 3.69 20.86
CA GLY E 294 -26.74 4.80 21.60
C GLY E 294 -26.77 6.11 20.85
N TRP E 295 -25.97 7.06 21.31
CA TRP E 295 -25.90 8.39 20.72
C TRP E 295 -24.53 8.58 20.08
N ALA E 296 -24.53 9.28 18.94
CA ALA E 296 -23.29 9.72 18.31
C ALA E 296 -22.95 11.08 18.92
N VAL E 297 -22.01 11.08 19.86
CA VAL E 297 -21.66 12.26 20.64
C VAL E 297 -20.35 12.81 20.10
N LEU E 298 -20.37 14.07 19.68
CA LEU E 298 -19.16 14.75 19.22
C LEU E 298 -18.29 15.16 20.40
N GLU E 299 -17.04 14.73 20.40
CA GLU E 299 -16.02 15.22 21.32
C GLU E 299 -15.00 15.97 20.48
N TRP E 300 -15.02 17.30 20.56
CA TRP E 300 -14.26 18.11 19.62
C TRP E 300 -12.89 18.48 20.20
N GLU E 301 -11.87 18.39 19.34
CA GLU E 301 -10.52 18.81 19.68
C GLU E 301 -9.67 18.87 18.42
N CYS E 302 -8.97 19.98 18.20
CA CYS E 302 -8.13 20.14 17.02
C CYS E 302 -6.92 20.99 17.39
N ALA E 303 -5.82 20.72 16.70
CA ALA E 303 -4.59 21.48 16.92
C ALA E 303 -4.59 22.83 16.21
N LEU E 304 -5.47 23.05 15.25
CA LEU E 304 -5.40 24.26 14.44
C LEU E 304 -6.70 25.06 14.41
N LYS E 305 -7.83 24.39 14.22
CA LYS E 305 -9.08 25.09 13.91
C LYS E 305 -9.68 25.75 15.14
N HIS E 306 -10.39 26.85 14.89
CA HIS E 306 -11.10 27.56 15.95
C HIS E 306 -12.28 26.74 16.47
N PRO E 307 -12.50 26.72 17.78
CA PRO E 307 -13.54 25.83 18.34
C PRO E 307 -14.96 26.13 17.87
N GLU E 308 -15.25 27.36 17.44
CA GLU E 308 -16.61 27.67 17.00
C GLU E 308 -16.91 27.03 15.65
N ASP E 309 -15.95 27.07 14.72
CA ASP E 309 -16.17 26.44 13.42
C ASP E 309 -16.35 24.93 13.57
N GLY E 310 -15.60 24.31 14.48
CA GLY E 310 -15.74 22.88 14.69
C GLY E 310 -17.11 22.49 15.21
N ALA E 311 -17.62 23.25 16.19
CA ALA E 311 -18.94 22.95 16.73
C ALA E 311 -20.05 23.16 15.70
N ARG E 312 -19.88 24.15 14.82
CA ARG E 312 -20.89 24.38 13.80
C ARG E 312 -20.90 23.27 12.76
N GLU E 313 -19.72 22.80 12.34
CA GLU E 313 -19.63 21.78 11.31
C GLU E 313 -19.92 20.37 11.83
N GLY E 314 -19.77 20.14 13.14
CA GLY E 314 -19.93 18.78 13.65
C GLY E 314 -21.33 18.22 13.46
N ALA E 315 -22.35 19.06 13.64
CA ALA E 315 -23.73 18.57 13.54
C ALA E 315 -24.04 18.07 12.15
N GLY E 316 -23.63 18.82 11.12
CA GLY E 316 -23.87 18.38 9.75
C GLY E 316 -23.07 17.15 9.39
N PHE E 317 -21.84 17.04 9.90
CA PHE E 317 -21.02 15.87 9.64
C PHE E 317 -21.68 14.61 10.18
N ILE E 318 -22.20 14.68 11.42
CA ILE E 318 -22.83 13.52 12.03
C ILE E 318 -24.09 13.15 11.27
N GLU E 319 -24.81 14.15 10.75
CA GLU E 319 -26.09 13.90 10.10
C GLU E 319 -25.91 13.13 8.80
N ASN E 320 -24.82 13.40 8.06
CA ASN E 320 -24.63 12.74 6.78
C ASN E 320 -24.15 11.31 6.91
N HIS E 321 -23.61 10.92 8.06
CA HIS E 321 -23.08 9.57 8.27
C HIS E 321 -24.07 8.64 8.96
N ILE E 322 -25.15 9.16 9.55
CA ILE E 322 -26.17 8.31 10.14
C ILE E 322 -26.93 7.59 9.03
N ILE E 323 -27.15 6.30 9.20
CA ILE E 323 -27.79 5.44 8.21
C ILE E 323 -29.19 5.11 8.69
N ARG E 324 -30.20 5.46 7.88
CA ARG E 324 -31.57 5.06 8.13
C ARG E 324 -31.79 3.63 7.64
N VAL E 325 -32.19 2.74 8.57
CA VAL E 325 -32.35 1.33 8.24
C VAL E 325 -33.73 1.09 7.65
N THR E 326 -33.93 -0.08 7.05
CA THR E 326 -35.19 -0.40 6.38
C THR E 326 -36.30 -0.65 7.40
N GLY E 337 -41.87 -19.84 5.13
CA GLY E 337 -42.05 -21.27 4.98
C GLY E 337 -40.93 -21.93 4.20
N THR E 338 -40.84 -23.26 4.30
CA THR E 338 -39.78 -24.02 3.62
C THR E 338 -40.42 -25.17 2.85
N ASP E 339 -40.16 -25.20 1.54
CA ASP E 339 -40.65 -26.28 0.66
C ASP E 339 -39.64 -27.42 0.60
N ASP E 340 -39.36 -28.01 1.77
CA ASP E 340 -38.47 -29.16 1.94
C ASP E 340 -38.38 -30.04 0.70
N ALA E 341 -39.54 -30.39 0.12
CA ALA E 341 -39.56 -31.25 -1.05
C ALA E 341 -38.82 -30.62 -2.23
N ALA E 342 -39.09 -29.34 -2.49
CA ALA E 342 -38.36 -28.65 -3.55
C ALA E 342 -36.88 -28.55 -3.22
N ASN E 343 -36.55 -28.21 -1.96
CA ASN E 343 -35.15 -28.13 -1.56
C ASN E 343 -34.45 -29.47 -1.70
N ARG E 344 -35.17 -30.58 -1.47
CA ARG E 344 -34.55 -31.89 -1.62
C ARG E 344 -34.28 -32.23 -3.09
N ARG E 345 -35.13 -31.75 -4.01
CA ARG E 345 -34.86 -31.97 -5.42
C ARG E 345 -33.66 -31.15 -5.90
N LEU E 346 -33.53 -29.91 -5.41
CA LEU E 346 -32.42 -29.06 -5.84
C LEU E 346 -31.08 -29.61 -5.39
N LEU E 347 -31.02 -30.23 -4.22
CA LEU E 347 -29.78 -30.84 -3.74
C LEU E 347 -29.61 -32.29 -4.17
N GLY E 348 -30.61 -32.88 -4.81
CA GLY E 348 -30.55 -34.29 -5.14
C GLY E 348 -30.81 -35.19 -3.95
N LEU E 349 -31.78 -34.82 -3.11
CA LEU E 349 -32.03 -35.44 -1.80
C LEU E 349 -30.81 -35.28 -0.89
N MET F 1 33.86 6.79 0.29
CA MET F 1 33.05 5.73 0.87
C MET F 1 33.93 4.62 1.44
N LYS F 2 33.40 3.87 2.41
CA LYS F 2 34.17 2.90 3.15
C LYS F 2 33.35 1.64 3.40
N THR F 3 34.02 0.50 3.36
CA THR F 3 33.38 -0.78 3.61
C THR F 3 33.16 -0.98 5.10
N ILE F 4 31.92 -1.32 5.46
CA ILE F 4 31.56 -1.51 6.86
C ILE F 4 32.32 -2.72 7.42
N LYS F 5 32.92 -2.54 8.60
CA LYS F 5 33.64 -3.63 9.25
C LYS F 5 32.65 -4.56 9.94
N GLY F 6 33.01 -5.84 9.98
CA GLY F 6 32.18 -6.85 10.61
C GLY F 6 32.46 -8.23 10.08
N PRO F 7 31.75 -9.24 10.59
CA PRO F 7 30.68 -9.16 11.60
C PRO F 7 31.19 -9.13 13.04
N ALA F 8 30.48 -8.46 13.94
CA ALA F 8 30.79 -8.41 15.36
C ALA F 8 29.56 -8.81 16.17
N ILE F 9 29.74 -9.02 17.47
CA ILE F 9 28.66 -9.51 18.32
C ILE F 9 28.72 -8.83 19.68
N PHE F 10 27.56 -8.49 20.22
CA PHE F 10 27.42 -7.90 21.55
C PHE F 10 27.21 -9.03 22.56
N LEU F 11 28.08 -9.12 23.55
CA LEU F 11 28.13 -10.26 24.48
C LEU F 11 27.14 -10.15 25.64
N ALA F 12 26.45 -9.01 25.79
CA ALA F 12 25.64 -8.79 26.98
C ALA F 12 24.55 -9.85 27.14
N GLN F 13 23.93 -10.27 26.04
CA GLN F 13 22.83 -11.22 26.12
C GLN F 13 23.28 -12.67 26.31
N PHE F 14 24.59 -12.94 26.31
CA PHE F 14 25.07 -14.31 26.32
C PHE F 14 25.94 -14.69 27.51
N VAL F 15 26.23 -13.75 28.42
CA VAL F 15 27.07 -14.06 29.58
C VAL F 15 26.29 -14.96 30.54
N GLY F 16 27.00 -15.91 31.15
CA GLY F 16 26.40 -16.85 32.09
C GLY F 16 27.38 -17.24 33.19
N ASP F 17 27.23 -18.46 33.71
CA ASP F 17 28.06 -18.95 34.80
C ASP F 17 28.99 -20.08 34.39
N LYS F 18 28.65 -20.84 33.36
CA LYS F 18 29.47 -21.96 32.91
C LYS F 18 30.11 -21.63 31.57
N ALA F 19 31.06 -22.48 31.17
CA ALA F 19 31.81 -22.25 29.96
C ALA F 19 30.92 -22.48 28.73
N PRO F 20 31.17 -21.76 27.64
CA PRO F 20 32.17 -20.70 27.47
C PRO F 20 31.59 -19.30 27.71
N PHE F 21 30.61 -19.17 28.61
CA PHE F 21 29.94 -17.90 28.83
C PHE F 21 30.27 -17.26 30.16
N ASP F 22 31.42 -17.59 30.74
CA ASP F 22 31.81 -17.12 32.07
C ASP F 22 32.94 -16.10 32.04
N THR F 23 33.97 -16.30 31.22
CA THR F 23 35.12 -15.43 31.15
C THR F 23 35.20 -14.76 29.77
N LEU F 24 35.90 -13.63 29.73
CA LEU F 24 36.10 -12.92 28.46
C LEU F 24 36.92 -13.74 27.48
N ASP F 25 37.91 -14.49 27.97
CA ASP F 25 38.69 -15.34 27.09
C ASP F 25 37.81 -16.43 26.47
N ASN F 26 36.96 -17.06 27.28
CA ASN F 26 36.08 -18.10 26.75
C ASN F 26 35.05 -17.52 25.80
N LEU F 27 34.50 -16.33 26.12
CA LEU F 27 33.54 -15.70 25.22
C LEU F 27 34.20 -15.34 23.89
N GLY F 28 35.46 -14.93 23.93
CA GLY F 28 36.17 -14.61 22.71
C GLY F 28 36.41 -15.82 21.83
N GLN F 29 36.75 -16.95 22.45
CA GLN F 29 36.92 -18.18 21.68
C GLN F 29 35.59 -18.66 21.10
N TRP F 30 34.51 -18.55 21.89
CA TRP F 30 33.19 -18.94 21.39
C TRP F 30 32.75 -18.02 20.26
N ALA F 31 32.94 -16.70 20.41
CA ALA F 31 32.55 -15.78 19.36
C ALA F 31 33.37 -15.98 18.10
N ALA F 32 34.68 -16.20 18.24
CA ALA F 32 35.53 -16.41 17.07
C ALA F 32 35.22 -17.73 16.38
N SER F 33 34.80 -18.75 17.14
CA SER F 33 34.48 -20.03 16.54
C SER F 33 33.23 -19.95 15.67
N LEU F 34 32.35 -18.99 15.92
CA LEU F 34 31.11 -18.85 15.15
C LEU F 34 31.29 -17.98 13.91
N GLY F 35 32.43 -17.31 13.76
CA GLY F 35 32.69 -16.50 12.59
C GLY F 35 32.76 -15.02 12.83
N TYR F 36 32.65 -14.56 14.07
CA TYR F 36 32.72 -13.14 14.37
C TYR F 36 34.16 -12.67 14.46
N LYS F 37 34.36 -11.39 14.13
CA LYS F 37 35.69 -10.78 14.12
C LYS F 37 35.84 -9.69 15.17
N GLY F 38 34.77 -9.31 15.86
CA GLY F 38 34.83 -8.30 16.89
C GLY F 38 33.82 -8.59 17.96
N ILE F 39 33.98 -7.94 19.11
CA ILE F 39 33.08 -8.11 20.24
C ILE F 39 32.82 -6.76 20.88
N GLN F 40 31.59 -6.54 21.31
CA GLN F 40 31.24 -5.39 22.15
C GLN F 40 31.09 -5.89 23.59
N VAL F 41 31.84 -5.30 24.50
CA VAL F 41 32.00 -5.80 25.86
C VAL F 41 31.22 -4.90 26.81
N PRO F 42 30.28 -5.42 27.58
CA PRO F 42 29.68 -4.63 28.66
C PRO F 42 30.62 -4.51 29.84
N THR F 43 30.54 -3.37 30.52
CA THR F 43 31.49 -3.06 31.58
C THR F 43 30.97 -3.64 32.90
N ASP F 44 30.92 -4.98 32.94
CA ASP F 44 30.54 -5.68 34.17
C ASP F 44 31.80 -6.04 34.97
N PRO F 45 31.85 -5.69 36.26
CA PRO F 45 33.07 -5.94 37.05
C PRO F 45 33.66 -7.35 36.90
N LYS F 46 32.84 -8.38 36.77
CA LYS F 46 33.33 -9.76 36.74
C LYS F 46 34.14 -10.05 35.48
N LEU F 47 33.97 -9.24 34.44
CA LEU F 47 34.51 -9.46 33.11
C LEU F 47 35.58 -8.43 32.74
N PHE F 48 35.34 -7.17 33.10
CA PHE F 48 36.21 -6.07 32.73
C PHE F 48 36.13 -5.03 33.84
N ASP F 49 37.22 -4.86 34.57
CA ASP F 49 37.28 -3.92 35.67
C ASP F 49 37.72 -2.57 35.12
N LEU F 50 36.82 -1.59 35.20
CA LEU F 50 37.14 -0.27 34.64
C LEU F 50 38.27 0.40 35.41
N GLU F 51 38.32 0.20 36.73
CA GLU F 51 39.31 0.89 37.54
C GLU F 51 40.73 0.43 37.21
N LYS F 52 40.93 -0.88 37.11
CA LYS F 52 42.25 -1.38 36.74
C LYS F 52 42.61 -1.00 35.31
N ALA F 53 41.61 -1.00 34.42
CA ALA F 53 41.86 -0.65 33.03
C ALA F 53 42.09 0.85 32.86
N ALA F 54 41.40 1.67 33.66
CA ALA F 54 41.60 3.11 33.58
C ALA F 54 42.92 3.54 34.22
N ALA F 55 43.54 2.67 35.02
CA ALA F 55 44.79 2.99 35.70
C ALA F 55 46.01 2.42 35.00
N SER F 56 45.89 1.23 34.43
CA SER F 56 47.03 0.53 33.83
C SER F 56 46.74 0.21 32.38
N LYS F 57 47.56 0.76 31.49
CA LYS F 57 47.55 0.38 30.08
C LYS F 57 47.92 -1.09 29.88
N ALA F 58 48.80 -1.62 30.72
CA ALA F 58 49.22 -3.02 30.59
C ALA F 58 48.05 -3.99 30.74
N TYR F 59 47.18 -3.74 31.71
CA TYR F 59 45.98 -4.55 31.87
C TYR F 59 45.16 -4.55 30.58
N CYS F 60 44.99 -3.38 29.97
CA CYS F 60 44.28 -3.30 28.70
C CYS F 60 45.04 -4.02 27.60
N ASP F 61 46.35 -3.86 27.54
CA ASP F 61 47.15 -4.56 26.54
C ASP F 61 47.02 -6.08 26.67
N ASP F 62 46.81 -6.59 27.88
CA ASP F 62 46.62 -8.04 28.03
C ASP F 62 45.35 -8.48 27.32
N ILE F 63 44.24 -7.77 27.57
CA ILE F 63 42.97 -8.13 26.95
C ILE F 63 43.09 -8.05 25.44
N LYS F 64 43.70 -6.98 24.93
CA LYS F 64 43.97 -6.90 23.49
C LYS F 64 44.82 -8.07 23.02
N GLY F 65 45.89 -8.37 23.78
CA GLY F 65 46.80 -9.43 23.36
C GLY F 65 46.16 -10.80 23.33
N ARG F 66 45.52 -11.19 24.44
CA ARG F 66 44.96 -12.54 24.52
C ARG F 66 43.79 -12.73 23.56
N LEU F 67 42.97 -11.69 23.37
CA LEU F 67 41.88 -11.78 22.41
C LEU F 67 42.41 -11.87 20.99
N ALA F 68 43.52 -11.16 20.69
CA ALA F 68 44.09 -11.23 19.35
C ALA F 68 44.66 -12.61 19.04
N GLU F 69 45.12 -13.33 20.08
CA GLU F 69 45.53 -14.72 19.88
C GLU F 69 44.36 -15.62 19.48
N THR F 70 43.13 -15.17 19.70
CA THR F 70 41.95 -15.91 19.27
C THR F 70 41.40 -15.42 17.94
N GLY F 71 41.78 -14.22 17.51
CA GLY F 71 41.26 -13.65 16.28
C GLY F 71 40.13 -12.66 16.49
N ILE F 72 40.08 -12.01 17.65
CA ILE F 72 38.99 -11.15 18.06
C ILE F 72 39.55 -9.81 18.53
N GLU F 73 38.82 -8.73 18.27
CA GLU F 73 39.18 -7.41 18.75
C GLU F 73 37.97 -6.76 19.41
N ILE F 74 38.25 -5.92 20.40
CA ILE F 74 37.20 -5.19 21.09
C ILE F 74 36.79 -4.02 20.22
N THR F 75 35.51 -3.99 19.84
CA THR F 75 35.01 -2.90 19.01
C THR F 75 34.77 -1.64 19.82
N GLU F 76 33.92 -1.73 20.84
CA GLU F 76 33.67 -0.63 21.77
C GLU F 76 33.30 -1.21 23.14
N LEU F 77 33.34 -0.34 24.16
CA LEU F 77 32.79 -0.65 25.46
C LEU F 77 31.36 -0.11 25.59
N SER F 78 30.61 -0.74 26.49
CA SER F 78 29.21 -0.40 26.73
C SER F 78 29.03 -0.06 28.21
N THR F 79 28.39 1.07 28.47
CA THR F 79 27.99 1.47 29.82
C THR F 79 26.51 1.82 29.83
N HIS F 80 25.69 0.95 29.23
CA HIS F 80 24.25 1.14 29.21
C HIS F 80 23.69 1.21 30.63
N ILE F 81 24.11 0.27 31.48
CA ILE F 81 23.61 0.23 32.85
C ILE F 81 23.97 1.50 33.60
N GLN F 82 25.24 1.88 33.57
CA GLN F 82 25.69 3.05 34.31
C GLN F 82 25.08 4.33 33.73
N GLY F 83 24.98 4.42 32.40
CA GLY F 83 24.36 5.58 31.80
C GLY F 83 22.92 5.79 32.22
N GLN F 84 22.19 4.69 32.44
CA GLN F 84 20.82 4.80 32.91
C GLN F 84 20.77 5.42 34.31
N LEU F 85 21.72 5.07 35.16
CA LEU F 85 21.73 5.54 36.54
C LEU F 85 22.18 6.98 36.69
N VAL F 86 22.65 7.62 35.61
CA VAL F 86 23.01 9.03 35.68
C VAL F 86 21.77 9.89 35.89
N SER F 87 20.61 9.44 35.43
CA SER F 87 19.38 10.19 35.59
C SER F 87 18.22 9.21 35.77
N VAL F 88 17.66 9.16 36.97
CA VAL F 88 16.59 8.23 37.31
C VAL F 88 15.46 8.99 38.00
N HIS F 89 14.23 8.75 37.55
CA HIS F 89 13.06 9.30 38.22
C HIS F 89 12.71 8.43 39.43
N PRO F 90 12.23 9.04 40.53
CA PRO F 90 12.00 8.26 41.75
C PRO F 90 11.10 7.04 41.59
N ALA F 91 10.15 7.05 40.65
CA ALA F 91 9.26 5.91 40.48
C ALA F 91 10.02 4.63 40.11
N TYR F 92 11.23 4.75 39.56
CA TYR F 92 12.01 3.61 39.13
C TYR F 92 13.22 3.38 40.03
N ASP F 93 13.30 4.06 41.18
CA ASP F 93 14.47 3.96 42.04
C ASP F 93 14.74 2.52 42.47
N GLU F 94 13.70 1.82 42.91
CA GLU F 94 13.89 0.46 43.41
C GLU F 94 14.08 -0.55 42.29
N MET F 95 13.40 -0.34 41.16
CA MET F 95 13.50 -1.30 40.05
C MET F 95 14.90 -1.28 39.42
N PHE F 96 15.60 -0.15 39.49
CA PHE F 96 16.95 -0.05 38.92
C PHE F 96 18.06 -0.33 39.92
N ASP F 97 17.74 -0.48 41.20
CA ASP F 97 18.78 -0.69 42.21
C ASP F 97 19.50 -2.03 42.02
N GLY F 98 18.85 -3.01 41.39
CA GLY F 98 19.46 -4.30 41.15
C GLY F 98 20.65 -4.27 40.19
N PHE F 99 20.91 -3.15 39.53
CA PHE F 99 22.03 -3.02 38.61
C PHE F 99 23.27 -2.38 39.22
N ALA F 100 23.18 -1.87 40.43
CA ALA F 100 24.32 -1.28 41.11
C ALA F 100 24.93 -2.29 42.07
N PRO F 101 26.18 -2.08 42.49
CA PRO F 101 26.76 -2.96 43.52
C PRO F 101 25.89 -3.00 44.76
N ALA F 102 25.97 -4.13 45.48
CA ALA F 102 25.02 -4.42 46.55
C ALA F 102 24.98 -3.30 47.59
N GLU F 103 26.13 -2.68 47.89
CA GLU F 103 26.16 -1.64 48.91
C GLU F 103 25.46 -0.36 48.47
N LEU F 104 25.20 -0.20 47.16
CA LEU F 104 24.56 1.01 46.66
C LEU F 104 23.04 0.92 46.61
N ARG F 105 22.46 -0.25 46.86
CA ARG F 105 21.01 -0.37 46.90
C ARG F 105 20.45 0.51 48.02
N GLY F 106 19.41 1.27 47.72
CA GLY F 106 18.84 2.21 48.66
C GLY F 106 19.60 3.51 48.81
N ARG F 107 20.77 3.64 48.18
CA ARG F 107 21.57 4.86 48.22
C ARG F 107 21.44 5.56 46.87
N PRO F 108 20.46 6.46 46.69
CA PRO F 108 20.24 7.06 45.37
C PRO F 108 21.39 7.94 44.90
N GLN F 109 21.72 8.95 45.71
CA GLN F 109 22.74 9.92 45.31
C GLN F 109 24.11 9.26 45.15
N ALA F 110 24.39 8.23 45.94
CA ALA F 110 25.63 7.48 45.75
C ALA F 110 25.58 6.65 44.48
N ARG F 111 24.41 6.09 44.16
CA ARG F 111 24.25 5.33 42.92
C ARG F 111 24.45 6.20 41.69
N GLN F 112 23.93 7.44 41.74
CA GLN F 112 24.06 8.35 40.61
C GLN F 112 25.53 8.72 40.38
N GLU F 113 26.24 9.07 41.45
CA GLU F 113 27.61 9.54 41.31
C GLU F 113 28.59 8.39 41.07
N TRP F 114 28.27 7.18 41.57
CA TRP F 114 29.05 6.01 41.20
C TRP F 114 29.02 5.78 39.69
N ALA F 115 27.86 6.06 39.07
CA ALA F 115 27.72 5.88 37.64
C ALA F 115 28.53 6.93 36.87
N VAL F 116 28.56 8.16 37.37
CA VAL F 116 29.35 9.21 36.75
C VAL F 116 30.82 8.82 36.75
N ASN F 117 31.28 8.20 37.84
CA ASN F 117 32.65 7.71 37.90
C ASN F 117 32.90 6.59 36.91
N GLN F 118 31.93 5.68 36.75
CA GLN F 118 32.08 4.61 35.78
C GLN F 118 32.18 5.16 34.36
N LEU F 119 31.35 6.16 34.04
CA LEU F 119 31.40 6.75 32.71
C LEU F 119 32.72 7.44 32.43
N LYS F 120 33.24 8.19 33.41
CA LYS F 120 34.49 8.92 33.19
C LYS F 120 35.68 7.97 33.10
N CYS F 121 35.68 6.91 33.89
CA CYS F 121 36.74 5.91 33.78
C CYS F 121 36.68 5.16 32.46
N ALA F 122 35.48 5.03 31.88
CA ALA F 122 35.34 4.35 30.60
C ALA F 122 36.00 5.11 29.47
N ALA F 123 36.02 6.45 29.55
CA ALA F 123 36.72 7.23 28.53
C ALA F 123 38.21 6.97 28.56
N LYS F 124 38.80 6.91 29.75
CA LYS F 124 40.23 6.62 29.86
C LYS F 124 40.54 5.24 29.30
N ALA F 125 39.80 4.22 29.73
CA ALA F 125 40.05 2.86 29.24
C ALA F 125 39.85 2.76 27.75
N SER F 126 38.91 3.53 27.18
CA SER F 126 38.73 3.53 25.73
C SER F 126 39.92 4.22 25.06
N GLN F 127 40.41 5.32 25.66
CA GLN F 127 41.61 5.97 25.15
C GLN F 127 42.77 4.99 25.13
N HIS F 128 42.90 4.19 26.19
CA HIS F 128 43.96 3.19 26.27
C HIS F 128 43.83 2.10 25.23
N LEU F 129 42.62 1.57 25.02
CA LEU F 129 42.45 0.46 24.08
C LEU F 129 42.50 0.90 22.61
N GLY F 130 42.62 2.19 22.32
CA GLY F 130 42.63 2.67 20.95
C GLY F 130 41.27 2.68 20.29
N LEU F 131 40.21 2.80 21.08
CA LEU F 131 38.85 2.80 20.57
C LEU F 131 38.37 4.21 20.32
N LYS F 132 37.55 4.36 19.27
CA LYS F 132 37.02 5.66 18.89
C LYS F 132 35.60 5.91 19.39
N SER F 133 34.83 4.87 19.70
CA SER F 133 33.42 5.03 20.06
C SER F 133 33.15 4.36 21.41
N HIS F 134 32.04 4.79 22.04
CA HIS F 134 31.60 4.22 23.31
C HIS F 134 30.08 4.29 23.38
N ALA F 135 29.46 3.19 23.80
CA ALA F 135 28.01 3.05 23.84
C ALA F 135 27.48 3.22 25.26
N SER F 136 26.35 3.91 25.39
CA SER F 136 25.77 4.17 26.71
C SER F 136 24.30 4.55 26.54
N PHE F 137 23.62 4.64 27.68
CA PHE F 137 22.27 5.18 27.78
C PHE F 137 22.30 6.58 28.39
N SER F 138 21.18 7.28 28.28
CA SER F 138 21.11 8.67 28.75
C SER F 138 20.37 8.83 30.07
N GLY F 139 19.53 7.87 30.47
CA GLY F 139 18.67 8.03 31.62
C GLY F 139 17.39 8.79 31.28
N ALA F 140 16.49 8.84 32.27
CA ALA F 140 15.19 9.46 32.05
C ALA F 140 14.68 10.13 33.32
N LEU F 141 14.31 11.40 33.20
CA LEU F 141 13.62 12.13 34.26
C LEU F 141 12.14 12.35 33.98
N ALA F 142 11.73 12.40 32.72
CA ALA F 142 10.36 12.76 32.36
C ALA F 142 9.60 11.63 31.68
N TRP F 143 10.18 10.43 31.62
CA TRP F 143 9.49 9.33 30.96
C TRP F 143 8.12 9.03 31.53
N PRO F 144 7.87 9.09 32.85
CA PRO F 144 6.50 8.92 33.33
C PRO F 144 5.51 9.91 32.75
N PHE F 145 5.98 11.01 32.18
CA PHE F 145 5.11 12.05 31.61
C PHE F 145 5.15 12.08 30.09
N ILE F 146 5.37 10.92 29.47
CA ILE F 146 5.52 10.86 28.01
C ILE F 146 4.21 11.23 27.32
N TYR F 147 3.06 10.84 27.89
CA TYR F 147 1.79 11.24 27.31
C TYR F 147 1.24 12.43 28.07
N PRO F 148 0.75 13.47 27.39
CA PRO F 148 0.27 14.65 28.12
C PRO F 148 -1.06 14.42 28.83
N TRP F 149 -1.16 13.32 29.58
CA TRP F 149 -2.31 13.10 30.46
C TRP F 149 -1.83 12.40 31.72
N PRO F 150 -1.84 13.08 32.87
CA PRO F 150 -2.31 14.46 33.11
C PRO F 150 -1.48 15.52 32.36
N GLN F 151 -2.05 16.69 32.11
CA GLN F 151 -1.34 17.74 31.39
C GLN F 151 -0.02 18.08 32.08
N ARG F 152 1.01 18.30 31.29
CA ARG F 152 2.31 18.64 31.84
C ARG F 152 2.34 20.13 32.20
N PRO F 153 2.73 20.49 33.41
CA PRO F 153 2.85 21.90 33.78
C PRO F 153 3.96 22.60 33.00
N ALA F 154 3.84 23.92 32.91
CA ALA F 154 4.83 24.70 32.18
C ALA F 154 6.20 24.59 32.84
N GLY F 155 7.22 24.37 32.03
CA GLY F 155 8.58 24.26 32.50
C GLY F 155 9.01 22.87 32.91
N LEU F 156 8.10 21.90 32.92
CA LEU F 156 8.43 20.55 33.36
C LEU F 156 9.46 19.90 32.44
N VAL F 157 9.17 19.88 31.14
CA VAL F 157 10.08 19.25 30.18
C VAL F 157 11.39 20.04 30.07
N GLU F 158 11.29 21.37 30.09
CA GLU F 158 12.47 22.21 29.92
C GLU F 158 13.45 22.03 31.08
N MET F 159 12.94 21.98 32.31
CA MET F 159 13.79 21.73 33.46
C MET F 159 14.43 20.35 33.38
N ALA F 160 13.68 19.35 32.91
CA ALA F 160 14.23 17.99 32.79
C ALA F 160 15.40 17.95 31.82
N PHE F 161 15.27 18.62 30.68
CA PHE F 161 16.36 18.63 29.71
C PHE F 161 17.51 19.54 30.12
N ALA F 162 17.22 20.61 30.88
CA ALA F 162 18.29 21.42 31.44
C ALA F 162 19.13 20.61 32.43
N GLU F 163 18.48 19.81 33.26
CA GLU F 163 19.21 18.97 34.20
C GLU F 163 20.01 17.89 33.49
N LEU F 164 19.48 17.31 32.40
CA LEU F 164 20.22 16.28 31.67
C LEU F 164 21.55 16.79 31.15
N GLY F 165 21.55 17.98 30.52
CA GLY F 165 22.80 18.54 30.04
C GLY F 165 23.75 18.90 31.16
N LYS F 166 23.22 19.42 32.26
CA LYS F 166 24.06 19.79 33.40
C LYS F 166 24.75 18.56 33.98
N ARG F 167 24.12 17.40 33.88
CA ARG F 167 24.71 16.18 34.42
C ARG F 167 25.68 15.51 33.44
N TRP F 168 25.42 15.62 32.14
CA TRP F 168 26.23 14.96 31.12
C TRP F 168 27.36 15.81 30.57
N THR F 169 27.27 17.14 30.65
CA THR F 169 28.31 17.99 30.10
C THR F 169 29.68 17.75 30.72
N PRO F 170 29.84 17.65 32.05
CA PRO F 170 31.16 17.25 32.58
C PRO F 170 31.65 15.93 32.03
N ILE F 171 30.77 14.93 31.94
CA ILE F 171 31.16 13.64 31.39
C ILE F 171 31.56 13.78 29.92
N LEU F 172 30.80 14.57 29.15
CA LEU F 172 31.13 14.77 27.75
C LEU F 172 32.47 15.48 27.58
N ASP F 173 32.81 16.40 28.49
CA ASP F 173 34.11 17.06 28.42
C ASP F 173 35.24 16.06 28.67
N THR F 174 35.02 15.09 29.55
CA THR F 174 36.02 14.06 29.77
C THR F 174 36.24 13.24 28.51
N PHE F 175 35.16 12.95 27.78
CA PHE F 175 35.29 12.23 26.52
C PHE F 175 35.98 13.07 25.46
N GLU F 176 35.89 14.39 25.58
CA GLU F 176 36.60 15.27 24.65
C GLU F 176 38.11 15.13 24.85
N GLU F 177 38.56 15.11 26.10
CA GLU F 177 39.98 15.06 26.42
C GLU F 177 40.63 13.73 26.06
N ASN F 178 39.84 12.66 25.93
CA ASN F 178 40.37 11.36 25.55
C ASN F 178 40.14 11.03 24.08
N GLY F 179 39.39 11.85 23.36
CA GLY F 179 39.15 11.62 21.95
C GLY F 179 38.25 10.45 21.63
N VAL F 180 37.18 10.25 22.40
CA VAL F 180 36.25 9.14 22.21
C VAL F 180 34.84 9.69 22.04
N ASP F 181 34.12 9.13 21.09
CA ASP F 181 32.74 9.54 20.85
C ASP F 181 31.79 8.80 21.78
N LEU F 182 30.81 9.52 22.32
CA LEU F 182 29.79 8.95 23.18
C LEU F 182 28.52 8.79 22.38
N CYS F 183 28.08 7.53 22.21
CA CYS F 183 26.95 7.20 21.34
C CYS F 183 25.77 6.77 22.20
N TYR F 184 24.73 7.60 22.23
CA TYR F 184 23.51 7.25 22.93
C TYR F 184 22.63 6.38 22.05
N GLU F 185 22.05 5.35 22.63
CA GLU F 185 21.10 4.49 21.94
C GLU F 185 19.70 5.01 22.25
N LEU F 186 19.01 5.51 21.23
CA LEU F 186 17.66 6.01 21.42
C LEU F 186 16.71 4.85 21.68
N HIS F 187 16.08 4.85 22.86
CA HIS F 187 15.47 3.67 23.45
C HIS F 187 14.28 4.09 24.29
N PRO F 188 13.19 3.30 24.28
CA PRO F 188 12.07 3.62 25.17
C PRO F 188 12.49 3.59 26.64
N GLY F 189 11.81 4.39 27.45
CA GLY F 189 12.21 4.55 28.83
C GLY F 189 13.38 5.48 29.05
N GLU F 190 13.83 6.19 28.02
CA GLU F 190 14.85 7.22 28.16
C GLU F 190 14.29 8.55 27.68
N ASP F 191 14.86 9.64 28.20
CA ASP F 191 14.52 10.96 27.68
C ASP F 191 14.98 11.10 26.23
N LEU F 192 16.06 10.42 25.85
CA LEU F 192 16.51 10.34 24.46
C LEU F 192 15.92 9.07 23.85
N HIS F 193 14.73 9.21 23.24
CA HIS F 193 14.06 8.07 22.65
C HIS F 193 13.68 8.27 21.18
N ASP F 194 13.98 9.43 20.60
CA ASP F 194 13.77 9.65 19.17
C ASP F 194 14.65 10.81 18.73
N GLY F 195 14.48 11.24 17.47
CA GLY F 195 15.34 12.27 16.93
C GLY F 195 15.04 13.65 17.48
N ILE F 196 13.76 13.94 17.72
CA ILE F 196 13.37 15.25 18.25
C ILE F 196 13.99 15.48 19.62
N THR F 197 13.95 14.46 20.49
CA THR F 197 14.52 14.62 21.82
C THR F 197 16.05 14.70 21.78
N PHE F 198 16.67 14.03 20.81
CA PHE F 198 18.13 14.14 20.67
C PHE F 198 18.53 15.55 20.30
N GLU F 199 17.78 16.21 19.42
CA GLU F 199 18.09 17.59 19.07
C GLU F 199 17.93 18.51 20.28
N ARG F 200 16.93 18.25 21.12
CA ARG F 200 16.74 19.06 22.31
C ARG F 200 17.89 18.89 23.29
N PHE F 201 18.37 17.65 23.46
CA PHE F 201 19.52 17.41 24.33
C PHE F 201 20.79 18.03 23.78
N LEU F 202 20.98 17.98 22.45
CA LEU F 202 22.15 18.58 21.85
C LEU F 202 22.20 20.08 22.11
N GLU F 203 21.05 20.75 22.04
CA GLU F 203 21.02 22.19 22.29
C GLU F 203 21.31 22.51 23.75
N ALA F 204 20.98 21.59 24.66
CA ALA F 204 21.22 21.81 26.08
C ALA F 204 22.67 21.56 26.50
N THR F 205 23.48 20.96 25.62
CA THR F 205 24.89 20.73 25.92
C THR F 205 25.81 21.64 25.12
N GLY F 206 25.26 22.68 24.48
CA GLY F 206 26.07 23.55 23.65
C GLY F 206 26.56 22.88 22.40
N ASN F 207 25.77 21.97 21.82
CA ASN F 207 26.15 21.26 20.59
C ASN F 207 27.48 20.54 20.75
N HIS F 208 27.68 19.87 21.88
CA HIS F 208 28.94 19.20 22.15
C HIS F 208 29.26 18.22 21.04
N SER F 209 30.50 18.30 20.53
CA SER F 209 30.90 17.52 19.37
C SER F 209 31.03 16.03 19.67
N ARG F 210 31.05 15.63 20.94
CA ARG F 210 31.21 14.23 21.32
C ARG F 210 29.89 13.54 21.62
N ALA F 211 28.77 14.26 21.56
CA ALA F 211 27.45 13.67 21.77
C ALA F 211 26.97 13.11 20.43
N ASN F 212 26.84 11.79 20.36
CA ASN F 212 26.49 11.14 19.10
C ASN F 212 25.42 10.07 19.31
N ILE F 213 25.14 9.30 18.26
CA ILE F 213 24.00 8.38 18.24
C ILE F 213 24.50 6.97 17.98
N LEU F 214 23.96 6.01 18.72
CA LEU F 214 24.05 4.59 18.36
C LEU F 214 22.76 4.23 17.63
N TYR F 215 22.89 3.86 16.36
CA TYR F 215 21.73 3.60 15.51
C TYR F 215 21.29 2.15 15.69
N ASP F 216 20.05 1.98 16.15
CA ASP F 216 19.43 0.66 16.28
C ASP F 216 18.03 0.74 15.69
N PRO F 217 17.80 0.18 14.51
CA PRO F 217 16.49 0.37 13.86
C PRO F 217 15.34 -0.34 14.55
N SER F 218 15.61 -1.33 15.38
CA SER F 218 14.53 -2.11 15.98
C SER F 218 13.65 -1.25 16.89
N HIS F 219 14.26 -0.33 17.63
CA HIS F 219 13.49 0.51 18.54
C HIS F 219 12.62 1.51 17.80
N PHE F 220 13.00 1.91 16.59
CA PHE F 220 12.16 2.79 15.80
C PHE F 220 10.96 2.03 15.23
N VAL F 221 11.17 0.76 14.86
CA VAL F 221 10.07 -0.07 14.35
C VAL F 221 9.03 -0.29 15.43
N LEU F 222 9.45 -0.44 16.69
CA LEU F 222 8.52 -0.75 17.77
C LEU F 222 7.61 0.42 18.13
N GLN F 223 7.93 1.63 17.67
CA GLN F 223 7.07 2.79 17.89
C GLN F 223 6.57 3.38 16.57
N ALA F 224 6.65 2.62 15.48
CA ALA F 224 6.12 3.00 14.16
C ALA F 224 6.76 4.30 13.67
N MET F 225 8.08 4.30 13.60
CA MET F 225 8.87 5.45 13.18
C MET F 225 9.72 5.07 11.97
N ASP F 226 9.90 6.02 11.05
CA ASP F 226 10.62 5.76 9.80
C ASP F 226 12.11 5.70 10.08
N TYR F 227 12.65 4.49 10.17
CA TYR F 227 14.05 4.29 10.53
C TYR F 227 15.01 4.59 9.38
N LEU F 228 14.53 4.59 8.13
CA LEU F 228 15.42 4.91 7.02
C LEU F 228 15.59 6.41 6.84
N ASP F 229 14.51 7.18 6.98
CA ASP F 229 14.63 8.63 6.94
C ASP F 229 15.45 9.16 8.10
N PHE F 230 15.48 8.44 9.22
CA PHE F 230 16.34 8.83 10.33
C PHE F 230 17.79 8.89 9.91
N ILE F 231 18.24 7.93 9.10
CA ILE F 231 19.62 7.91 8.64
C ILE F 231 19.91 9.11 7.75
N ASP F 232 18.96 9.50 6.89
CA ASP F 232 19.18 10.63 6.00
C ASP F 232 19.36 11.94 6.76
N ILE F 233 18.76 12.05 7.93
CA ILE F 233 18.77 13.31 8.67
C ILE F 233 19.99 13.39 9.60
N TYR F 234 20.36 12.28 10.24
CA TYR F 234 21.32 12.30 11.34
C TYR F 234 22.61 11.54 11.01
N HIS F 235 22.89 11.29 9.73
CA HIS F 235 24.04 10.45 9.38
C HIS F 235 25.35 11.06 9.88
N GLU F 236 25.40 12.38 10.02
CA GLU F 236 26.62 13.03 10.50
C GLU F 236 26.92 12.66 11.95
N ARG F 237 25.89 12.33 12.74
CA ARG F 237 26.04 12.03 14.16
C ARG F 237 25.95 10.55 14.48
N ILE F 238 25.91 9.68 13.47
CA ILE F 238 25.82 8.24 13.71
C ILE F 238 27.22 7.65 13.74
N ARG F 239 27.61 7.10 14.89
CA ARG F 239 28.94 6.55 15.09
C ARG F 239 28.96 5.08 15.50
N ALA F 240 27.80 4.46 15.75
CA ALA F 240 27.75 3.06 16.11
C ALA F 240 26.47 2.46 15.54
N PHE F 241 26.47 1.14 15.41
CA PHE F 241 25.43 0.44 14.66
C PHE F 241 25.12 -0.89 15.33
N HIS F 242 23.87 -1.05 15.76
CA HIS F 242 23.37 -2.32 16.27
C HIS F 242 22.53 -3.01 15.21
N VAL F 243 22.87 -4.26 14.89
CA VAL F 243 22.08 -5.07 13.97
C VAL F 243 21.06 -5.85 14.79
N LYS F 244 19.80 -5.43 14.73
CA LYS F 244 18.76 -6.04 15.56
C LYS F 244 17.44 -5.95 14.82
N ASP F 245 16.72 -7.07 14.75
CA ASP F 245 15.48 -7.15 13.98
C ASP F 245 14.27 -7.08 14.89
N ALA F 246 13.15 -6.66 14.32
CA ALA F 246 11.90 -6.51 15.06
C ALA F 246 10.74 -6.42 14.07
N GLU F 247 9.53 -6.64 14.59
CA GLU F 247 8.32 -6.55 13.79
C GLU F 247 7.23 -5.86 14.60
N PHE F 248 6.29 -5.23 13.89
CA PHE F 248 5.15 -4.57 14.50
C PHE F 248 3.90 -4.96 13.72
N ASN F 249 3.02 -5.75 14.33
CA ASN F 249 1.79 -6.23 13.71
C ASN F 249 0.60 -5.81 14.56
N PRO F 250 0.03 -4.64 14.30
CA PRO F 250 -1.10 -4.19 15.12
C PRO F 250 -2.35 -5.03 14.85
N THR F 251 -3.14 -5.22 15.89
CA THR F 251 -4.38 -5.97 15.83
C THR F 251 -5.53 -5.08 16.29
N GLY F 252 -6.71 -5.67 16.42
CA GLY F 252 -7.84 -4.98 16.99
C GLY F 252 -7.89 -4.96 18.50
N ARG F 253 -6.88 -5.54 19.16
CA ARG F 253 -6.85 -5.62 20.61
C ARG F 253 -5.74 -4.81 21.25
N SER F 254 -4.67 -4.48 20.53
CA SER F 254 -3.51 -3.85 21.13
C SER F 254 -2.75 -3.09 20.05
N GLY F 255 -1.97 -2.10 20.49
CA GLY F 255 -1.17 -1.28 19.61
C GLY F 255 0.26 -1.14 20.12
N VAL F 256 0.79 0.07 19.97
CA VAL F 256 2.20 0.30 20.29
C VAL F 256 2.46 0.13 21.78
N TYR F 257 1.51 0.57 22.62
CA TYR F 257 1.73 0.52 24.06
C TYR F 257 1.86 -0.92 24.56
N GLY F 258 1.05 -1.84 24.03
CA GLY F 258 1.24 -3.26 24.23
C GLY F 258 0.38 -3.92 25.29
N GLY F 259 -0.28 -3.13 26.14
CA GLY F 259 -1.18 -3.70 27.12
C GLY F 259 -0.54 -4.56 28.20
N TYR F 260 0.67 -4.22 28.62
CA TYR F 260 1.41 -4.95 29.67
C TYR F 260 1.65 -6.41 29.30
N GLN F 261 1.56 -6.76 28.02
CA GLN F 261 1.75 -8.13 27.59
C GLN F 261 3.25 -8.48 27.54
N GLY F 262 3.52 -9.78 27.56
CA GLY F 262 4.88 -10.26 27.40
C GLY F 262 5.35 -10.14 25.95
N TRP F 263 6.64 -10.40 25.75
CA TRP F 263 7.23 -10.15 24.44
C TRP F 263 6.67 -11.06 23.35
N VAL F 264 6.24 -12.27 23.70
CA VAL F 264 5.75 -13.19 22.68
C VAL F 264 4.40 -12.73 22.12
N ASP F 265 3.57 -12.09 22.94
CA ASP F 265 2.22 -11.69 22.58
C ASP F 265 2.08 -10.21 22.24
N ARG F 266 3.13 -9.41 22.42
CA ARG F 266 3.04 -8.00 22.09
C ARG F 266 2.91 -7.82 20.58
N PRO F 267 2.14 -6.83 20.12
CA PRO F 267 2.12 -6.53 18.68
C PRO F 267 3.50 -6.16 18.14
N GLY F 268 4.26 -5.37 18.90
CA GLY F 268 5.62 -5.03 18.55
C GLY F 268 6.60 -5.80 19.43
N ARG F 269 7.41 -6.63 18.80
CA ARG F 269 8.32 -7.51 19.53
C ARG F 269 9.61 -7.70 18.73
N PHE F 270 10.66 -8.11 19.42
CA PHE F 270 11.95 -8.39 18.80
C PHE F 270 11.97 -9.78 18.18
N ARG F 271 12.71 -9.90 17.08
CA ARG F 271 12.84 -11.17 16.36
C ARG F 271 14.29 -11.38 15.96
N SER F 272 14.65 -12.64 15.74
CA SER F 272 15.97 -12.98 15.24
C SER F 272 16.17 -12.41 13.84
N LEU F 273 17.45 -12.20 13.48
CA LEU F 273 17.78 -11.56 12.21
C LEU F 273 17.16 -12.32 11.04
N GLY F 274 16.44 -11.57 10.19
CA GLY F 274 15.77 -12.14 9.04
C GLY F 274 14.32 -12.50 9.25
N ASP F 275 13.84 -12.55 10.48
CA ASP F 275 12.46 -12.91 10.78
C ASP F 275 11.61 -11.70 11.18
N GLY F 276 12.12 -10.49 10.98
CA GLY F 276 11.37 -9.29 11.30
C GLY F 276 11.04 -8.48 10.08
N HIS F 277 10.83 -7.17 10.25
CA HIS F 277 10.40 -6.29 9.17
C HIS F 277 11.49 -5.32 8.70
N VAL F 278 12.66 -5.30 9.33
CA VAL F 278 13.69 -4.32 8.99
C VAL F 278 14.28 -4.66 7.62
N ASP F 279 14.34 -3.65 6.75
CA ASP F 279 14.96 -3.77 5.43
C ASP F 279 16.45 -3.47 5.59
N PHE F 280 17.24 -4.52 5.87
CA PHE F 280 18.65 -4.32 6.16
C PHE F 280 19.46 -4.01 4.90
N GLY F 281 18.99 -4.44 3.73
CA GLY F 281 19.65 -4.02 2.50
C GLY F 281 19.71 -2.51 2.35
N ALA F 282 18.60 -1.84 2.66
CA ALA F 282 18.57 -0.38 2.59
C ALA F 282 19.41 0.25 3.70
N VAL F 283 19.43 -0.36 4.88
CA VAL F 283 20.19 0.21 6.00
C VAL F 283 21.68 0.18 5.70
N PHE F 284 22.19 -0.96 5.23
CA PHE F 284 23.61 -1.08 4.93
C PHE F 284 24.00 -0.19 3.74
N SER F 285 23.10 -0.01 2.77
CA SER F 285 23.39 0.86 1.65
C SER F 285 23.52 2.31 2.08
N LYS F 286 22.62 2.77 2.94
CA LYS F 286 22.68 4.17 3.40
C LYS F 286 23.91 4.41 4.26
N LEU F 287 24.24 3.48 5.16
CA LEU F 287 25.43 3.64 5.98
C LEU F 287 26.70 3.62 5.13
N THR F 288 26.71 2.81 4.07
CA THR F 288 27.86 2.77 3.19
C THR F 288 28.00 4.07 2.41
N GLN F 289 26.87 4.67 2.02
CA GLN F 289 26.88 5.87 1.19
C GLN F 289 27.22 7.13 1.98
N TYR F 290 26.96 7.14 3.29
CA TYR F 290 27.19 8.31 4.14
C TYR F 290 28.52 8.24 4.89
N ASP F 291 29.43 7.38 4.46
CA ASP F 291 30.79 7.28 5.01
C ASP F 291 30.74 6.92 6.50
N PHE F 292 30.20 5.74 6.79
CA PHE F 292 30.19 5.22 8.16
C PHE F 292 31.42 4.36 8.39
N GLU F 293 32.28 4.78 9.31
CA GLU F 293 33.52 4.06 9.61
C GLU F 293 33.37 3.38 10.96
N GLY F 294 32.54 2.34 11.01
CA GLY F 294 32.27 1.64 12.25
C GLY F 294 32.07 0.15 12.10
N TRP F 295 31.46 -0.46 13.12
CA TRP F 295 31.23 -1.90 13.16
C TRP F 295 29.75 -2.23 13.08
N ALA F 296 29.44 -3.32 12.37
CA ALA F 296 28.10 -3.90 12.38
C ALA F 296 28.05 -4.90 13.53
N VAL F 297 27.45 -4.50 14.64
CA VAL F 297 27.45 -5.28 15.87
C VAL F 297 26.08 -5.95 16.01
N LEU F 298 26.06 -7.27 16.10
CA LEU F 298 24.82 -8.00 16.32
C LEU F 298 24.39 -7.91 17.78
N GLU F 299 23.18 -7.43 18.03
CA GLU F 299 22.53 -7.50 19.32
C GLU F 299 21.32 -8.41 19.18
N TRP F 300 21.42 -9.62 19.72
CA TRP F 300 20.42 -10.65 19.45
C TRP F 300 19.33 -10.69 20.50
N GLU F 301 18.10 -10.85 20.03
CA GLU F 301 16.93 -11.03 20.90
C GLU F 301 15.76 -11.51 20.06
N CYS F 302 15.10 -12.59 20.50
CA CYS F 302 13.96 -13.12 19.78
C CYS F 302 12.97 -13.70 20.78
N ALA F 303 11.68 -13.62 20.42
CA ALA F 303 10.63 -14.17 21.27
C ALA F 303 10.46 -15.67 21.11
N LEU F 304 11.02 -16.26 20.06
CA LEU F 304 10.76 -17.66 19.74
C LEU F 304 12.03 -18.49 19.61
N LYS F 305 13.05 -17.98 18.93
CA LYS F 305 14.18 -18.79 18.51
C LYS F 305 15.13 -19.09 19.66
N HIS F 306 15.78 -20.24 19.57
CA HIS F 306 16.77 -20.65 20.57
C HIS F 306 18.02 -19.77 20.46
N PRO F 307 18.62 -19.38 21.59
CA PRO F 307 19.74 -18.42 21.53
C PRO F 307 20.97 -18.91 20.78
N GLU F 308 21.23 -20.22 20.76
CA GLU F 308 22.36 -20.72 19.99
C GLU F 308 22.15 -20.52 18.49
N ASP F 309 21.01 -20.98 17.97
CA ASP F 309 20.73 -20.86 16.55
C ASP F 309 20.82 -19.41 16.09
N GLY F 310 20.35 -18.48 16.92
CA GLY F 310 20.44 -17.07 16.56
C GLY F 310 21.88 -16.58 16.46
N ALA F 311 22.72 -16.98 17.41
CA ALA F 311 24.12 -16.57 17.39
C ALA F 311 24.88 -17.16 16.20
N ARG F 312 24.51 -18.37 15.78
CA ARG F 312 25.20 -18.99 14.65
C ARG F 312 24.82 -18.34 13.33
N GLU F 313 23.52 -18.09 13.12
CA GLU F 313 23.07 -17.51 11.86
C GLU F 313 23.40 -16.03 11.73
N GLY F 314 23.63 -15.34 12.85
CA GLY F 314 23.85 -13.90 12.78
C GLY F 314 25.10 -13.53 11.99
N ALA F 315 26.17 -14.31 12.13
CA ALA F 315 27.42 -13.98 11.45
C ALA F 315 27.27 -14.04 9.93
N GLY F 316 26.61 -15.09 9.42
CA GLY F 316 26.41 -15.19 7.99
C GLY F 316 25.48 -14.12 7.44
N PHE F 317 24.46 -13.76 8.22
CA PHE F 317 23.51 -12.73 7.79
C PHE F 317 24.21 -11.39 7.54
N ILE F 318 25.09 -10.99 8.47
CA ILE F 318 25.77 -9.70 8.34
C ILE F 318 26.71 -9.69 7.14
N GLU F 319 27.39 -10.80 6.87
CA GLU F 319 28.35 -10.86 5.77
C GLU F 319 27.67 -10.58 4.44
N ASN F 320 26.48 -11.13 4.23
CA ASN F 320 25.74 -10.95 2.99
C ASN F 320 25.30 -9.50 2.76
N HIS F 321 25.21 -8.69 3.81
CA HIS F 321 24.74 -7.32 3.65
C HIS F 321 25.87 -6.29 3.61
N ILE F 322 27.09 -6.67 3.99
CA ILE F 322 28.21 -5.75 3.86
C ILE F 322 28.55 -5.58 2.38
N ILE F 323 28.76 -4.34 1.97
CA ILE F 323 29.04 -4.00 0.57
C ILE F 323 30.51 -3.62 0.48
N ARG F 324 31.25 -4.34 -0.35
CA ARG F 324 32.63 -3.96 -0.64
C ARG F 324 32.64 -2.86 -1.70
N VAL F 325 33.20 -1.71 -1.34
CA VAL F 325 33.24 -0.54 -2.21
C VAL F 325 34.45 -0.60 -3.12
N THR F 326 34.50 0.28 -4.12
CA THR F 326 35.57 0.28 -5.10
C THR F 326 36.88 0.73 -4.47
N GLY F 337 40.89 17.09 -15.04
CA GLY F 337 40.78 18.38 -15.69
C GLY F 337 39.39 18.66 -16.23
N THR F 338 39.13 19.93 -16.54
CA THR F 338 37.83 20.38 -17.04
C THR F 338 38.04 21.21 -18.30
N ASP F 339 37.39 20.80 -19.39
CA ASP F 339 37.47 21.48 -20.69
C ASP F 339 36.39 22.56 -20.75
N ASP F 340 36.60 23.62 -19.96
CA ASP F 340 35.69 24.76 -19.95
C ASP F 340 35.19 25.13 -21.35
N ALA F 341 36.09 25.18 -22.33
CA ALA F 341 35.71 25.60 -23.68
C ALA F 341 34.62 24.69 -24.25
N ALA F 342 34.79 23.38 -24.10
CA ALA F 342 33.76 22.45 -24.54
C ALA F 342 32.47 22.63 -23.75
N ASN F 343 32.60 22.79 -22.42
CA ASN F 343 31.41 23.00 -21.59
C ASN F 343 30.68 24.27 -21.97
N ARG F 344 31.42 25.32 -22.35
CA ARG F 344 30.77 26.57 -22.76
C ARG F 344 30.03 26.43 -24.08
N ARG F 345 30.52 25.57 -24.98
CA ARG F 345 29.82 25.37 -26.25
C ARG F 345 28.55 24.56 -26.05
N LEU F 346 28.59 23.54 -25.18
CA LEU F 346 27.39 22.73 -24.94
C LEU F 346 26.26 23.54 -24.34
N LEU F 347 26.58 24.52 -23.51
CA LEU F 347 25.58 25.39 -22.90
C LEU F 347 25.21 26.57 -23.78
N GLY F 348 25.82 26.72 -24.95
CA GLY F 348 25.57 27.85 -25.82
C GLY F 348 26.34 29.10 -25.46
N LEU F 349 26.45 29.39 -24.17
CA LEU F 349 27.22 30.54 -23.71
C LEU F 349 27.50 30.40 -22.21
#